data_8YTX
#
_entry.id   8YTX
#
_cell.length_a   105.370
_cell.length_b   158.307
_cell.length_c   180.655
_cell.angle_alpha   90.00
_cell.angle_beta   90.00
_cell.angle_gamma   90.00
#
_symmetry.space_group_name_H-M   'P 21 21 21'
#
loop_
_entity.id
_entity.type
_entity.pdbx_description
1 polymer 'Detyrosinated tubulin alpha-1B chain'
2 polymer 'Tubulin beta chain'
3 polymer Stathmin-4
4 polymer 'Tubulin--tyrosine ligase'
5 non-polymer "GUANOSINE-5'-TRIPHOSPHATE"
6 non-polymer 'CALCIUM ION'
7 non-polymer 'MAGNESIUM ION'
8 non-polymer "GUANOSINE-5'-DIPHOSPHATE"
9 non-polymer '2-(N-MORPHOLINO)-ETHANESULFONIC ACID'
10 non-polymer 2-chloranyl-~{N}-(4-methoxyphenyl)-~{N}-methyl-thieno[2,3-d]pyrimidin-4-amine
11 non-polymer 'PHOSPHOMETHYLPHOSPHONIC ACID ADENYLATE ESTER'
12 water water
#
loop_
_entity_poly.entity_id
_entity_poly.type
_entity_poly.pdbx_seq_one_letter_code
_entity_poly.pdbx_strand_id
1 'polypeptide(L)'
;MRECISIHVGQAGVQIGNACWELYCLEHGIQPDGQMPSDKTIGGGDDSFNTFFSETGAGKHVPRAVFVDLEPTVIDEVRT
GTYRQLFHPEQLITGKEDAANNYARGHYTIGKEIIDLVLDRIRKLADQCTGLQGFLVFHSFGGGTGSGFTSLLMERLSVD
YGKKSKLEFSIYPAPQVSTAVVEPYNSILTTHTTLEHSDCAFMVDNEAIYDICRRNLDIERPTYTNLNRLISQIVSSITA
SLRFDGALNVDLTEFQTNLVPYPRIHFPLATYAPVISAEKAYHEQLSVAEITNACFEPANQMVKCDPRHGKYMACCLLYR
GDVVPKDVNAAIATIKTKRSIQFVDWCPTGFKVGINYQPPTVVPGGDLAKVQRAVCMLSNTTAIAEAWARLDHKFDLMYA
KRAFVHWYVGEGMEEGEFSEAREDMAALEKDYEEVGVDSV
;
A,C
2 'polypeptide(L)'
;MREIVHIQAGQCGNQIGAKFWEVISDEHGIDPTGSYHGDSDLQLERINVYYNEATGNKYVPRAILVDLEPGTMDSVRSGP
FGQIFRPDNFVFGQSGAGNNWAKGHYTEGAELVDSVLDVVRKESESCDCLQGFQLTHSLGGGTGSGMGTLLISKIREEYP
DRIMNTFSVMPSPKVSDTVVEPYNATLSVHQLVENTDETYCIDNEALYDICFRTLKLTTPTYGDLNHLVSATMSGVTTCL
RFPGQLNADLRKLAVNMVPFPRLHFFMPGFAPLTSRGSQQYRALTVPELTQQMFDSKNMMAACDPRHGRYLTVAAIFRGR
MSMKEVDEQMLNVQNKNSSYFVEWIPNNVKTAVCDIPPRGLKMSATFIGNSTAIQELFKRISEQFTAMFRRKAFLHWYTG
EGMDEMEFTEAESNMNDLVSEYQQYQDATAD
;
B,D
3 'polypeptide(L)'
;MADMEVIELNKCTSGQSFEVILKPPSFDGVPEFNASLPRRRDPSLEEIQKKLEAAEERRKYQEAELLKHLAEKREHEREV
IQKAIEENNNFIKMAKEKLAQKMESNKENREAHLAAMLERLQEKDKHAEEVRKNKELKEEASR
;
E
4 'polypeptide(L)'
;MYTFVVRDENSSVYAEVSRLLLATGQWKRLRKDNPRFNLMLGERNRLPFGRLGHEPGLVQLVNYYRGADKLCRKASLVKL
IKTSPELSESCTWFPESYVIYPTNLKTPVAPAQNGIRHLINNTRTDEREVFLAAYNRRREGREGNVWIAKSSAGAKGEGI
LISSEASELLDFIDEQGQVHVIQKYLEKPLLLEPGHRKFDIRSWVLVDHLYNIYLYREGVLRTSSEPYNSANFQDKTCHL
TNHCIQKEYSKNYGRYEEGNEMFFEEFNQYLMDALNTTLENSILLQIKHIIRSCLMCIEPAISTKHLHYQSFQLFGFDFM
VDEELKVWLIEVNGAPACAQKLYAELCQGIVDVAISSVFPLADTGQKTSQPTSIFIKLHH
;
F
#
loop_
_chem_comp.id
_chem_comp.type
_chem_comp.name
_chem_comp.formula
A1D68 non-polymer 2-chloranyl-~{N}-(4-methoxyphenyl)-~{N}-methyl-thieno[2,3-d]pyrimidin-4-amine 'C14 H12 Cl N3 O S'
ACP non-polymer 'PHOSPHOMETHYLPHOSPHONIC ACID ADENYLATE ESTER' 'C11 H18 N5 O12 P3'
CA non-polymer 'CALCIUM ION' 'Ca 2'
GDP RNA linking GUANOSINE-5'-DIPHOSPHATE 'C10 H15 N5 O11 P2'
GTP non-polymer GUANOSINE-5'-TRIPHOSPHATE 'C10 H16 N5 O14 P3'
MES non-polymer '2-(N-MORPHOLINO)-ETHANESULFONIC ACID' 'C6 H13 N O4 S'
MG non-polymer 'MAGNESIUM ION' 'Mg 2'
#
# COMPACT_ATOMS: atom_id res chain seq x y z
N MET A 1 -35.58 -65.76 3.86
CA MET A 1 -35.19 -64.38 4.22
C MET A 1 -33.81 -64.01 3.66
N ARG A 2 -33.75 -62.86 2.99
CA ARG A 2 -32.53 -62.29 2.45
C ARG A 2 -32.32 -60.89 3.04
N GLU A 3 -31.08 -60.61 3.46
CA GLU A 3 -30.70 -59.39 4.17
C GLU A 3 -30.48 -58.23 3.21
N CYS A 4 -30.62 -57.00 3.75
CA CYS A 4 -30.35 -55.75 3.04
C CYS A 4 -29.41 -54.90 3.87
N ILE A 5 -28.36 -54.39 3.24
CA ILE A 5 -27.40 -53.51 3.89
C ILE A 5 -27.65 -52.08 3.44
N SER A 6 -27.82 -51.19 4.41
CA SER A 6 -28.02 -49.76 4.17
C SER A 6 -26.70 -49.03 4.31
N ILE A 7 -26.40 -48.15 3.33
CA ILE A 7 -25.16 -47.38 3.30
C ILE A 7 -25.53 -45.90 3.23
N HIS A 8 -25.05 -45.11 4.18
CA HIS A 8 -25.37 -43.68 4.29
C HIS A 8 -24.09 -42.85 4.08
N VAL A 9 -24.11 -41.96 3.08
CA VAL A 9 -22.89 -41.29 2.62
C VAL A 9 -23.06 -39.77 2.71
N GLY A 10 -22.14 -39.12 3.44
CA GLY A 10 -22.15 -37.68 3.57
C GLY A 10 -23.16 -37.17 4.59
N GLN A 11 -23.22 -35.85 4.70
CA GLN A 11 -24.08 -35.26 5.73
C GLN A 11 -25.55 -35.62 5.52
N ALA A 12 -26.10 -35.35 4.33
CA ALA A 12 -27.51 -35.68 4.09
C ALA A 12 -27.79 -37.16 4.35
N GLY A 13 -26.94 -38.02 3.81
CA GLY A 13 -27.23 -39.45 3.90
C GLY A 13 -27.23 -39.96 5.32
N VAL A 14 -26.27 -39.49 6.13
CA VAL A 14 -26.17 -39.89 7.53
C VAL A 14 -27.37 -39.36 8.33
N GLN A 15 -27.66 -38.06 8.21
CA GLN A 15 -28.72 -37.49 9.02
C GLN A 15 -30.08 -38.07 8.63
N ILE A 16 -30.29 -38.32 7.33
CA ILE A 16 -31.47 -39.04 6.89
C ILE A 16 -31.44 -40.49 7.36
N GLY A 17 -30.24 -41.11 7.38
CA GLY A 17 -30.15 -42.47 7.89
C GLY A 17 -30.54 -42.57 9.35
N ASN A 18 -30.16 -41.58 10.15
CA ASN A 18 -30.58 -41.57 11.56
C ASN A 18 -32.08 -41.46 11.72
N ALA A 19 -32.72 -40.58 10.95
CA ALA A 19 -34.17 -40.49 11.00
C ALA A 19 -34.80 -41.84 10.69
N CYS A 20 -34.33 -42.51 9.63
CA CYS A 20 -34.96 -43.77 9.22
C CYS A 20 -34.78 -44.84 10.28
N TRP A 21 -33.56 -44.98 10.80
CA TRP A 21 -33.33 -46.03 11.77
C TRP A 21 -34.07 -45.75 13.07
N GLU A 22 -34.19 -44.48 13.48
CA GLU A 22 -35.04 -44.19 14.63
C GLU A 22 -36.47 -44.67 14.37
N LEU A 23 -37.02 -44.35 13.20
CA LEU A 23 -38.37 -44.77 12.85
C LEU A 23 -38.50 -46.29 12.77
N TYR A 24 -37.55 -46.94 12.09
CA TYR A 24 -37.54 -48.40 12.02
C TYR A 24 -37.59 -49.04 13.41
N CYS A 25 -36.82 -48.51 14.37
CA CYS A 25 -36.85 -49.06 15.72
C CYS A 25 -38.24 -48.90 16.34
N LEU A 26 -38.86 -47.73 16.16
CA LEU A 26 -40.19 -47.53 16.72
C LEU A 26 -41.21 -48.49 16.10
N GLU A 27 -41.16 -48.68 14.78
CA GLU A 27 -42.16 -49.51 14.13
C GLU A 27 -42.01 -50.97 14.54
N HIS A 28 -40.79 -51.42 14.82
CA HIS A 28 -40.53 -52.82 15.14
C HIS A 28 -40.43 -53.09 16.64
N GLY A 29 -40.62 -52.08 17.48
CA GLY A 29 -40.50 -52.25 18.92
C GLY A 29 -39.08 -52.55 19.40
N ILE A 30 -38.07 -51.97 18.75
CA ILE A 30 -36.68 -52.07 19.17
C ILE A 30 -36.30 -50.78 19.88
N GLN A 31 -35.82 -50.91 21.11
CA GLN A 31 -35.47 -49.75 21.94
C GLN A 31 -34.06 -49.27 21.63
N PRO A 32 -33.70 -48.09 22.15
CA PRO A 32 -32.38 -47.52 21.82
C PRO A 32 -31.22 -48.38 22.23
N ASP A 33 -31.41 -49.34 23.14
CA ASP A 33 -30.30 -50.22 23.46
C ASP A 33 -30.18 -51.39 22.50
N GLY A 34 -31.11 -51.55 21.57
CA GLY A 34 -31.10 -52.65 20.64
C GLY A 34 -31.91 -53.85 21.08
N GLN A 35 -32.51 -53.80 22.28
CA GLN A 35 -33.34 -54.90 22.77
C GLN A 35 -34.72 -54.86 22.13
N MET A 36 -35.24 -56.05 21.80
CA MET A 36 -36.55 -56.21 21.17
C MET A 36 -37.40 -57.23 21.93
N PRO A 37 -38.20 -56.77 22.92
CA PRO A 37 -38.97 -57.72 23.75
C PRO A 37 -39.85 -58.67 22.94
N SER A 38 -40.24 -58.28 21.74
CA SER A 38 -41.15 -59.11 20.95
C SER A 38 -40.45 -60.23 20.17
N ASP A 39 -39.11 -60.17 20.00
CA ASP A 39 -38.38 -61.26 19.34
C ASP A 39 -38.24 -62.39 20.35
N LYS A 40 -39.06 -63.43 20.21
CA LYS A 40 -38.92 -64.57 21.11
C LYS A 40 -37.76 -65.50 20.70
N THR A 41 -37.27 -65.39 19.47
CA THR A 41 -36.08 -66.12 19.03
C THR A 41 -34.86 -65.28 19.39
N ILE A 42 -34.34 -65.50 20.60
CA ILE A 42 -33.19 -64.75 21.07
C ILE A 42 -31.94 -65.20 20.33
N GLY A 43 -31.16 -64.24 19.85
CA GLY A 43 -29.90 -64.56 19.20
C GLY A 43 -29.99 -64.82 17.72
N GLY A 44 -31.19 -64.99 17.17
CA GLY A 44 -31.30 -65.20 15.75
C GLY A 44 -32.73 -65.15 15.24
N GLY A 45 -32.90 -65.67 14.03
CA GLY A 45 -34.20 -65.74 13.39
C GLY A 45 -34.11 -65.30 11.95
N ASP A 46 -35.03 -65.83 11.13
CA ASP A 46 -35.17 -65.43 9.74
C ASP A 46 -36.51 -64.71 9.53
N ASP A 47 -36.91 -63.88 10.50
CA ASP A 47 -38.09 -63.03 10.37
C ASP A 47 -37.81 -61.88 9.41
N SER A 48 -38.88 -61.22 8.97
CA SER A 48 -38.77 -60.14 8.00
C SER A 48 -37.90 -58.99 8.49
N PHE A 49 -38.05 -58.57 9.76
CA PHE A 49 -37.24 -57.46 10.23
C PHE A 49 -35.75 -57.79 10.26
N ASN A 50 -35.38 -59.08 10.18
CA ASN A 50 -33.98 -59.47 10.13
C ASN A 50 -33.36 -59.13 8.79
N THR A 51 -34.18 -58.72 7.82
CA THR A 51 -33.65 -58.16 6.60
C THR A 51 -32.85 -56.91 6.91
N PHE A 52 -33.23 -56.18 7.95
CA PHE A 52 -32.59 -54.93 8.31
C PHE A 52 -31.83 -54.97 9.62
N PHE A 53 -32.12 -55.94 10.51
CA PHE A 53 -31.43 -56.09 11.79
C PHE A 53 -30.81 -57.46 11.93
N SER A 54 -29.54 -57.51 12.30
CA SER A 54 -28.95 -58.74 12.82
C SER A 54 -29.18 -58.80 14.33
N GLU A 55 -29.06 -60.01 14.88
CA GLU A 55 -29.27 -60.25 16.30
C GLU A 55 -27.98 -60.77 16.92
N THR A 56 -27.63 -60.24 18.09
CA THR A 56 -26.50 -60.76 18.84
C THR A 56 -26.97 -61.88 19.76
N GLY A 57 -26.00 -62.67 20.25
CA GLY A 57 -26.32 -63.73 21.19
C GLY A 57 -27.01 -63.16 22.42
N ALA A 58 -26.64 -61.95 22.81
CA ALA A 58 -27.22 -61.22 23.92
C ALA A 58 -28.54 -60.55 23.58
N GLY A 59 -29.17 -60.90 22.45
CA GLY A 59 -30.50 -60.39 22.16
C GLY A 59 -30.57 -58.98 21.59
N LYS A 60 -29.44 -58.40 21.19
CA LYS A 60 -29.41 -57.06 20.63
C LYS A 60 -29.68 -57.07 19.13
N HIS A 61 -30.51 -56.15 18.67
CA HIS A 61 -30.81 -55.99 17.25
C HIS A 61 -30.03 -54.82 16.68
N VAL A 62 -29.13 -55.11 15.76
CA VAL A 62 -28.15 -54.15 15.25
C VAL A 62 -28.47 -53.85 13.79
N PRO A 63 -28.65 -52.60 13.42
CA PRO A 63 -28.91 -52.27 12.01
C PRO A 63 -27.84 -52.84 11.08
N ARG A 64 -28.30 -53.34 9.93
CA ARG A 64 -27.39 -53.71 8.84
C ARG A 64 -27.06 -52.43 8.06
N ALA A 65 -26.20 -51.62 8.67
CA ALA A 65 -25.93 -50.28 8.19
C ALA A 65 -24.47 -49.94 8.42
N VAL A 66 -23.91 -49.18 7.49
CA VAL A 66 -22.65 -48.51 7.70
C VAL A 66 -22.87 -47.06 7.35
N PHE A 67 -22.41 -46.17 8.22
CA PHE A 67 -22.45 -44.73 7.99
C PHE A 67 -21.03 -44.30 7.62
N VAL A 68 -20.89 -43.49 6.56
CA VAL A 68 -19.60 -43.08 6.01
C VAL A 68 -19.64 -41.59 5.73
N ASP A 69 -18.67 -40.86 6.25
CA ASP A 69 -18.50 -39.47 5.89
C ASP A 69 -17.02 -39.14 5.87
N LEU A 70 -16.66 -38.15 5.05
CA LEU A 70 -15.27 -37.74 4.92
C LEU A 70 -14.86 -36.72 5.98
N GLU A 71 -15.73 -36.49 6.97
CA GLU A 71 -15.48 -35.60 8.07
C GLU A 71 -16.25 -36.17 9.25
N PRO A 72 -15.78 -35.95 10.48
CA PRO A 72 -16.38 -36.63 11.64
C PRO A 72 -17.55 -35.90 12.31
N THR A 73 -17.77 -34.63 12.00
CA THR A 73 -18.74 -33.84 12.75
C THR A 73 -20.09 -34.53 12.87
N VAL A 74 -20.64 -34.99 11.74
CA VAL A 74 -22.03 -35.45 11.70
C VAL A 74 -22.17 -36.85 12.27
N ILE A 75 -21.25 -37.74 11.93
CA ILE A 75 -21.33 -39.10 12.44
C ILE A 75 -20.97 -39.16 13.91
N ASP A 76 -20.20 -38.18 14.40
CA ASP A 76 -19.95 -38.04 15.84
C ASP A 76 -21.24 -37.82 16.60
N GLU A 77 -22.23 -37.18 15.98
CA GLU A 77 -23.52 -37.02 16.68
C GLU A 77 -24.23 -38.36 16.81
N VAL A 78 -24.08 -39.25 15.83
CA VAL A 78 -24.58 -40.62 15.98
C VAL A 78 -23.84 -41.34 17.10
N ARG A 79 -22.51 -41.15 17.18
CA ARG A 79 -21.70 -41.83 18.19
C ARG A 79 -22.10 -41.43 19.61
N THR A 80 -22.66 -40.24 19.79
CA THR A 80 -23.07 -39.76 21.10
C THR A 80 -24.58 -39.65 21.25
N GLY A 81 -25.35 -39.97 20.21
CA GLY A 81 -26.78 -39.73 20.23
C GLY A 81 -27.57 -40.81 20.96
N THR A 82 -28.89 -40.62 20.99
CA THR A 82 -29.73 -41.52 21.77
C THR A 82 -29.66 -42.97 21.29
N TYR A 83 -29.35 -43.20 20.01
CA TYR A 83 -29.29 -44.55 19.48
C TYR A 83 -27.86 -45.03 19.30
N ARG A 84 -26.92 -44.41 20.02
CA ARG A 84 -25.52 -44.78 19.90
C ARG A 84 -25.31 -46.26 20.14
N GLN A 85 -25.96 -46.82 21.16
CA GLN A 85 -25.71 -48.23 21.49
C GLN A 85 -26.20 -49.16 20.39
N LEU A 86 -27.03 -48.65 19.50
CA LEU A 86 -27.60 -49.46 18.43
C LEU A 86 -26.53 -49.94 17.44
N PHE A 87 -25.59 -49.07 17.10
CA PHE A 87 -24.65 -49.34 16.02
C PHE A 87 -23.31 -49.80 16.59
N HIS A 88 -22.75 -50.83 15.99
CA HIS A 88 -21.40 -51.24 16.36
C HIS A 88 -20.42 -50.14 15.92
N PRO A 89 -19.44 -49.78 16.75
CA PRO A 89 -18.51 -48.71 16.37
C PRO A 89 -17.90 -48.89 14.98
N GLU A 90 -17.66 -50.12 14.53
CA GLU A 90 -17.07 -50.37 13.21
C GLU A 90 -17.95 -49.89 12.06
N GLN A 91 -19.26 -49.71 12.29
CA GLN A 91 -20.17 -49.28 11.25
C GLN A 91 -20.12 -47.78 10.99
N LEU A 92 -19.48 -47.01 11.86
CA LEU A 92 -19.45 -45.57 11.76
C LEU A 92 -18.03 -45.19 11.36
N ILE A 93 -17.84 -44.86 10.08
CA ILE A 93 -16.53 -44.62 9.47
C ILE A 93 -16.39 -43.13 9.20
N THR A 94 -15.26 -42.56 9.62
CA THR A 94 -15.02 -41.13 9.58
C THR A 94 -13.67 -40.80 9.00
N GLY A 95 -13.62 -39.77 8.16
CA GLY A 95 -12.39 -39.17 7.73
C GLY A 95 -12.06 -37.94 8.56
N LYS A 96 -11.11 -37.16 8.06
CA LYS A 96 -10.66 -35.95 8.75
C LYS A 96 -10.89 -34.71 7.92
N GLU A 97 -10.75 -34.82 6.60
CA GLU A 97 -10.91 -33.71 5.67
C GLU A 97 -12.10 -34.01 4.76
N ASP A 98 -13.13 -33.15 4.78
CA ASP A 98 -14.29 -33.50 3.97
C ASP A 98 -13.98 -33.09 2.53
N ALA A 99 -14.98 -33.17 1.67
CA ALA A 99 -14.80 -32.99 0.23
C ALA A 99 -14.90 -31.54 -0.21
N ALA A 100 -15.20 -30.62 0.71
CA ALA A 100 -15.31 -29.20 0.37
C ALA A 100 -16.32 -28.93 -0.76
N ASN A 101 -17.44 -29.63 -0.76
CA ASN A 101 -18.47 -29.39 -1.77
C ASN A 101 -17.99 -29.70 -3.16
N ASN A 102 -16.94 -30.51 -3.27
CA ASN A 102 -16.25 -30.74 -4.54
C ASN A 102 -16.34 -32.22 -4.91
N TYR A 103 -17.12 -32.53 -5.95
CA TYR A 103 -17.23 -33.92 -6.40
C TYR A 103 -15.87 -34.57 -6.61
N ALA A 104 -14.95 -33.86 -7.29
CA ALA A 104 -13.64 -34.43 -7.61
C ALA A 104 -12.84 -34.75 -6.36
N ARG A 105 -13.04 -33.97 -5.30
CA ARG A 105 -12.33 -34.23 -4.06
C ARG A 105 -12.88 -35.47 -3.37
N GLY A 106 -14.21 -35.67 -3.43
CA GLY A 106 -14.80 -36.87 -2.88
C GLY A 106 -14.55 -38.11 -3.69
N HIS A 107 -14.55 -38.00 -5.02
CA HIS A 107 -14.41 -39.18 -5.86
C HIS A 107 -12.96 -39.58 -6.01
N TYR A 108 -12.06 -38.61 -6.24
CA TYR A 108 -10.68 -38.90 -6.60
C TYR A 108 -9.70 -38.69 -5.44
N THR A 109 -9.53 -37.47 -4.94
CA THR A 109 -8.38 -37.27 -4.07
C THR A 109 -8.61 -37.91 -2.71
N ILE A 110 -9.62 -37.43 -1.98
CA ILE A 110 -9.94 -38.00 -0.68
C ILE A 110 -10.63 -39.36 -0.82
N GLY A 111 -11.47 -39.52 -1.84
CA GLY A 111 -12.20 -40.76 -1.95
C GLY A 111 -11.28 -41.95 -2.08
N LYS A 112 -10.25 -41.83 -2.93
CA LYS A 112 -9.38 -42.97 -3.18
C LYS A 112 -8.62 -43.40 -1.92
N GLU A 113 -8.55 -42.55 -0.89
CA GLU A 113 -7.80 -42.93 0.30
C GLU A 113 -8.62 -43.75 1.29
N ILE A 114 -9.93 -43.74 1.18
CA ILE A 114 -10.77 -44.38 2.18
C ILE A 114 -11.67 -45.46 1.59
N ILE A 115 -11.73 -45.57 0.26
CA ILE A 115 -12.63 -46.53 -0.39
C ILE A 115 -12.36 -47.95 0.10
N ASP A 116 -11.07 -48.34 0.14
CA ASP A 116 -10.71 -49.69 0.54
C ASP A 116 -11.17 -50.00 1.96
N LEU A 117 -11.01 -49.05 2.89
CA LEU A 117 -11.50 -49.26 4.26
C LEU A 117 -13.02 -49.48 4.29
N VAL A 118 -13.78 -48.63 3.59
CA VAL A 118 -15.25 -48.73 3.60
C VAL A 118 -15.69 -50.08 3.07
N LEU A 119 -15.13 -50.50 1.93
CA LEU A 119 -15.54 -51.77 1.33
C LEU A 119 -15.23 -52.96 2.24
N ASP A 120 -14.19 -52.88 3.07
CA ASP A 120 -13.96 -53.97 4.02
C ASP A 120 -14.95 -53.96 5.18
N ARG A 121 -15.28 -52.79 5.72
CA ARG A 121 -16.32 -52.72 6.75
C ARG A 121 -17.66 -53.22 6.19
N ILE A 122 -17.96 -52.88 4.94
CA ILE A 122 -19.12 -53.44 4.26
C ILE A 122 -19.00 -54.96 4.13
N ARG A 123 -17.82 -55.45 3.73
CA ARG A 123 -17.62 -56.90 3.61
C ARG A 123 -17.90 -57.61 4.93
N LYS A 124 -17.63 -56.93 6.04
CA LYS A 124 -17.90 -57.50 7.36
C LYS A 124 -19.38 -57.75 7.59
N LEU A 125 -20.26 -56.87 7.09
CA LEU A 125 -21.69 -57.09 7.22
C LEU A 125 -22.19 -58.12 6.21
N ALA A 126 -21.70 -58.05 4.97
CA ALA A 126 -22.06 -59.06 3.99
C ALA A 126 -21.79 -60.46 4.52
N ASP A 127 -20.67 -60.63 5.24
CA ASP A 127 -20.25 -61.94 5.73
C ASP A 127 -21.17 -62.50 6.83
N GLN A 128 -21.96 -61.66 7.50
CA GLN A 128 -22.99 -62.13 8.43
C GLN A 128 -24.34 -62.36 7.74
N CYS A 129 -24.37 -62.31 6.41
CA CYS A 129 -25.62 -62.47 5.66
C CYS A 129 -25.64 -63.86 5.05
N THR A 130 -26.75 -64.57 5.23
CA THR A 130 -26.89 -65.89 4.66
C THR A 130 -27.19 -65.83 3.17
N GLY A 131 -27.99 -64.86 2.75
CA GLY A 131 -28.05 -64.51 1.35
C GLY A 131 -28.25 -63.03 1.16
N LEU A 132 -27.25 -62.35 0.63
CA LEU A 132 -27.29 -60.90 0.53
C LEU A 132 -28.07 -60.52 -0.72
N GLN A 133 -29.12 -59.73 -0.49
CA GLN A 133 -30.00 -59.18 -1.52
C GLN A 133 -29.36 -58.00 -2.23
N GLY A 134 -28.87 -57.04 -1.47
CA GLY A 134 -28.23 -55.88 -2.07
C GLY A 134 -28.22 -54.73 -1.09
N PHE A 135 -28.15 -53.51 -1.65
CA PHE A 135 -27.82 -52.34 -0.86
C PHE A 135 -28.84 -51.22 -1.08
N LEU A 136 -29.10 -50.48 0.00
CA LEU A 136 -29.85 -49.23 -0.04
C LEU A 136 -28.84 -48.14 0.29
N VAL A 137 -28.62 -47.21 -0.66
CA VAL A 137 -27.59 -46.17 -0.56
C VAL A 137 -28.26 -44.81 -0.45
N PHE A 138 -27.98 -44.11 0.65
CA PHE A 138 -28.57 -42.81 0.97
C PHE A 138 -27.51 -41.73 0.83
N HIS A 139 -27.85 -40.63 0.15
CA HIS A 139 -26.83 -39.62 -0.16
C HIS A 139 -27.48 -38.41 -0.82
N SER A 140 -26.78 -37.26 -0.77
CA SER A 140 -27.18 -36.06 -1.49
C SER A 140 -26.53 -36.05 -2.87
N PHE A 141 -27.21 -35.41 -3.83
CA PHE A 141 -26.59 -35.06 -5.11
C PHE A 141 -25.55 -33.94 -4.95
N GLY A 142 -25.76 -33.05 -3.99
CA GLY A 142 -25.08 -31.76 -3.92
C GLY A 142 -23.75 -31.73 -3.17
N GLY A 143 -23.59 -32.58 -2.16
CA GLY A 143 -22.37 -32.57 -1.41
C GLY A 143 -21.21 -33.17 -2.19
N GLY A 144 -20.00 -32.77 -1.79
CA GLY A 144 -18.81 -33.40 -2.34
C GLY A 144 -18.69 -34.86 -1.94
N THR A 145 -19.04 -35.20 -0.70
CA THR A 145 -19.02 -36.61 -0.31
C THR A 145 -20.21 -37.35 -0.90
N GLY A 146 -21.42 -36.83 -0.68
CA GLY A 146 -22.61 -37.49 -1.17
C GLY A 146 -22.55 -37.82 -2.65
N SER A 147 -21.97 -36.92 -3.45
CA SER A 147 -21.91 -37.18 -4.89
C SER A 147 -20.65 -37.93 -5.31
N GLY A 148 -19.48 -37.46 -4.88
CA GLY A 148 -18.20 -37.98 -5.34
C GLY A 148 -17.80 -39.30 -4.74
N PHE A 149 -17.96 -39.44 -3.43
CA PHE A 149 -17.63 -40.72 -2.80
C PHE A 149 -18.68 -41.79 -3.11
N THR A 150 -19.94 -41.41 -3.16
CA THR A 150 -21.00 -42.36 -3.47
C THR A 150 -20.77 -43.01 -4.82
N SER A 151 -20.42 -42.23 -5.83
CA SER A 151 -20.27 -42.82 -7.16
C SER A 151 -19.04 -43.73 -7.21
N LEU A 152 -17.97 -43.35 -6.50
CA LEU A 152 -16.84 -44.26 -6.37
C LEU A 152 -17.25 -45.56 -5.67
N LEU A 153 -18.05 -45.46 -4.62
CA LEU A 153 -18.50 -46.65 -3.91
C LEU A 153 -19.41 -47.51 -4.79
N MET A 154 -20.32 -46.88 -5.55
CA MET A 154 -21.24 -47.62 -6.42
C MET A 154 -20.50 -48.41 -7.50
N GLU A 155 -19.41 -47.85 -8.05
CA GLU A 155 -18.61 -48.61 -8.99
C GLU A 155 -18.04 -49.87 -8.35
N ARG A 156 -17.43 -49.72 -7.16
CA ARG A 156 -16.81 -50.87 -6.50
C ARG A 156 -17.85 -51.90 -6.09
N LEU A 157 -19.02 -51.46 -5.64
CA LEU A 157 -20.04 -52.43 -5.27
C LEU A 157 -20.42 -53.27 -6.47
N SER A 158 -20.50 -52.67 -7.67
CA SER A 158 -20.79 -53.44 -8.86
C SER A 158 -19.70 -54.47 -9.15
N VAL A 159 -18.44 -54.11 -8.86
CA VAL A 159 -17.35 -55.05 -9.08
C VAL A 159 -17.37 -56.14 -8.02
N ASP A 160 -17.46 -55.76 -6.75
CA ASP A 160 -17.35 -56.73 -5.65
C ASP A 160 -18.64 -57.50 -5.38
N TYR A 161 -19.80 -56.98 -5.81
CA TYR A 161 -21.11 -57.62 -5.60
C TYR A 161 -21.94 -57.62 -6.89
N GLY A 162 -21.36 -58.07 -7.98
CA GLY A 162 -22.02 -58.09 -9.27
C GLY A 162 -23.48 -58.53 -9.36
N LYS A 163 -23.85 -59.60 -8.66
CA LYS A 163 -25.20 -60.13 -8.80
C LYS A 163 -26.22 -59.43 -7.89
N LYS A 164 -25.83 -58.36 -7.19
CA LYS A 164 -26.64 -57.82 -6.10
C LYS A 164 -27.25 -56.48 -6.47
N SER A 165 -28.51 -56.29 -6.08
CA SER A 165 -29.25 -55.07 -6.38
C SER A 165 -28.78 -53.88 -5.55
N LYS A 166 -28.77 -52.72 -6.19
CA LYS A 166 -28.39 -51.46 -5.54
C LYS A 166 -29.51 -50.46 -5.77
N LEU A 167 -30.05 -49.92 -4.68
CA LEU A 167 -31.10 -48.92 -4.75
C LEU A 167 -30.62 -47.63 -4.08
N GLU A 168 -31.19 -46.51 -4.52
CA GLU A 168 -30.71 -45.19 -4.09
C GLU A 168 -31.85 -44.37 -3.51
N PHE A 169 -31.53 -43.63 -2.45
CA PHE A 169 -32.36 -42.54 -1.95
C PHE A 169 -31.51 -41.28 -2.06
N SER A 170 -31.86 -40.41 -3.00
CA SER A 170 -31.03 -39.32 -3.46
C SER A 170 -31.69 -37.98 -3.18
N ILE A 171 -30.97 -37.07 -2.51
CA ILE A 171 -31.52 -35.75 -2.19
C ILE A 171 -31.13 -34.80 -3.31
N TYR A 172 -32.11 -34.42 -4.11
CA TYR A 172 -31.93 -33.50 -5.22
C TYR A 172 -31.78 -32.06 -4.67
N PRO A 173 -30.93 -31.23 -5.26
CA PRO A 173 -30.56 -29.95 -4.63
C PRO A 173 -31.59 -28.84 -4.78
N ALA A 174 -31.83 -28.11 -3.71
CA ALA A 174 -32.75 -26.97 -3.73
C ALA A 174 -32.09 -25.73 -3.13
N PRO A 175 -32.25 -24.56 -3.76
CA PRO A 175 -31.57 -23.35 -3.24
C PRO A 175 -32.01 -22.92 -1.85
N GLN A 176 -33.27 -23.12 -1.45
CA GLN A 176 -33.69 -22.68 -0.12
C GLN A 176 -32.81 -23.26 0.98
N VAL A 177 -32.23 -24.44 0.76
CA VAL A 177 -31.51 -25.10 1.84
C VAL A 177 -30.14 -25.58 1.38
N SER A 178 -29.71 -25.21 0.20
CA SER A 178 -28.44 -25.71 -0.31
C SER A 178 -27.27 -25.07 0.44
N THR A 179 -26.11 -25.71 0.30
CA THR A 179 -24.91 -25.26 0.97
C THR A 179 -23.85 -24.74 0.02
N ALA A 180 -24.03 -24.93 -1.29
CA ALA A 180 -22.97 -24.67 -2.24
C ALA A 180 -23.58 -24.19 -3.57
N VAL A 181 -22.82 -23.35 -4.27
CA VAL A 181 -23.22 -22.87 -5.61
C VAL A 181 -22.98 -23.91 -6.69
N VAL A 182 -22.10 -24.89 -6.42
CA VAL A 182 -21.73 -25.87 -7.41
C VAL A 182 -22.55 -27.16 -7.29
N GLU A 183 -23.64 -27.15 -6.53
CA GLU A 183 -24.41 -28.40 -6.43
C GLU A 183 -24.85 -28.90 -7.81
N PRO A 184 -25.18 -28.04 -8.78
CA PRO A 184 -25.50 -28.56 -10.12
C PRO A 184 -24.36 -29.33 -10.76
N TYR A 185 -23.10 -28.90 -10.57
CA TYR A 185 -21.98 -29.67 -11.10
C TYR A 185 -21.93 -31.06 -10.48
N ASN A 186 -22.02 -31.13 -9.15
CA ASN A 186 -21.87 -32.42 -8.48
C ASN A 186 -23.02 -33.36 -8.83
N SER A 187 -24.23 -32.82 -8.98
CA SER A 187 -25.39 -33.63 -9.33
C SER A 187 -25.18 -34.35 -10.66
N ILE A 188 -24.83 -33.60 -11.71
CA ILE A 188 -24.63 -34.21 -13.02
C ILE A 188 -23.46 -35.21 -13.00
N LEU A 189 -22.36 -34.83 -12.37
CA LEU A 189 -21.21 -35.74 -12.30
C LEU A 189 -21.58 -37.04 -11.61
N THR A 190 -22.30 -36.96 -10.48
CA THR A 190 -22.59 -38.18 -9.75
C THR A 190 -23.68 -39.00 -10.44
N THR A 191 -24.66 -38.34 -11.07
CA THR A 191 -25.67 -39.07 -11.84
C THR A 191 -25.04 -39.81 -13.01
N HIS A 192 -24.20 -39.13 -13.78
CA HIS A 192 -23.56 -39.75 -14.94
C HIS A 192 -22.78 -40.98 -14.53
N THR A 193 -21.90 -40.84 -13.51
CA THR A 193 -21.02 -41.95 -13.15
C THR A 193 -21.78 -43.11 -12.49
N THR A 194 -22.93 -42.84 -11.84
CA THR A 194 -23.67 -43.85 -11.08
C THR A 194 -24.78 -44.54 -11.87
N LEU A 195 -25.25 -43.93 -12.96
CA LEU A 195 -26.50 -44.36 -13.60
C LEU A 195 -26.52 -45.85 -13.89
N GLU A 196 -25.44 -46.37 -14.45
CA GLU A 196 -25.35 -47.79 -14.77
C GLU A 196 -25.24 -48.71 -13.55
N HIS A 197 -24.85 -48.19 -12.38
CA HIS A 197 -24.62 -49.05 -11.23
C HIS A 197 -25.81 -49.09 -10.30
N SER A 198 -26.88 -48.41 -10.65
CA SER A 198 -28.04 -48.31 -9.79
C SER A 198 -29.22 -48.91 -10.53
N ASP A 199 -29.97 -49.76 -9.85
CA ASP A 199 -31.13 -50.40 -10.46
C ASP A 199 -32.41 -49.58 -10.28
N CYS A 200 -32.47 -48.76 -9.23
CA CYS A 200 -33.68 -48.01 -8.95
C CYS A 200 -33.29 -46.89 -8.00
N ALA A 201 -33.80 -45.68 -8.25
CA ALA A 201 -33.38 -44.53 -7.47
C ALA A 201 -34.60 -43.68 -7.17
N PHE A 202 -34.86 -43.46 -5.88
CA PHE A 202 -35.94 -42.59 -5.45
C PHE A 202 -35.36 -41.21 -5.15
N MET A 203 -35.62 -40.25 -6.02
CA MET A 203 -35.18 -38.88 -5.80
C MET A 203 -36.12 -38.11 -4.89
N VAL A 204 -35.55 -37.33 -3.97
CA VAL A 204 -36.35 -36.44 -3.15
C VAL A 204 -35.80 -35.04 -3.32
N ASP A 205 -36.62 -34.16 -3.89
CA ASP A 205 -36.24 -32.76 -4.07
C ASP A 205 -36.49 -32.00 -2.78
N ASN A 206 -35.42 -31.42 -2.21
CA ASN A 206 -35.54 -30.65 -0.97
C ASN A 206 -36.54 -29.50 -1.12
N GLU A 207 -36.72 -28.99 -2.34
CA GLU A 207 -37.74 -27.97 -2.54
C GLU A 207 -39.13 -28.52 -2.23
N ALA A 208 -39.43 -29.74 -2.67
CA ALA A 208 -40.75 -30.33 -2.38
C ALA A 208 -40.92 -30.57 -0.89
N ILE A 209 -39.95 -31.23 -0.26
CA ILE A 209 -40.07 -31.51 1.16
C ILE A 209 -40.24 -30.24 1.95
N TYR A 210 -39.56 -29.18 1.48
CA TYR A 210 -39.56 -27.93 2.20
C TYR A 210 -40.95 -27.29 2.18
N ASP A 211 -41.55 -27.20 0.98
CA ASP A 211 -42.88 -26.62 0.86
C ASP A 211 -43.93 -27.48 1.57
N ILE A 212 -43.80 -28.79 1.54
CA ILE A 212 -44.78 -29.60 2.25
C ILE A 212 -44.72 -29.28 3.74
N CYS A 213 -43.51 -29.09 4.26
CA CYS A 213 -43.35 -28.72 5.67
C CYS A 213 -43.96 -27.35 5.96
N ARG A 214 -43.84 -26.40 5.02
CA ARG A 214 -44.42 -25.07 5.25
C ARG A 214 -45.94 -25.09 5.12
N ARG A 215 -46.44 -25.70 4.06
CA ARG A 215 -47.87 -25.70 3.76
C ARG A 215 -48.67 -26.56 4.72
N ASN A 216 -48.24 -27.79 4.96
CA ASN A 216 -49.03 -28.79 5.68
C ASN A 216 -48.61 -28.97 7.14
N LEU A 217 -47.40 -28.59 7.51
CA LEU A 217 -46.93 -28.72 8.88
C LEU A 217 -46.82 -27.38 9.57
N ASP A 218 -47.08 -26.29 8.85
CA ASP A 218 -47.07 -24.93 9.39
C ASP A 218 -45.74 -24.61 10.02
N ILE A 219 -44.68 -25.20 9.49
CA ILE A 219 -43.33 -24.86 9.92
C ILE A 219 -42.87 -23.68 9.07
N GLU A 220 -42.59 -22.56 9.73
CA GLU A 220 -42.31 -21.31 9.04
C GLU A 220 -41.02 -21.40 8.23
N ARG A 221 -39.96 -21.94 8.83
CA ARG A 221 -38.72 -22.21 8.10
C ARG A 221 -38.19 -23.58 8.50
N PRO A 222 -38.56 -24.63 7.74
CA PRO A 222 -38.15 -25.99 8.11
C PRO A 222 -36.63 -26.15 8.17
N THR A 223 -36.19 -26.92 9.16
CA THR A 223 -34.79 -27.29 9.31
C THR A 223 -34.56 -28.67 8.70
N TYR A 224 -33.29 -29.09 8.70
CA TYR A 224 -32.99 -30.47 8.29
C TYR A 224 -33.75 -31.47 9.16
N THR A 225 -33.99 -31.17 10.43
CA THR A 225 -34.75 -32.15 11.22
C THR A 225 -36.18 -32.27 10.73
N ASN A 226 -36.84 -31.15 10.44
CA ASN A 226 -38.19 -31.22 9.88
C ASN A 226 -38.20 -32.06 8.62
N LEU A 227 -37.29 -31.78 7.67
CA LEU A 227 -37.30 -32.50 6.40
C LEU A 227 -37.05 -33.99 6.60
N ASN A 228 -36.11 -34.34 7.49
CA ASN A 228 -35.69 -35.73 7.57
C ASN A 228 -36.74 -36.61 8.20
N ARG A 229 -37.52 -36.07 9.15
CA ARG A 229 -38.63 -36.84 9.69
C ARG A 229 -39.71 -37.09 8.64
N LEU A 230 -40.00 -36.10 7.81
CA LEU A 230 -40.95 -36.34 6.75
C LEU A 230 -40.36 -37.29 5.72
N ILE A 231 -39.10 -37.07 5.33
CA ILE A 231 -38.45 -37.97 4.38
C ILE A 231 -38.37 -39.39 4.91
N SER A 232 -38.15 -39.56 6.23
CA SER A 232 -38.01 -40.92 6.74
C SER A 232 -39.35 -41.64 6.80
N GLN A 233 -40.47 -40.92 7.00
CA GLN A 233 -41.77 -41.55 6.83
C GLN A 233 -41.93 -42.12 5.42
N ILE A 234 -41.48 -41.37 4.40
CA ILE A 234 -41.63 -41.85 3.02
C ILE A 234 -40.73 -43.04 2.76
N VAL A 235 -39.45 -42.97 3.18
CA VAL A 235 -38.56 -44.10 3.01
C VAL A 235 -39.10 -45.34 3.74
N SER A 236 -39.64 -45.14 4.93
CA SER A 236 -40.25 -46.26 5.64
C SER A 236 -41.41 -46.84 4.83
N SER A 237 -42.22 -45.99 4.17
CA SER A 237 -43.28 -46.54 3.33
C SER A 237 -42.69 -47.40 2.23
N ILE A 238 -41.60 -46.94 1.64
CA ILE A 238 -41.02 -47.64 0.51
C ILE A 238 -40.39 -48.96 0.95
N THR A 239 -39.76 -48.99 2.13
CA THR A 239 -39.07 -50.21 2.59
C THR A 239 -39.94 -51.15 3.43
N ALA A 240 -41.18 -50.79 3.76
CA ALA A 240 -41.98 -51.61 4.66
C ALA A 240 -42.19 -53.02 4.12
N SER A 241 -42.24 -53.17 2.80
CA SER A 241 -42.44 -54.50 2.22
C SER A 241 -41.25 -55.42 2.44
N LEU A 242 -40.04 -54.86 2.62
CA LEU A 242 -38.86 -55.66 2.92
C LEU A 242 -38.77 -56.04 4.39
N ARG A 243 -39.38 -55.27 5.29
CA ARG A 243 -39.25 -55.52 6.72
C ARG A 243 -40.49 -56.21 7.33
N PHE A 244 -41.60 -56.28 6.60
CA PHE A 244 -42.85 -56.84 7.13
C PHE A 244 -43.33 -57.96 6.21
N ASP A 245 -44.29 -58.74 6.70
CA ASP A 245 -44.86 -59.85 5.94
C ASP A 245 -45.78 -59.30 4.85
N GLY A 246 -45.72 -59.92 3.67
CA GLY A 246 -46.54 -59.50 2.55
C GLY A 246 -46.05 -60.14 1.26
N ALA A 247 -46.72 -59.78 0.17
CA ALA A 247 -46.44 -60.40 -1.12
C ALA A 247 -46.04 -59.40 -2.20
N LEU A 248 -45.98 -58.11 -1.89
CA LEU A 248 -45.60 -57.08 -2.85
C LEU A 248 -44.29 -56.40 -2.47
N ASN A 249 -43.37 -56.30 -3.44
CA ASN A 249 -42.03 -55.76 -3.25
C ASN A 249 -41.33 -56.38 -2.04
N VAL A 250 -41.26 -57.72 -2.04
CA VAL A 250 -40.63 -58.43 -0.93
C VAL A 250 -39.12 -58.51 -1.06
N ASP A 251 -38.56 -58.35 -2.27
CA ASP A 251 -37.11 -58.25 -2.42
C ASP A 251 -36.78 -57.14 -3.39
N LEU A 252 -35.49 -56.75 -3.39
CA LEU A 252 -35.02 -55.59 -4.16
C LEU A 252 -35.22 -55.76 -5.66
N THR A 253 -35.15 -57.00 -6.14
CA THR A 253 -35.38 -57.28 -7.56
C THR A 253 -36.79 -56.93 -7.99
N GLU A 254 -37.76 -57.09 -7.08
CA GLU A 254 -39.14 -56.75 -7.40
C GLU A 254 -39.32 -55.25 -7.67
N PHE A 255 -38.49 -54.42 -7.03
CA PHE A 255 -38.55 -52.97 -7.27
C PHE A 255 -38.23 -52.65 -8.73
N GLN A 256 -37.16 -53.25 -9.27
CA GLN A 256 -36.89 -53.09 -10.69
C GLN A 256 -38.05 -53.64 -11.52
N THR A 257 -38.33 -54.93 -11.36
CA THR A 257 -39.44 -55.58 -12.06
C THR A 257 -40.68 -54.71 -12.11
N ASN A 258 -41.13 -54.23 -10.96
CA ASN A 258 -42.42 -53.58 -10.86
C ASN A 258 -42.37 -52.09 -11.23
N LEU A 259 -41.21 -51.47 -11.19
CA LEU A 259 -41.17 -50.02 -11.35
C LEU A 259 -40.27 -49.53 -12.48
N VAL A 260 -39.33 -50.34 -12.95
CA VAL A 260 -38.36 -49.91 -13.95
C VAL A 260 -38.36 -50.90 -15.10
N PRO A 261 -39.26 -50.77 -16.08
CA PRO A 261 -39.17 -51.64 -17.25
C PRO A 261 -37.99 -51.29 -18.15
N TYR A 262 -37.50 -50.06 -18.15
CA TYR A 262 -36.35 -49.80 -18.99
C TYR A 262 -35.21 -49.27 -18.12
N PRO A 263 -34.01 -49.86 -18.24
CA PRO A 263 -32.98 -49.65 -17.21
C PRO A 263 -32.59 -48.21 -16.92
N ARG A 264 -32.36 -47.36 -17.93
CA ARG A 264 -31.88 -46.02 -17.60
C ARG A 264 -32.97 -45.14 -16.99
N ILE A 265 -34.23 -45.38 -17.35
CA ILE A 265 -35.34 -44.60 -16.80
C ILE A 265 -35.76 -45.30 -15.51
N HIS A 266 -34.99 -45.07 -14.45
CA HIS A 266 -35.20 -45.84 -13.23
C HIS A 266 -35.36 -44.95 -12.00
N PHE A 267 -36.07 -43.83 -12.15
CA PHE A 267 -36.28 -42.87 -11.08
C PHE A 267 -37.79 -42.76 -10.86
N PRO A 268 -38.37 -43.63 -10.04
CA PRO A 268 -39.81 -43.52 -9.78
C PRO A 268 -40.11 -42.27 -8.97
N LEU A 269 -41.25 -41.68 -9.23
CA LEU A 269 -41.71 -40.53 -8.46
C LEU A 269 -42.51 -41.01 -7.25
N ALA A 270 -42.20 -40.46 -6.10
CA ALA A 270 -42.92 -40.79 -4.87
C ALA A 270 -43.89 -39.65 -4.53
N THR A 271 -45.11 -40.01 -4.17
CA THR A 271 -46.12 -39.06 -3.74
C THR A 271 -46.69 -39.58 -2.43
N TYR A 272 -46.84 -38.71 -1.42
CA TYR A 272 -47.18 -39.21 -0.09
C TYR A 272 -48.36 -38.45 0.49
N ALA A 273 -49.31 -39.18 1.09
CA ALA A 273 -50.46 -38.54 1.75
C ALA A 273 -50.98 -39.45 2.86
N PRO A 274 -51.54 -38.88 3.94
CA PRO A 274 -51.75 -37.47 4.24
C PRO A 274 -50.65 -36.93 5.16
N VAL A 275 -50.27 -35.66 5.03
CA VAL A 275 -49.30 -35.01 5.92
C VAL A 275 -50.04 -33.97 6.75
N ILE A 276 -50.16 -34.22 8.05
CA ILE A 276 -51.04 -33.46 8.93
C ILE A 276 -50.21 -32.97 10.11
N SER A 277 -50.37 -31.71 10.47
CA SER A 277 -49.60 -31.16 11.56
C SER A 277 -50.04 -31.77 12.87
N ALA A 278 -49.07 -32.05 13.75
CA ALA A 278 -49.38 -32.47 15.11
C ALA A 278 -50.10 -31.38 15.88
N GLU A 279 -50.02 -30.13 15.43
CA GLU A 279 -50.63 -29.02 16.14
C GLU A 279 -52.13 -28.92 15.88
N LYS A 280 -52.63 -29.45 14.77
CA LYS A 280 -54.06 -29.42 14.54
C LYS A 280 -54.78 -30.21 15.64
N ALA A 281 -55.49 -29.52 16.53
CA ALA A 281 -56.24 -30.19 17.58
C ALA A 281 -57.38 -31.01 17.00
N TYR A 282 -58.21 -30.39 16.16
CA TYR A 282 -59.31 -31.06 15.49
C TYR A 282 -58.90 -31.37 14.05
N HIS A 283 -58.83 -32.66 13.72
CA HIS A 283 -58.57 -33.11 12.37
C HIS A 283 -59.66 -34.09 11.96
N GLU A 284 -60.27 -33.85 10.80
CA GLU A 284 -61.19 -34.81 10.21
C GLU A 284 -60.39 -35.85 9.43
N GLN A 285 -60.48 -37.10 9.85
CA GLN A 285 -59.67 -38.17 9.26
C GLN A 285 -60.06 -38.40 7.81
N LEU A 286 -59.04 -38.51 6.94
CA LEU A 286 -59.23 -38.69 5.51
C LEU A 286 -59.50 -40.15 5.12
N SER A 287 -60.49 -40.32 4.24
CA SER A 287 -60.88 -41.61 3.71
C SER A 287 -59.80 -42.17 2.80
N VAL A 288 -60.02 -43.41 2.36
CA VAL A 288 -59.18 -44.00 1.32
C VAL A 288 -59.24 -43.18 0.06
N ALA A 289 -60.43 -42.70 -0.31
CA ALA A 289 -60.57 -41.98 -1.57
C ALA A 289 -59.82 -40.65 -1.52
N GLU A 290 -59.91 -39.94 -0.40
CA GLU A 290 -59.23 -38.65 -0.30
C GLU A 290 -57.70 -38.81 -0.32
N ILE A 291 -57.16 -39.76 0.45
CA ILE A 291 -55.70 -39.89 0.43
C ILE A 291 -55.22 -40.42 -0.91
N THR A 292 -56.01 -41.30 -1.56
CA THR A 292 -55.60 -41.81 -2.86
C THR A 292 -55.65 -40.74 -3.92
N ASN A 293 -56.69 -39.92 -3.90
CA ASN A 293 -56.77 -38.81 -4.83
C ASN A 293 -55.60 -37.86 -4.65
N ALA A 294 -55.14 -37.70 -3.41
CA ALA A 294 -54.05 -36.77 -3.09
C ALA A 294 -52.72 -37.21 -3.71
N CYS A 295 -52.57 -38.49 -4.06
CA CYS A 295 -51.42 -39.03 -4.75
C CYS A 295 -51.24 -38.50 -6.16
N PHE A 296 -52.25 -37.81 -6.72
CA PHE A 296 -52.18 -37.26 -8.07
C PHE A 296 -52.11 -35.74 -8.06
N GLU A 297 -51.93 -35.13 -6.87
CA GLU A 297 -51.78 -33.70 -6.73
C GLU A 297 -50.30 -33.35 -6.67
N PRO A 298 -49.76 -32.51 -7.57
CA PRO A 298 -48.31 -32.26 -7.57
C PRO A 298 -47.74 -31.74 -6.25
N ALA A 299 -48.53 -31.07 -5.43
CA ALA A 299 -48.05 -30.53 -4.16
C ALA A 299 -47.72 -31.58 -3.12
N ASN A 300 -48.01 -32.87 -3.37
CA ASN A 300 -47.64 -33.93 -2.46
C ASN A 300 -46.52 -34.81 -3.00
N GLN A 301 -45.96 -34.48 -4.17
CA GLN A 301 -44.90 -35.28 -4.77
C GLN A 301 -43.56 -34.93 -4.15
N MET A 302 -42.66 -35.93 -4.08
CA MET A 302 -41.30 -35.68 -3.63
C MET A 302 -40.51 -34.85 -4.62
N VAL A 303 -40.98 -34.74 -5.85
CA VAL A 303 -40.44 -33.83 -6.85
C VAL A 303 -41.61 -33.14 -7.52
N LYS A 304 -41.60 -31.80 -7.51
CA LYS A 304 -42.61 -31.00 -8.20
C LYS A 304 -42.46 -31.18 -9.70
N CYS A 305 -43.51 -31.67 -10.37
CA CYS A 305 -43.54 -31.86 -11.81
C CYS A 305 -44.97 -32.20 -12.16
N ASP A 306 -45.29 -32.28 -13.45
CA ASP A 306 -46.69 -32.47 -13.83
C ASP A 306 -46.89 -33.80 -14.56
N PRO A 307 -47.29 -34.85 -13.85
CA PRO A 307 -47.53 -36.15 -14.52
C PRO A 307 -48.61 -36.10 -15.57
N ARG A 308 -49.52 -35.12 -15.54
CA ARG A 308 -50.51 -35.03 -16.60
C ARG A 308 -49.83 -34.89 -17.97
N HIS A 309 -48.65 -34.27 -18.02
CA HIS A 309 -47.91 -34.08 -19.26
C HIS A 309 -46.76 -35.05 -19.41
N GLY A 310 -46.91 -36.25 -18.90
CA GLY A 310 -45.93 -37.29 -19.10
C GLY A 310 -46.66 -38.59 -19.32
N LYS A 311 -45.95 -39.69 -19.30
CA LYS A 311 -46.58 -41.00 -19.46
C LYS A 311 -46.07 -41.92 -18.36
N TYR A 312 -46.96 -42.83 -17.93
CA TYR A 312 -46.66 -43.79 -16.88
C TYR A 312 -46.15 -45.10 -17.47
N MET A 313 -45.15 -45.67 -16.83
CA MET A 313 -44.68 -47.00 -17.18
C MET A 313 -44.95 -48.03 -16.11
N ALA A 314 -45.39 -47.59 -14.92
CA ALA A 314 -45.57 -48.43 -13.75
C ALA A 314 -46.17 -47.58 -12.63
N CYS A 315 -46.96 -48.18 -11.76
CA CYS A 315 -47.52 -47.41 -10.66
C CYS A 315 -47.91 -48.34 -9.52
N CYS A 316 -47.39 -48.10 -8.31
CA CYS A 316 -47.70 -48.90 -7.12
C CYS A 316 -48.28 -47.99 -6.04
N LEU A 317 -49.22 -48.54 -5.27
CA LEU A 317 -49.82 -47.82 -4.14
C LEU A 317 -49.49 -48.57 -2.86
N LEU A 318 -48.79 -47.91 -1.95
CA LEU A 318 -48.43 -48.54 -0.68
C LEU A 318 -49.27 -47.90 0.42
N TYR A 319 -50.28 -48.61 0.90
CA TYR A 319 -51.10 -48.12 1.99
C TYR A 319 -50.63 -48.67 3.34
N ARG A 320 -50.78 -47.85 4.38
CA ARG A 320 -50.59 -48.30 5.75
C ARG A 320 -51.77 -47.82 6.59
N GLY A 321 -52.38 -48.75 7.34
CA GLY A 321 -53.49 -48.43 8.21
C GLY A 321 -54.79 -49.10 7.79
N ASP A 322 -55.90 -48.45 8.11
CA ASP A 322 -57.23 -49.03 7.96
C ASP A 322 -57.68 -48.87 6.51
N VAL A 323 -57.25 -49.83 5.69
CA VAL A 323 -57.49 -49.79 4.26
C VAL A 323 -57.84 -51.20 3.84
N VAL A 324 -58.88 -51.33 3.03
CA VAL A 324 -59.29 -52.62 2.49
C VAL A 324 -59.35 -52.52 0.96
N PRO A 325 -59.12 -53.62 0.22
CA PRO A 325 -59.04 -53.52 -1.24
C PRO A 325 -60.25 -52.89 -1.92
N LYS A 326 -61.46 -53.14 -1.42
CA LYS A 326 -62.65 -52.59 -2.04
C LYS A 326 -62.63 -51.08 -2.12
N ASP A 327 -62.28 -50.41 -1.01
CA ASP A 327 -62.23 -48.96 -1.01
C ASP A 327 -61.19 -48.45 -2.00
N VAL A 328 -60.04 -49.14 -2.09
CA VAL A 328 -59.01 -48.76 -3.06
C VAL A 328 -59.55 -48.80 -4.49
N ASN A 329 -60.12 -49.94 -4.90
CA ASN A 329 -60.65 -50.05 -6.26
C ASN A 329 -61.76 -49.04 -6.50
N ALA A 330 -62.66 -48.85 -5.52
CA ALA A 330 -63.64 -47.77 -5.62
C ALA A 330 -62.93 -46.43 -5.82
N ALA A 331 -61.92 -46.14 -4.99
CA ALA A 331 -61.19 -44.88 -5.14
C ALA A 331 -60.58 -44.75 -6.53
N ILE A 332 -59.90 -45.80 -7.01
CA ILE A 332 -59.26 -45.79 -8.33
C ILE A 332 -60.28 -45.54 -9.44
N ALA A 333 -61.45 -46.19 -9.37
CA ALA A 333 -62.40 -46.07 -10.46
C ALA A 333 -62.81 -44.62 -10.68
N THR A 334 -63.16 -43.92 -9.60
CA THR A 334 -63.54 -42.52 -9.71
C THR A 334 -62.35 -41.62 -10.03
N ILE A 335 -61.16 -41.93 -9.50
CA ILE A 335 -60.00 -41.11 -9.86
C ILE A 335 -59.69 -41.27 -11.34
N LYS A 336 -59.89 -42.47 -11.92
CA LYS A 336 -59.52 -42.71 -13.31
C LYS A 336 -60.37 -41.87 -14.26
N THR A 337 -61.67 -41.73 -13.95
CA THR A 337 -62.52 -40.90 -14.77
C THR A 337 -62.06 -39.45 -14.77
N LYS A 338 -61.64 -38.92 -13.62
CA LYS A 338 -61.39 -37.50 -13.42
C LYS A 338 -59.92 -37.05 -13.62
N ARG A 339 -59.01 -37.92 -14.03
CA ARG A 339 -57.60 -37.52 -14.06
C ARG A 339 -56.94 -37.93 -15.36
N SER A 340 -55.87 -37.19 -15.70
CA SER A 340 -55.08 -37.44 -16.91
C SER A 340 -53.97 -38.42 -16.55
N ILE A 341 -54.27 -39.71 -16.67
CA ILE A 341 -53.33 -40.78 -16.33
C ILE A 341 -53.11 -41.59 -17.60
N GLN A 342 -52.08 -41.24 -18.35
CA GLN A 342 -51.73 -41.90 -19.60
C GLN A 342 -50.53 -42.79 -19.39
N PHE A 343 -50.67 -44.06 -19.75
CA PHE A 343 -49.60 -45.05 -19.72
C PHE A 343 -49.00 -45.16 -21.11
N VAL A 344 -47.70 -45.44 -21.17
CA VAL A 344 -47.09 -45.76 -22.45
C VAL A 344 -47.83 -46.94 -23.06
N ASP A 345 -47.85 -47.00 -24.39
CA ASP A 345 -48.71 -47.97 -25.06
C ASP A 345 -48.29 -49.42 -24.78
N TRP A 346 -47.02 -49.64 -24.44
CA TRP A 346 -46.48 -50.99 -24.29
C TRP A 346 -46.53 -51.47 -22.83
N CYS A 347 -47.34 -50.83 -21.99
CA CYS A 347 -47.48 -51.17 -20.58
C CYS A 347 -48.97 -51.20 -20.27
N PRO A 348 -49.38 -52.11 -19.41
CA PRO A 348 -50.80 -52.16 -19.01
C PRO A 348 -51.13 -50.98 -18.13
N THR A 349 -52.39 -50.55 -18.21
CA THR A 349 -52.86 -49.44 -17.39
C THR A 349 -53.35 -50.11 -16.11
N GLY A 350 -52.52 -50.05 -15.05
CA GLY A 350 -52.89 -50.73 -13.82
C GLY A 350 -52.09 -50.26 -12.64
N PHE A 351 -52.53 -50.69 -11.47
CA PHE A 351 -51.90 -50.33 -10.21
C PHE A 351 -51.60 -51.56 -9.38
N LYS A 352 -50.33 -51.80 -9.07
CA LYS A 352 -50.00 -52.83 -8.09
C LYS A 352 -50.16 -52.24 -6.71
N VAL A 353 -50.91 -52.92 -5.84
CA VAL A 353 -51.35 -52.36 -4.56
C VAL A 353 -50.76 -53.19 -3.42
N GLY A 354 -50.26 -52.50 -2.41
CA GLY A 354 -49.83 -53.16 -1.20
C GLY A 354 -50.43 -52.49 0.02
N ILE A 355 -50.98 -53.28 0.94
CA ILE A 355 -51.63 -52.75 2.13
C ILE A 355 -51.00 -53.36 3.36
N ASN A 356 -50.51 -52.51 4.24
CA ASN A 356 -50.04 -52.91 5.57
C ASN A 356 -51.00 -52.36 6.61
N TYR A 357 -51.50 -53.24 7.49
CA TYR A 357 -52.56 -52.81 8.39
C TYR A 357 -52.04 -51.94 9.53
N GLN A 358 -50.75 -52.01 9.85
CA GLN A 358 -50.16 -51.11 10.85
C GLN A 358 -50.18 -49.68 10.33
N PRO A 359 -50.99 -48.78 10.92
CA PRO A 359 -50.99 -47.38 10.47
C PRO A 359 -49.64 -46.73 10.74
N PRO A 360 -49.31 -45.64 10.04
CA PRO A 360 -47.93 -45.12 10.11
C PRO A 360 -47.55 -44.81 11.54
N THR A 361 -46.28 -45.05 11.85
CA THR A 361 -45.75 -44.70 13.16
C THR A 361 -45.21 -43.29 13.07
N VAL A 362 -45.37 -42.53 14.14
CA VAL A 362 -44.88 -41.15 14.16
C VAL A 362 -43.92 -41.00 15.32
N VAL A 363 -42.91 -40.19 15.10
CA VAL A 363 -41.93 -40.00 16.16
C VAL A 363 -42.60 -39.25 17.30
N PRO A 364 -42.57 -39.75 18.53
CA PRO A 364 -43.16 -38.99 19.64
C PRO A 364 -42.54 -37.61 19.70
N GLY A 365 -43.41 -36.58 19.71
CA GLY A 365 -42.96 -35.20 19.72
C GLY A 365 -42.62 -34.61 18.36
N GLY A 366 -42.71 -35.39 17.30
CA GLY A 366 -42.47 -34.93 15.95
C GLY A 366 -43.52 -33.92 15.53
N ASP A 367 -43.46 -33.56 14.24
CA ASP A 367 -44.44 -32.63 13.68
C ASP A 367 -45.62 -33.35 13.02
N LEU A 368 -45.49 -34.64 12.73
CA LEU A 368 -46.53 -35.38 12.02
C LEU A 368 -47.62 -35.85 12.98
N ALA A 369 -48.87 -35.58 12.65
CA ALA A 369 -49.96 -36.20 13.38
C ALA A 369 -50.04 -37.71 13.10
N LYS A 370 -50.45 -38.47 14.11
CA LYS A 370 -50.90 -39.83 13.85
C LYS A 370 -52.15 -39.78 12.98
N VAL A 371 -52.23 -40.68 12.00
CA VAL A 371 -53.39 -40.72 11.12
C VAL A 371 -53.86 -42.17 11.03
N GLN A 372 -55.13 -42.33 10.64
CA GLN A 372 -55.69 -43.67 10.58
C GLN A 372 -55.26 -44.43 9.34
N ARG A 373 -54.97 -43.74 8.24
CA ARG A 373 -54.55 -44.42 7.03
C ARG A 373 -53.67 -43.47 6.23
N ALA A 374 -52.66 -44.03 5.57
CA ALA A 374 -51.77 -43.23 4.72
C ALA A 374 -51.33 -44.07 3.53
N VAL A 375 -50.84 -43.40 2.49
CA VAL A 375 -50.46 -44.07 1.26
C VAL A 375 -49.23 -43.38 0.69
N CYS A 376 -48.33 -44.18 0.13
CA CYS A 376 -47.18 -43.70 -0.64
C CYS A 376 -47.29 -44.27 -2.04
N MET A 377 -47.39 -43.40 -3.04
CA MET A 377 -47.48 -43.85 -4.42
C MET A 377 -46.10 -43.78 -5.07
N LEU A 378 -45.70 -44.87 -5.74
CA LEU A 378 -44.47 -44.94 -6.52
C LEU A 378 -44.89 -45.11 -7.96
N SER A 379 -44.65 -44.09 -8.75
CA SER A 379 -45.01 -44.16 -10.16
C SER A 379 -43.79 -43.81 -10.98
N ASN A 380 -43.57 -44.54 -12.05
CA ASN A 380 -42.49 -44.20 -12.97
C ASN A 380 -43.12 -43.42 -14.10
N THR A 381 -43.06 -42.09 -14.00
CA THR A 381 -43.62 -41.17 -15.00
C THR A 381 -42.52 -40.37 -15.66
N THR A 382 -42.66 -40.15 -16.96
CA THR A 382 -41.66 -39.35 -17.69
C THR A 382 -41.63 -37.93 -17.18
N ALA A 383 -42.69 -37.49 -16.49
CA ALA A 383 -42.76 -36.13 -15.99
C ALA A 383 -41.56 -35.79 -15.09
N ILE A 384 -40.98 -36.79 -14.41
CA ILE A 384 -39.86 -36.52 -13.52
C ILE A 384 -38.67 -35.96 -14.29
N ALA A 385 -38.65 -36.16 -15.61
CA ALA A 385 -37.55 -35.59 -16.40
C ALA A 385 -37.53 -34.07 -16.32
N GLU A 386 -38.63 -33.41 -15.93
CA GLU A 386 -38.55 -31.97 -15.67
C GLU A 386 -37.43 -31.65 -14.69
N ALA A 387 -37.23 -32.48 -13.67
CA ALA A 387 -36.15 -32.23 -12.73
C ALA A 387 -34.78 -32.27 -13.40
N TRP A 388 -34.58 -33.23 -14.31
CA TRP A 388 -33.33 -33.26 -15.07
C TRP A 388 -33.20 -32.01 -15.93
N ALA A 389 -34.30 -31.57 -16.54
CA ALA A 389 -34.24 -30.36 -17.36
C ALA A 389 -33.77 -29.18 -16.52
N ARG A 390 -34.39 -28.97 -15.35
CA ARG A 390 -33.98 -27.89 -14.44
C ARG A 390 -32.49 -27.97 -14.13
N LEU A 391 -32.01 -29.14 -13.71
CA LEU A 391 -30.62 -29.29 -13.28
C LEU A 391 -29.64 -29.06 -14.43
N ASP A 392 -29.90 -29.69 -15.58
CA ASP A 392 -29.02 -29.54 -16.72
C ASP A 392 -28.93 -28.09 -17.18
N HIS A 393 -30.02 -27.32 -17.05
CA HIS A 393 -29.97 -25.91 -17.43
C HIS A 393 -28.98 -25.15 -16.53
N LYS A 394 -29.17 -25.28 -15.21
CA LYS A 394 -28.27 -24.65 -14.24
C LYS A 394 -26.84 -25.05 -14.51
N PHE A 395 -26.61 -26.33 -14.77
CA PHE A 395 -25.26 -26.77 -15.13
C PHE A 395 -24.79 -26.01 -16.35
N ASP A 396 -25.66 -25.83 -17.35
CA ASP A 396 -25.24 -25.24 -18.61
C ASP A 396 -24.85 -23.78 -18.43
N LEU A 397 -25.58 -23.05 -17.59
CA LEU A 397 -25.26 -21.65 -17.37
C LEU A 397 -23.83 -21.51 -16.83
N MET A 398 -23.47 -22.29 -15.80
CA MET A 398 -22.13 -22.18 -15.22
C MET A 398 -21.08 -22.74 -16.16
N TYR A 399 -21.31 -23.93 -16.72
CA TYR A 399 -20.26 -24.57 -17.51
C TYR A 399 -19.93 -23.79 -18.77
N ALA A 400 -20.87 -23.02 -19.33
CA ALA A 400 -20.56 -22.30 -20.55
C ALA A 400 -19.37 -21.36 -20.35
N LYS A 401 -19.29 -20.72 -19.18
CA LYS A 401 -18.15 -19.89 -18.80
C LYS A 401 -17.03 -20.66 -18.11
N ARG A 402 -17.19 -21.97 -17.92
CA ARG A 402 -16.31 -22.79 -17.07
C ARG A 402 -16.18 -22.26 -15.66
N ALA A 403 -17.18 -21.54 -15.16
CA ALA A 403 -17.11 -21.08 -13.77
C ALA A 403 -16.88 -22.27 -12.84
N PHE A 404 -15.90 -22.13 -11.93
CA PHE A 404 -15.55 -23.08 -10.87
C PHE A 404 -14.89 -24.39 -11.36
N VAL A 405 -14.73 -24.61 -12.66
CA VAL A 405 -14.16 -25.87 -13.11
C VAL A 405 -12.74 -26.08 -12.56
N HIS A 406 -11.99 -25.00 -12.30
CA HIS A 406 -10.61 -25.18 -11.88
C HIS A 406 -10.51 -25.90 -10.54
N TRP A 407 -11.53 -25.80 -9.70
CA TRP A 407 -11.50 -26.55 -8.44
C TRP A 407 -11.60 -28.06 -8.71
N TYR A 408 -12.30 -28.46 -9.77
CA TYR A 408 -12.40 -29.86 -10.12
C TYR A 408 -11.14 -30.30 -10.83
N VAL A 409 -10.72 -29.54 -11.85
CA VAL A 409 -9.49 -29.90 -12.54
C VAL A 409 -8.30 -29.91 -11.57
N GLY A 410 -8.29 -28.97 -10.62
CA GLY A 410 -7.23 -28.93 -9.64
C GLY A 410 -7.14 -30.18 -8.77
N GLU A 411 -8.21 -30.97 -8.69
CA GLU A 411 -8.17 -32.19 -7.90
C GLU A 411 -7.78 -33.42 -8.71
N GLY A 412 -7.58 -33.29 -10.02
CA GLY A 412 -7.22 -34.42 -10.85
C GLY A 412 -8.25 -34.78 -11.90
N MET A 413 -9.44 -34.21 -11.85
CA MET A 413 -10.46 -34.44 -12.84
C MET A 413 -10.06 -33.74 -14.13
N GLU A 414 -10.66 -34.17 -15.24
CA GLU A 414 -10.36 -33.57 -16.54
C GLU A 414 -11.59 -32.84 -17.02
N GLU A 415 -11.37 -31.72 -17.70
CA GLU A 415 -12.49 -30.93 -18.18
C GLU A 415 -13.48 -31.78 -18.97
N GLY A 416 -12.98 -32.77 -19.72
CA GLY A 416 -13.85 -33.58 -20.56
C GLY A 416 -14.80 -34.51 -19.82
N GLU A 417 -14.49 -34.83 -18.57
CA GLU A 417 -15.46 -35.55 -17.74
C GLU A 417 -16.71 -34.69 -17.50
N PHE A 418 -16.59 -33.36 -17.43
CA PHE A 418 -17.78 -32.52 -17.33
C PHE A 418 -18.71 -32.68 -18.53
N SER A 419 -18.17 -32.44 -19.73
CA SER A 419 -18.99 -32.51 -20.94
C SER A 419 -19.48 -33.93 -21.19
N GLU A 420 -18.65 -34.92 -20.85
CA GLU A 420 -19.06 -36.31 -20.99
C GLU A 420 -20.24 -36.62 -20.08
N ALA A 421 -20.17 -36.17 -18.83
CA ALA A 421 -21.30 -36.34 -17.93
C ALA A 421 -22.52 -35.59 -18.45
N ARG A 422 -22.31 -34.38 -18.96
CA ARG A 422 -23.41 -33.59 -19.51
C ARG A 422 -24.05 -34.28 -20.70
N GLU A 423 -23.24 -34.96 -21.53
CA GLU A 423 -23.79 -35.64 -22.71
C GLU A 423 -24.68 -36.79 -22.30
N ASP A 424 -24.25 -37.56 -21.29
CA ASP A 424 -25.09 -38.64 -20.78
C ASP A 424 -26.45 -38.09 -20.37
N MET A 425 -26.45 -36.99 -19.63
CA MET A 425 -27.69 -36.36 -19.23
C MET A 425 -28.51 -35.93 -20.43
N ALA A 426 -27.86 -35.43 -21.48
CA ALA A 426 -28.57 -35.12 -22.72
C ALA A 426 -29.24 -36.38 -23.28
N ALA A 427 -28.55 -37.53 -23.24
CA ALA A 427 -29.16 -38.76 -23.70
C ALA A 427 -30.34 -39.16 -22.80
N LEU A 428 -30.20 -38.97 -21.49
CA LEU A 428 -31.27 -39.31 -20.57
C LEU A 428 -32.52 -38.47 -20.84
N GLU A 429 -32.37 -37.15 -20.97
CA GLU A 429 -33.54 -36.31 -21.24
C GLU A 429 -34.20 -36.72 -22.55
N LYS A 430 -33.37 -37.09 -23.53
CA LYS A 430 -33.87 -37.56 -24.80
C LYS A 430 -34.65 -38.88 -24.64
N ASP A 431 -34.15 -39.81 -23.81
CA ASP A 431 -34.86 -41.06 -23.54
C ASP A 431 -36.24 -40.79 -22.97
N TYR A 432 -36.33 -39.91 -21.99
CA TYR A 432 -37.63 -39.63 -21.40
C TYR A 432 -38.57 -39.04 -22.43
N GLU A 433 -38.02 -38.23 -23.35
CA GLU A 433 -38.85 -37.61 -24.38
C GLU A 433 -39.39 -38.63 -25.36
N GLU A 434 -38.56 -39.58 -25.80
CA GLU A 434 -39.08 -40.59 -26.72
C GLU A 434 -40.17 -41.42 -26.04
N VAL A 435 -39.97 -41.75 -24.76
CA VAL A 435 -40.92 -42.58 -24.05
C VAL A 435 -42.19 -41.83 -23.69
N GLY A 436 -42.17 -40.50 -23.74
CA GLY A 436 -43.31 -39.73 -23.28
C GLY A 436 -44.17 -38.95 -24.26
N VAL A 437 -43.73 -38.68 -25.50
CA VAL A 437 -44.65 -38.03 -26.45
C VAL A 437 -45.52 -39.04 -27.20
N ARG B 2 -10.27 -29.07 12.49
CA ARG B 2 -9.81 -28.28 11.37
C ARG B 2 -9.24 -26.94 11.85
N GLU B 3 -7.93 -26.92 12.14
CA GLU B 3 -7.27 -25.77 12.74
C GLU B 3 -6.90 -24.74 11.67
N ILE B 4 -7.10 -23.46 12.01
CA ILE B 4 -6.57 -22.32 11.25
C ILE B 4 -5.35 -21.78 11.97
N VAL B 5 -4.30 -21.47 11.21
CA VAL B 5 -3.12 -20.79 11.76
C VAL B 5 -3.15 -19.32 11.36
N HIS B 6 -3.08 -18.45 12.35
CA HIS B 6 -3.15 -17.02 12.14
C HIS B 6 -1.75 -16.38 12.23
N ILE B 7 -1.44 -15.51 11.28
CA ILE B 7 -0.18 -14.79 11.21
C ILE B 7 -0.49 -13.31 11.05
N GLN B 8 0.13 -12.47 11.84
CA GLN B 8 -0.04 -11.02 11.68
C GLN B 8 1.33 -10.35 11.53
N ALA B 9 1.49 -9.54 10.47
CA ALA B 9 2.80 -9.02 10.09
C ALA B 9 2.83 -7.50 9.97
N GLY B 10 3.89 -6.90 10.52
CA GLY B 10 4.08 -5.47 10.42
C GLY B 10 3.18 -4.70 11.35
N GLN B 11 3.26 -3.36 11.22
CA GLN B 11 2.54 -2.53 12.17
C GLN B 11 1.03 -2.67 12.03
N CYS B 12 0.50 -2.45 10.82
CA CYS B 12 -0.93 -2.55 10.59
C CYS B 12 -1.42 -3.94 10.90
N GLY B 13 -0.71 -4.95 10.40
CA GLY B 13 -1.08 -6.33 10.62
C GLY B 13 -1.23 -6.65 12.08
N ASN B 14 -0.25 -6.23 12.89
CA ASN B 14 -0.30 -6.56 14.32
C ASN B 14 -1.36 -5.77 15.03
N GLN B 15 -1.57 -4.51 14.64
CA GLN B 15 -2.59 -3.72 15.32
C GLN B 15 -3.99 -4.27 15.04
N ILE B 16 -4.37 -4.46 13.77
CA ILE B 16 -5.69 -5.05 13.54
C ILE B 16 -5.71 -6.53 13.97
N GLY B 17 -4.58 -7.22 13.88
CA GLY B 17 -4.52 -8.58 14.41
C GLY B 17 -4.89 -8.63 15.88
N ALA B 18 -4.25 -7.77 16.69
CA ALA B 18 -4.58 -7.70 18.11
C ALA B 18 -6.08 -7.41 18.33
N LYS B 19 -6.65 -6.47 17.58
CA LYS B 19 -8.07 -6.17 17.77
C LYS B 19 -8.95 -7.39 17.47
N PHE B 20 -8.66 -8.09 16.38
CA PHE B 20 -9.41 -9.30 16.04
C PHE B 20 -9.42 -10.26 17.21
N TRP B 21 -8.26 -10.55 17.80
CA TRP B 21 -8.22 -11.49 18.91
C TRP B 21 -8.90 -10.95 20.16
N GLU B 22 -8.85 -9.63 20.41
CA GLU B 22 -9.67 -9.08 21.48
C GLU B 22 -11.13 -9.39 21.23
N VAL B 23 -11.61 -9.10 20.01
CA VAL B 23 -13.05 -9.13 19.75
C VAL B 23 -13.58 -10.56 19.75
N ILE B 24 -12.90 -11.49 19.07
CA ILE B 24 -13.48 -12.82 19.03
C ILE B 24 -13.26 -13.54 20.36
N SER B 25 -12.17 -13.26 21.08
CA SER B 25 -12.03 -13.82 22.42
C SER B 25 -13.23 -13.44 23.28
N ASP B 26 -13.57 -12.14 23.34
CA ASP B 26 -14.78 -11.74 24.05
C ASP B 26 -16.00 -12.50 23.54
N GLU B 27 -16.08 -12.77 22.23
CA GLU B 27 -17.26 -13.48 21.74
C GLU B 27 -17.29 -14.93 22.20
N HIS B 28 -16.13 -15.56 22.37
CA HIS B 28 -16.02 -16.96 22.77
C HIS B 28 -15.85 -17.12 24.28
N GLY B 29 -15.90 -16.03 25.04
CA GLY B 29 -15.79 -16.11 26.48
C GLY B 29 -14.44 -16.50 27.02
N ILE B 30 -13.36 -16.12 26.34
CA ILE B 30 -12.00 -16.24 26.89
C ILE B 30 -11.57 -14.87 27.36
N ASP B 31 -11.05 -14.81 28.57
CA ASP B 31 -10.55 -13.57 29.13
C ASP B 31 -9.07 -13.40 28.77
N PRO B 32 -8.47 -12.25 29.12
CA PRO B 32 -7.07 -12.02 28.74
C PRO B 32 -6.10 -13.05 29.29
N THR B 33 -6.45 -13.81 30.32
CA THR B 33 -5.54 -14.80 30.88
C THR B 33 -5.77 -16.19 30.29
N GLY B 34 -6.60 -16.29 29.26
CA GLY B 34 -6.88 -17.55 28.58
C GLY B 34 -7.97 -18.39 29.21
N SER B 35 -8.60 -17.92 30.27
CA SER B 35 -9.65 -18.70 30.96
C SER B 35 -11.02 -18.42 30.34
N TYR B 36 -11.79 -19.48 30.19
CA TYR B 36 -13.14 -19.38 29.66
C TYR B 36 -14.13 -19.09 30.77
N HIS B 37 -14.84 -17.97 30.66
CA HIS B 37 -15.93 -17.63 31.57
C HIS B 37 -17.11 -17.26 30.68
N GLY B 38 -17.80 -18.27 30.15
CA GLY B 38 -18.83 -18.05 29.16
C GLY B 38 -20.16 -18.64 29.60
N ASP B 39 -21.21 -18.23 28.90
CA ASP B 39 -22.58 -18.61 29.24
C ASP B 39 -23.07 -19.77 28.38
N SER B 40 -22.99 -19.62 27.06
CA SER B 40 -23.48 -20.59 26.09
C SER B 40 -22.40 -21.62 25.75
N ASP B 41 -22.85 -22.77 25.25
CA ASP B 41 -21.93 -23.80 24.76
C ASP B 41 -21.73 -23.75 23.26
N LEU B 42 -22.48 -22.90 22.55
CA LEU B 42 -22.10 -22.52 21.20
C LEU B 42 -20.72 -21.86 21.18
N GLN B 43 -20.25 -21.36 22.33
CA GLN B 43 -18.98 -20.63 22.39
C GLN B 43 -17.77 -21.54 22.34
N LEU B 44 -17.92 -22.82 22.67
CA LEU B 44 -16.77 -23.71 22.72
C LEU B 44 -16.84 -24.86 21.72
N GLU B 45 -17.96 -25.02 21.03
CA GLU B 45 -18.10 -26.15 20.12
C GLU B 45 -16.96 -26.21 19.13
N ARG B 46 -16.70 -25.09 18.44
CA ARG B 46 -15.67 -25.04 17.41
C ARG B 46 -14.52 -24.13 17.83
N ILE B 47 -14.29 -24.00 19.13
CA ILE B 47 -13.30 -23.07 19.63
C ILE B 47 -11.89 -23.48 19.20
N ASN B 48 -11.65 -24.75 18.91
CA ASN B 48 -10.32 -25.19 18.51
C ASN B 48 -9.92 -24.71 17.11
N VAL B 49 -10.85 -24.21 16.31
CA VAL B 49 -10.49 -23.66 14.99
C VAL B 49 -9.45 -22.55 15.15
N TYR B 50 -9.59 -21.70 16.17
CA TYR B 50 -8.66 -20.60 16.36
C TYR B 50 -7.80 -20.72 17.61
N TYR B 51 -8.20 -21.54 18.60
CA TYR B 51 -7.49 -21.63 19.87
C TYR B 51 -6.91 -23.03 20.07
N ASN B 52 -5.76 -23.05 20.72
CA ASN B 52 -5.11 -24.28 21.15
C ASN B 52 -5.45 -24.53 22.62
N GLU B 53 -5.50 -25.82 22.98
CA GLU B 53 -5.77 -26.23 24.36
C GLU B 53 -4.48 -26.35 25.16
N ALA B 54 -4.54 -25.92 26.42
CA ALA B 54 -3.41 -26.01 27.33
C ALA B 54 -3.90 -26.48 28.69
N THR B 55 -2.96 -26.84 29.56
CA THR B 55 -3.31 -27.25 30.91
C THR B 55 -4.12 -26.18 31.62
N GLY B 56 -4.94 -26.60 32.57
CA GLY B 56 -5.87 -25.69 33.21
C GLY B 56 -6.99 -25.20 32.31
N ASN B 57 -7.26 -25.93 31.22
CA ASN B 57 -8.24 -25.54 30.21
C ASN B 57 -8.03 -24.10 29.76
N LYS B 58 -6.77 -23.69 29.64
CA LYS B 58 -6.43 -22.41 29.05
C LYS B 58 -6.53 -22.50 27.53
N TYR B 59 -7.11 -21.47 26.93
CA TYR B 59 -7.20 -21.37 25.48
C TYR B 59 -6.17 -20.35 24.99
N VAL B 60 -5.27 -20.78 24.12
CA VAL B 60 -4.19 -19.96 23.60
C VAL B 60 -4.41 -19.73 22.10
N PRO B 61 -4.48 -18.48 21.62
CA PRO B 61 -4.65 -18.25 20.19
C PRO B 61 -3.57 -18.94 19.36
N ARG B 62 -3.98 -19.47 18.22
CA ARG B 62 -3.04 -20.05 17.25
C ARG B 62 -2.54 -18.92 16.34
N ALA B 63 -1.79 -18.00 16.95
CA ALA B 63 -1.41 -16.77 16.27
C ALA B 63 0.09 -16.58 16.36
N ILE B 64 0.68 -16.12 15.27
CA ILE B 64 2.10 -15.86 15.18
C ILE B 64 2.26 -14.38 14.89
N LEU B 65 3.00 -13.68 15.74
CA LEU B 65 3.17 -12.25 15.59
C LEU B 65 4.54 -11.97 14.99
N VAL B 66 4.55 -11.19 13.90
CA VAL B 66 5.74 -11.01 13.08
C VAL B 66 5.93 -9.53 12.76
N ASP B 67 7.16 -9.05 12.86
CA ASP B 67 7.51 -7.69 12.48
C ASP B 67 9.03 -7.56 12.49
N LEU B 68 9.55 -6.76 11.56
CA LEU B 68 10.99 -6.50 11.53
C LEU B 68 11.39 -5.45 12.54
N GLU B 69 10.41 -4.93 13.26
CA GLU B 69 10.47 -3.80 14.15
C GLU B 69 9.90 -4.25 15.49
N PRO B 70 10.62 -4.06 16.61
CA PRO B 70 10.08 -4.51 17.90
C PRO B 70 8.96 -3.63 18.46
N GLY B 71 8.88 -2.36 18.08
CA GLY B 71 8.01 -1.45 18.79
C GLY B 71 6.55 -1.87 18.85
N THR B 72 5.97 -2.25 17.71
CA THR B 72 4.54 -2.57 17.71
C THR B 72 4.23 -3.85 18.46
N MET B 73 5.12 -4.84 18.40
CA MET B 73 4.90 -6.08 19.15
C MET B 73 4.98 -5.83 20.65
N ASP B 74 5.83 -4.90 21.09
CA ASP B 74 5.82 -4.44 22.48
C ASP B 74 4.45 -3.92 22.88
N SER B 75 3.89 -3.05 22.05
CA SER B 75 2.58 -2.48 22.35
C SER B 75 1.51 -3.56 22.42
N VAL B 76 1.58 -4.56 21.55
CA VAL B 76 0.64 -5.67 21.63
C VAL B 76 0.78 -6.39 22.96
N ARG B 77 2.03 -6.70 23.35
CA ARG B 77 2.25 -7.37 24.63
C ARG B 77 1.71 -6.55 25.79
N SER B 78 1.73 -5.23 25.66
CA SER B 78 1.16 -4.32 26.66
C SER B 78 -0.36 -4.16 26.52
N GLY B 79 -0.94 -4.59 25.40
CA GLY B 79 -2.35 -4.43 25.16
C GLY B 79 -3.20 -5.28 26.11
N PRO B 80 -4.52 -5.13 25.99
CA PRO B 80 -5.44 -5.83 26.89
C PRO B 80 -5.24 -7.35 26.90
N PHE B 81 -5.40 -7.97 25.73
CA PHE B 81 -5.24 -9.41 25.59
C PHE B 81 -3.83 -9.82 25.23
N GLY B 82 -2.86 -8.91 25.41
CA GLY B 82 -1.50 -9.17 24.98
C GLY B 82 -0.84 -10.34 25.66
N GLN B 83 -1.36 -10.76 26.80
CA GLN B 83 -0.76 -11.89 27.52
C GLN B 83 -1.37 -13.24 27.10
N ILE B 84 -2.42 -13.23 26.29
CA ILE B 84 -3.00 -14.47 25.80
C ILE B 84 -2.15 -15.15 24.73
N PHE B 85 -1.31 -14.39 24.02
CA PHE B 85 -0.50 -14.94 22.95
C PHE B 85 0.66 -15.74 23.51
N ARG B 86 0.94 -16.88 22.87
CA ARG B 86 2.09 -17.68 23.26
C ARG B 86 3.39 -16.91 23.02
N PRO B 87 4.21 -16.66 24.06
CA PRO B 87 5.35 -15.74 23.89
C PRO B 87 6.38 -16.20 22.87
N ASP B 88 6.54 -17.50 22.69
CA ASP B 88 7.46 -17.99 21.68
C ASP B 88 6.99 -17.66 20.27
N ASN B 89 5.73 -17.26 20.11
CA ASN B 89 5.17 -16.89 18.82
C ASN B 89 5.37 -15.42 18.48
N PHE B 90 6.09 -14.67 19.31
CA PHE B 90 6.56 -13.35 18.93
C PHE B 90 7.88 -13.55 18.19
N VAL B 91 7.92 -13.12 16.93
CA VAL B 91 9.10 -13.27 16.08
C VAL B 91 9.40 -11.90 15.47
N PHE B 92 10.53 -11.30 15.84
CA PHE B 92 10.78 -9.94 15.44
C PHE B 92 12.27 -9.69 15.19
N GLY B 93 12.55 -8.72 14.32
CA GLY B 93 13.89 -8.25 14.09
C GLY B 93 14.09 -6.92 14.80
N GLN B 94 15.07 -6.17 14.34
CA GLN B 94 15.38 -4.90 14.99
C GLN B 94 15.47 -3.72 14.04
N SER B 95 15.61 -3.93 12.74
CA SER B 95 15.92 -2.83 11.84
C SER B 95 14.70 -2.21 11.17
N GLY B 96 13.51 -2.78 11.33
CA GLY B 96 12.40 -2.25 10.60
C GLY B 96 12.58 -2.38 9.10
N ALA B 97 11.56 -1.99 8.33
CA ALA B 97 11.58 -2.11 6.88
C ALA B 97 11.51 -0.76 6.18
N GLY B 98 11.40 0.33 6.92
CA GLY B 98 11.36 1.65 6.29
C GLY B 98 10.31 1.79 5.22
N ASN B 99 9.14 1.15 5.40
CA ASN B 99 8.09 1.33 4.42
C ASN B 99 8.55 0.91 3.01
N ASN B 100 9.42 -0.09 2.95
CA ASN B 100 10.06 -0.49 1.72
C ASN B 100 9.76 -1.95 1.42
N TRP B 101 8.96 -2.22 0.38
CA TRP B 101 8.60 -3.60 0.03
C TRP B 101 9.86 -4.44 -0.21
N ALA B 102 10.89 -3.87 -0.86
CA ALA B 102 12.12 -4.62 -1.14
C ALA B 102 12.84 -5.04 0.14
N LYS B 103 12.90 -4.17 1.14
CA LYS B 103 13.53 -4.58 2.38
C LYS B 103 12.74 -5.71 3.05
N GLY B 104 11.41 -5.67 2.96
CA GLY B 104 10.61 -6.72 3.60
C GLY B 104 10.69 -8.03 2.85
N HIS B 105 10.77 -7.97 1.52
CA HIS B 105 10.68 -9.14 0.66
C HIS B 105 12.04 -9.74 0.34
N TYR B 106 13.08 -8.92 0.22
CA TYR B 106 14.35 -9.37 -0.33
C TYR B 106 15.55 -9.29 0.61
N THR B 107 15.65 -8.28 1.48
CA THR B 107 16.88 -8.14 2.27
C THR B 107 16.65 -8.29 3.77
N GLU B 108 15.96 -7.36 4.44
CA GLU B 108 15.73 -7.51 5.88
C GLU B 108 14.80 -8.69 6.18
N GLY B 109 13.70 -8.82 5.41
CA GLY B 109 12.74 -9.87 5.70
C GLY B 109 13.30 -11.26 5.48
N ALA B 110 14.19 -11.42 4.50
CA ALA B 110 14.78 -12.75 4.26
C ALA B 110 15.55 -13.22 5.48
N GLU B 111 16.24 -12.30 6.18
CA GLU B 111 17.00 -12.66 7.37
C GLU B 111 16.10 -13.35 8.40
N LEU B 112 14.85 -12.87 8.54
CA LEU B 112 13.96 -13.31 9.60
C LEU B 112 12.94 -14.36 9.18
N VAL B 113 12.71 -14.57 7.88
CA VAL B 113 11.55 -15.36 7.47
C VAL B 113 11.65 -16.80 7.96
N ASP B 114 12.86 -17.39 7.98
CA ASP B 114 12.98 -18.78 8.44
C ASP B 114 12.56 -18.94 9.90
N SER B 115 12.94 -18.00 10.77
CA SER B 115 12.51 -18.11 12.16
C SER B 115 10.99 -18.13 12.25
N VAL B 116 10.32 -17.33 11.42
CA VAL B 116 8.86 -17.33 11.40
C VAL B 116 8.35 -18.69 10.95
N LEU B 117 8.94 -19.23 9.87
CA LEU B 117 8.51 -20.54 9.36
C LEU B 117 8.75 -21.64 10.38
N ASP B 118 9.75 -21.51 11.25
CA ASP B 118 9.90 -22.50 12.31
C ASP B 118 8.69 -22.47 13.26
N VAL B 119 8.23 -21.28 13.65
CA VAL B 119 7.04 -21.19 14.49
C VAL B 119 5.81 -21.70 13.76
N VAL B 120 5.65 -21.35 12.49
CA VAL B 120 4.51 -21.87 11.74
C VAL B 120 4.52 -23.39 11.75
N ARG B 121 5.69 -23.98 11.51
CA ARG B 121 5.82 -25.45 11.50
C ARG B 121 5.43 -26.06 12.84
N LYS B 122 5.91 -25.48 13.94
CA LYS B 122 5.57 -26.05 15.25
C LYS B 122 4.05 -26.08 15.44
N GLU B 123 3.37 -24.99 15.08
CA GLU B 123 1.92 -24.95 15.20
C GLU B 123 1.24 -25.96 14.28
N SER B 124 1.73 -26.10 13.04
CA SER B 124 1.11 -27.02 12.09
C SER B 124 1.25 -28.46 12.55
N GLU B 125 2.46 -28.85 12.98
CA GLU B 125 2.75 -30.23 13.36
C GLU B 125 1.87 -30.74 14.48
N SER B 126 1.06 -29.89 15.12
CA SER B 126 0.19 -30.32 16.20
C SER B 126 -1.28 -30.04 15.88
N CYS B 127 -1.65 -30.10 14.59
CA CYS B 127 -3.02 -29.93 14.17
C CYS B 127 -3.54 -31.27 13.64
N ASP B 128 -4.79 -31.60 13.98
CA ASP B 128 -5.40 -32.82 13.43
C ASP B 128 -5.51 -32.72 11.93
N CYS B 129 -6.05 -31.60 11.44
CA CYS B 129 -6.19 -31.37 10.01
C CYS B 129 -6.16 -29.86 9.79
N LEU B 130 -5.01 -29.35 9.36
CA LEU B 130 -4.86 -27.92 9.11
C LEU B 130 -5.73 -27.50 7.92
N GLN B 131 -6.64 -26.54 8.13
CA GLN B 131 -7.36 -25.97 6.99
C GLN B 131 -6.43 -25.12 6.12
N GLY B 132 -5.57 -24.35 6.75
CA GLY B 132 -4.76 -23.37 6.08
C GLY B 132 -4.49 -22.20 7.00
N PHE B 133 -4.15 -21.06 6.39
CA PHE B 133 -3.59 -19.94 7.12
C PHE B 133 -4.37 -18.68 6.85
N GLN B 134 -4.27 -17.76 7.80
CA GLN B 134 -4.92 -16.47 7.73
C GLN B 134 -3.92 -15.40 8.15
N LEU B 135 -3.65 -14.45 7.26
CA LEU B 135 -2.64 -13.41 7.44
C LEU B 135 -3.34 -12.06 7.48
N THR B 136 -3.03 -11.25 8.48
CA THR B 136 -3.42 -9.85 8.51
C THR B 136 -2.17 -9.01 8.24
N HIS B 137 -2.31 -8.01 7.36
CA HIS B 137 -1.16 -7.18 6.98
C HIS B 137 -1.68 -6.00 6.18
N SER B 138 -0.89 -4.92 6.15
CA SER B 138 -1.15 -3.86 5.19
C SER B 138 -0.30 -4.13 3.97
N LEU B 139 -0.74 -3.56 2.85
CA LEU B 139 -0.01 -3.59 1.61
C LEU B 139 0.83 -2.33 1.38
N GLY B 140 0.80 -1.35 2.28
CA GLY B 140 1.41 -0.07 1.93
C GLY B 140 2.74 0.18 2.60
N GLY B 141 3.04 -0.59 3.64
CA GLY B 141 4.30 -0.49 4.36
C GLY B 141 5.33 -1.43 3.76
N GLY B 142 6.25 -1.88 4.61
CA GLY B 142 7.30 -2.75 4.13
C GLY B 142 7.26 -4.17 4.65
N THR B 143 6.90 -4.30 5.92
CA THR B 143 6.93 -5.60 6.56
C THR B 143 5.70 -6.42 6.18
N GLY B 144 4.52 -5.94 6.53
CA GLY B 144 3.32 -6.72 6.21
C GLY B 144 3.23 -6.96 4.71
N SER B 145 3.59 -5.95 3.92
CA SER B 145 3.47 -6.00 2.49
C SER B 145 4.55 -6.89 1.85
N GLY B 146 5.82 -6.58 2.12
CA GLY B 146 6.94 -7.24 1.48
C GLY B 146 7.31 -8.54 2.15
N MET B 147 7.44 -8.51 3.48
CA MET B 147 7.71 -9.73 4.21
C MET B 147 6.48 -10.60 4.32
N GLY B 148 5.30 -10.00 4.42
CA GLY B 148 4.08 -10.79 4.41
C GLY B 148 3.97 -11.62 3.14
N THR B 149 4.18 -11.00 1.98
CA THR B 149 4.09 -11.76 0.74
C THR B 149 5.23 -12.75 0.58
N LEU B 150 6.42 -12.45 1.15
CA LEU B 150 7.48 -13.46 1.14
C LEU B 150 7.06 -14.68 1.95
N LEU B 151 6.47 -14.44 3.13
CA LEU B 151 5.96 -15.52 3.96
C LEU B 151 4.90 -16.35 3.23
N ILE B 152 3.96 -15.70 2.55
CA ILE B 152 2.94 -16.42 1.80
C ILE B 152 3.59 -17.35 0.77
N SER B 153 4.57 -16.82 0.03
CA SER B 153 5.26 -17.62 -0.98
C SER B 153 5.95 -18.84 -0.37
N LYS B 154 6.55 -18.70 0.81
CA LYS B 154 7.23 -19.86 1.41
C LYS B 154 6.26 -20.80 2.09
N ILE B 155 5.23 -20.28 2.73
CA ILE B 155 4.20 -21.12 3.32
C ILE B 155 3.54 -21.98 2.26
N ARG B 156 3.30 -21.40 1.07
CA ARG B 156 2.74 -22.17 -0.03
C ARG B 156 3.68 -23.28 -0.47
N GLU B 157 4.98 -23.01 -0.49
CA GLU B 157 5.92 -24.04 -0.94
C GLU B 157 5.92 -25.23 0.02
N GLU B 158 5.83 -24.96 1.31
CA GLU B 158 5.86 -26.01 2.32
C GLU B 158 4.48 -26.63 2.60
N TYR B 159 3.39 -25.92 2.28
CA TYR B 159 2.03 -26.41 2.48
C TYR B 159 1.21 -26.14 1.22
N PRO B 160 1.58 -26.73 0.09
CA PRO B 160 0.92 -26.37 -1.16
C PRO B 160 -0.56 -26.78 -1.25
N ASP B 161 -1.05 -27.57 -0.30
CA ASP B 161 -2.43 -28.05 -0.33
C ASP B 161 -3.26 -27.48 0.82
N ARG B 162 -2.80 -26.42 1.45
CA ARG B 162 -3.61 -25.74 2.44
C ARG B 162 -4.03 -24.39 1.88
N ILE B 163 -5.11 -23.89 2.45
CA ILE B 163 -5.71 -22.65 1.98
C ILE B 163 -4.93 -21.46 2.57
N MET B 164 -4.62 -20.50 1.72
CA MET B 164 -4.04 -19.24 2.12
C MET B 164 -5.08 -18.13 1.96
N ASN B 165 -5.42 -17.46 3.07
CA ASN B 165 -6.43 -16.40 3.20
C ASN B 165 -5.77 -15.16 3.82
N THR B 166 -6.07 -13.96 3.31
CA THR B 166 -5.49 -12.74 3.86
C THR B 166 -6.53 -11.66 4.07
N PHE B 167 -6.28 -10.85 5.11
CA PHE B 167 -6.93 -9.55 5.29
C PHE B 167 -5.90 -8.48 4.93
N SER B 168 -6.07 -7.86 3.78
CA SER B 168 -5.06 -6.95 3.24
C SER B 168 -5.57 -5.52 3.24
N VAL B 169 -4.94 -4.66 4.03
CA VAL B 169 -5.33 -3.25 4.08
C VAL B 169 -4.67 -2.52 2.91
N MET B 170 -5.50 -1.98 2.01
CA MET B 170 -5.06 -1.21 0.85
C MET B 170 -4.77 0.22 1.26
N PRO B 171 -3.72 0.83 0.71
CA PRO B 171 -3.35 2.20 1.08
C PRO B 171 -4.23 3.23 0.41
N SER B 172 -4.41 4.36 1.08
CA SER B 172 -5.11 5.49 0.52
C SER B 172 -4.38 6.80 0.80
N PRO B 173 -4.32 7.69 -0.19
CA PRO B 173 -3.71 9.02 0.05
C PRO B 173 -4.39 9.79 1.18
N LYS B 174 -5.61 9.41 1.58
CA LYS B 174 -6.25 10.10 2.70
C LYS B 174 -5.80 9.58 4.04
N VAL B 175 -5.21 8.39 4.08
CA VAL B 175 -4.61 7.85 5.29
C VAL B 175 -3.28 7.30 4.82
N SER B 176 -2.26 8.15 4.78
CA SER B 176 -1.05 7.84 4.07
C SER B 176 0.15 8.09 4.96
N ASP B 177 1.02 7.08 5.05
CA ASP B 177 2.27 7.27 5.74
C ASP B 177 3.33 7.86 4.81
N THR B 178 3.51 7.26 3.63
CA THR B 178 4.53 7.73 2.70
C THR B 178 3.99 7.67 1.27
N VAL B 179 4.72 8.37 0.37
CA VAL B 179 4.35 8.45 -1.03
C VAL B 179 4.56 7.15 -1.79
N VAL B 180 5.38 6.22 -1.27
CA VAL B 180 5.66 4.99 -2.01
C VAL B 180 4.64 3.88 -1.77
N GLU B 181 3.57 4.14 -1.00
CA GLU B 181 2.53 3.12 -0.82
C GLU B 181 2.01 2.52 -2.13
N PRO B 182 1.71 3.29 -3.18
CA PRO B 182 1.27 2.63 -4.44
C PRO B 182 2.27 1.62 -4.99
N TYR B 183 3.57 1.92 -4.87
CA TYR B 183 4.62 0.95 -5.24
C TYR B 183 4.52 -0.33 -4.41
N ASN B 184 4.52 -0.21 -3.08
CA ASN B 184 4.44 -1.39 -2.24
C ASN B 184 3.15 -2.19 -2.51
N ALA B 185 2.02 -1.49 -2.69
CA ALA B 185 0.76 -2.17 -2.88
C ALA B 185 0.76 -2.95 -4.19
N THR B 186 1.25 -2.33 -5.28
CA THR B 186 1.25 -2.99 -6.58
C THR B 186 2.14 -4.23 -6.58
N LEU B 187 3.29 -4.17 -5.93
CA LEU B 187 4.15 -5.35 -5.92
C LEU B 187 3.49 -6.47 -5.15
N SER B 188 2.78 -6.13 -4.07
CA SER B 188 2.06 -7.11 -3.25
C SER B 188 0.87 -7.71 -3.98
N VAL B 189 0.05 -6.86 -4.61
CA VAL B 189 -1.10 -7.40 -5.33
C VAL B 189 -0.64 -8.44 -6.34
N HIS B 190 0.49 -8.21 -7.00
CA HIS B 190 1.04 -9.19 -7.91
C HIS B 190 1.33 -10.52 -7.19
N GLN B 191 1.76 -10.45 -5.93
CA GLN B 191 2.00 -11.68 -5.18
C GLN B 191 0.68 -12.32 -4.76
N LEU B 192 -0.26 -11.50 -4.31
CA LEU B 192 -1.51 -12.03 -3.79
C LEU B 192 -2.29 -12.73 -4.89
N VAL B 193 -2.30 -12.15 -6.10
CA VAL B 193 -3.03 -12.74 -7.21
C VAL B 193 -2.59 -14.18 -7.43
N GLU B 194 -1.30 -14.44 -7.30
CA GLU B 194 -0.73 -15.74 -7.59
C GLU B 194 -0.79 -16.70 -6.43
N ASN B 195 -0.81 -16.23 -5.17
CA ASN B 195 -0.47 -17.10 -4.05
C ASN B 195 -1.45 -17.08 -2.89
N THR B 196 -2.58 -16.39 -2.98
CA THR B 196 -3.62 -16.57 -1.99
C THR B 196 -4.83 -17.18 -2.67
N ASP B 197 -5.64 -17.86 -1.88
CA ASP B 197 -6.90 -18.36 -2.37
C ASP B 197 -8.04 -17.36 -2.18
N GLU B 198 -7.94 -16.50 -1.18
CA GLU B 198 -8.96 -15.51 -0.85
C GLU B 198 -8.28 -14.35 -0.15
N THR B 199 -8.57 -13.11 -0.55
CA THR B 199 -8.12 -11.98 0.23
C THR B 199 -9.26 -10.99 0.33
N TYR B 200 -9.54 -10.57 1.56
CA TYR B 200 -10.47 -9.49 1.83
C TYR B 200 -9.79 -8.13 1.62
N CYS B 201 -10.29 -7.36 0.65
CA CYS B 201 -9.75 -6.03 0.37
C CYS B 201 -10.30 -5.05 1.38
N ILE B 202 -9.49 -4.74 2.39
CA ILE B 202 -9.84 -3.77 3.41
C ILE B 202 -9.17 -2.44 3.04
N ASP B 203 -9.98 -1.52 2.51
CA ASP B 203 -9.50 -0.29 1.86
C ASP B 203 -9.52 0.85 2.87
N ASN B 204 -8.35 1.42 3.14
CA ASN B 204 -8.28 2.54 4.08
C ASN B 204 -9.08 3.74 3.56
N GLU B 205 -9.23 3.89 2.23
CA GLU B 205 -10.09 4.95 1.73
C GLU B 205 -11.55 4.72 2.16
N ALA B 206 -12.04 3.48 2.02
CA ALA B 206 -13.41 3.20 2.43
C ALA B 206 -13.56 3.34 3.94
N LEU B 207 -12.58 2.88 4.73
CA LEU B 207 -12.69 3.02 6.18
C LEU B 207 -12.67 4.49 6.57
N TYR B 208 -11.84 5.29 5.88
CA TYR B 208 -11.80 6.73 6.17
C TYR B 208 -13.14 7.38 5.84
N ASP B 209 -13.66 7.18 4.62
CA ASP B 209 -14.93 7.78 4.22
C ASP B 209 -16.07 7.38 5.16
N ILE B 210 -16.04 6.15 5.68
CA ILE B 210 -17.11 5.73 6.58
C ILE B 210 -17.02 6.47 7.90
N CYS B 211 -15.81 6.61 8.43
CA CYS B 211 -15.66 7.34 9.69
C CYS B 211 -16.04 8.80 9.52
N PHE B 212 -15.72 9.39 8.37
CA PHE B 212 -15.90 10.82 8.15
C PHE B 212 -17.34 11.17 7.76
N ARG B 213 -17.89 10.48 6.76
CA ARG B 213 -19.21 10.80 6.22
C ARG B 213 -20.33 10.19 7.06
N THR B 214 -20.26 8.89 7.30
CA THR B 214 -21.35 8.22 8.01
C THR B 214 -21.23 8.36 9.53
N LEU B 215 -20.07 8.03 10.10
CA LEU B 215 -19.94 8.09 11.56
C LEU B 215 -19.66 9.48 12.09
N LYS B 216 -19.54 10.46 11.21
CA LYS B 216 -19.37 11.88 11.54
C LYS B 216 -18.12 12.17 12.38
N LEU B 217 -17.09 11.32 12.32
CA LEU B 217 -15.81 11.57 13.01
C LEU B 217 -14.95 12.50 12.15
N THR B 218 -14.73 13.71 12.65
CA THR B 218 -14.09 14.75 11.84
C THR B 218 -12.62 14.43 11.57
N THR B 219 -11.91 13.85 12.55
CA THR B 219 -10.50 13.49 12.42
C THR B 219 -10.28 12.03 12.79
N PRO B 220 -10.54 11.10 11.87
CA PRO B 220 -10.44 9.67 12.19
C PRO B 220 -9.01 9.24 12.46
N THR B 221 -8.84 8.40 13.47
CA THR B 221 -7.55 7.81 13.80
C THR B 221 -7.52 6.36 13.30
N TYR B 222 -6.33 5.75 13.38
CA TYR B 222 -6.23 4.33 13.11
C TYR B 222 -7.11 3.54 14.07
N GLY B 223 -7.31 4.05 15.29
CA GLY B 223 -8.25 3.41 16.21
C GLY B 223 -9.66 3.34 15.64
N ASP B 224 -10.14 4.46 15.07
CA ASP B 224 -11.49 4.46 14.50
C ASP B 224 -11.57 3.60 13.26
N LEU B 225 -10.48 3.55 12.48
CA LEU B 225 -10.46 2.66 11.32
C LEU B 225 -10.52 1.20 11.76
N ASN B 226 -9.75 0.85 12.80
CA ASN B 226 -9.62 -0.54 13.20
C ASN B 226 -10.86 -1.08 13.91
N HIS B 227 -11.70 -0.20 14.44
CA HIS B 227 -13.00 -0.63 14.94
C HIS B 227 -13.85 -1.21 13.82
N LEU B 228 -13.89 -0.53 12.66
CA LEU B 228 -14.55 -1.08 11.50
C LEU B 228 -13.93 -2.40 11.06
N VAL B 229 -12.59 -2.47 11.07
CA VAL B 229 -11.90 -3.65 10.55
C VAL B 229 -12.18 -4.85 11.43
N SER B 230 -12.21 -4.66 12.75
CA SER B 230 -12.47 -5.79 13.62
C SER B 230 -13.94 -6.23 13.57
N ALA B 231 -14.89 -5.30 13.39
CA ALA B 231 -16.27 -5.72 13.22
C ALA B 231 -16.41 -6.55 11.95
N THR B 232 -15.76 -6.12 10.87
CA THR B 232 -15.73 -6.89 9.64
C THR B 232 -15.04 -8.24 9.85
N MET B 233 -13.89 -8.26 10.52
CA MET B 233 -13.16 -9.51 10.64
C MET B 233 -13.94 -10.52 11.48
N SER B 234 -14.56 -10.05 12.56
CA SER B 234 -15.42 -10.92 13.36
C SER B 234 -16.61 -11.43 12.56
N GLY B 235 -17.24 -10.56 11.76
CA GLY B 235 -18.40 -10.99 11.01
C GLY B 235 -18.06 -12.08 9.99
N VAL B 236 -17.04 -11.83 9.16
CA VAL B 236 -16.79 -12.72 8.04
C VAL B 236 -16.30 -14.09 8.49
N THR B 237 -15.75 -14.23 9.69
CA THR B 237 -15.31 -15.53 10.17
C THR B 237 -16.38 -16.27 10.98
N THR B 238 -17.57 -15.68 11.15
CA THR B 238 -18.56 -16.25 12.05
C THR B 238 -18.81 -17.72 11.74
N CYS B 239 -18.99 -18.04 10.47
CA CYS B 239 -19.34 -19.41 10.08
C CYS B 239 -18.17 -20.36 10.16
N LEU B 240 -16.96 -19.84 10.42
CA LEU B 240 -15.82 -20.71 10.70
C LEU B 240 -15.71 -21.01 12.18
N ARG B 241 -16.18 -20.12 13.05
CA ARG B 241 -15.99 -20.21 14.50
C ARG B 241 -17.18 -20.80 15.25
N PHE B 242 -18.39 -20.77 14.67
CA PHE B 242 -19.60 -21.17 15.38
C PHE B 242 -20.35 -22.29 14.65
N PRO B 243 -21.05 -23.15 15.38
CA PRO B 243 -21.84 -24.22 14.73
C PRO B 243 -23.19 -23.70 14.23
N GLY B 244 -23.56 -24.14 13.03
CA GLY B 244 -24.81 -23.75 12.41
C GLY B 244 -25.22 -24.69 11.30
N GLN B 245 -26.23 -24.28 10.51
CA GLN B 245 -26.66 -25.11 9.39
C GLN B 245 -25.59 -25.20 8.31
N LEU B 246 -24.75 -24.17 8.21
CA LEU B 246 -23.62 -24.18 7.29
C LEU B 246 -22.37 -24.13 8.15
N ASN B 247 -21.76 -25.30 8.33
CA ASN B 247 -20.48 -25.38 9.04
C ASN B 247 -19.41 -25.17 7.99
N ALA B 248 -18.85 -23.97 7.96
CA ALA B 248 -17.96 -23.57 6.88
C ALA B 248 -16.52 -23.73 7.32
N ASP B 249 -15.64 -23.82 6.32
CA ASP B 249 -14.20 -23.79 6.51
C ASP B 249 -13.61 -22.99 5.34
N LEU B 250 -12.30 -22.75 5.42
CA LEU B 250 -11.64 -21.90 4.43
C LEU B 250 -11.75 -22.48 3.02
N ARG B 251 -11.71 -23.80 2.87
CA ARG B 251 -11.80 -24.35 1.52
C ARG B 251 -13.21 -24.22 0.95
N LYS B 252 -14.23 -24.46 1.77
CA LYS B 252 -15.60 -24.31 1.28
C LYS B 252 -15.90 -22.86 0.93
N LEU B 253 -15.34 -21.92 1.69
CA LEU B 253 -15.48 -20.52 1.29
C LEU B 253 -14.82 -20.27 -0.07
N ALA B 254 -13.58 -20.75 -0.25
CA ALA B 254 -12.89 -20.53 -1.53
C ALA B 254 -13.67 -21.16 -2.67
N VAL B 255 -14.11 -22.41 -2.51
CA VAL B 255 -14.77 -23.12 -3.61
C VAL B 255 -16.01 -22.38 -4.09
N ASN B 256 -16.82 -21.88 -3.16
CA ASN B 256 -18.10 -21.30 -3.52
C ASN B 256 -18.01 -19.82 -3.87
N MET B 257 -16.91 -19.14 -3.51
CA MET B 257 -16.78 -17.72 -3.79
C MET B 257 -15.91 -17.43 -5.02
N VAL B 258 -15.07 -18.36 -5.46
CA VAL B 258 -14.08 -18.03 -6.47
C VAL B 258 -14.29 -18.80 -7.76
N PRO B 259 -15.04 -18.26 -8.72
CA PRO B 259 -15.27 -18.98 -9.98
C PRO B 259 -14.02 -19.14 -10.84
N PHE B 260 -13.06 -18.24 -10.74
CA PHE B 260 -11.85 -18.33 -11.56
C PHE B 260 -10.68 -17.98 -10.66
N PRO B 261 -9.58 -18.71 -10.74
CA PRO B 261 -8.57 -18.66 -9.67
C PRO B 261 -8.12 -17.25 -9.28
N ARG B 262 -7.89 -16.37 -10.25
CA ARG B 262 -7.28 -15.08 -9.92
C ARG B 262 -8.27 -14.09 -9.35
N LEU B 263 -9.56 -14.24 -9.64
CA LEU B 263 -10.61 -13.34 -9.17
C LEU B 263 -11.05 -13.75 -7.75
N HIS B 264 -10.16 -13.53 -6.78
CA HIS B 264 -10.44 -13.96 -5.41
C HIS B 264 -10.33 -12.80 -4.42
N PHE B 265 -10.64 -11.59 -4.86
CA PHE B 265 -10.53 -10.39 -4.04
C PHE B 265 -11.93 -9.91 -3.70
N PHE B 266 -12.26 -9.88 -2.40
CA PHE B 266 -13.62 -9.72 -1.89
C PHE B 266 -13.85 -8.32 -1.34
N MET B 267 -15.06 -7.79 -1.55
CA MET B 267 -15.53 -6.58 -0.88
C MET B 267 -16.26 -6.96 0.40
N PRO B 268 -15.73 -6.66 1.58
CA PRO B 268 -16.52 -6.88 2.81
C PRO B 268 -17.50 -5.74 3.09
N GLY B 269 -18.59 -6.08 3.74
CA GLY B 269 -19.60 -5.11 4.12
C GLY B 269 -20.09 -5.42 5.51
N PHE B 270 -20.54 -4.38 6.20
CA PHE B 270 -21.03 -4.52 7.56
C PHE B 270 -22.18 -3.56 7.81
N ALA B 271 -23.11 -3.98 8.69
CA ALA B 271 -24.20 -3.16 9.12
C ALA B 271 -24.59 -3.72 10.48
N PRO B 272 -25.02 -2.88 11.42
CA PRO B 272 -25.09 -1.43 11.32
C PRO B 272 -23.70 -0.82 11.48
N LEU B 273 -23.44 0.31 10.84
CA LEU B 273 -22.16 0.99 11.05
C LEU B 273 -22.25 1.82 12.32
N THR B 274 -21.22 1.67 13.15
CA THR B 274 -21.13 2.21 14.50
C THR B 274 -19.74 2.76 14.75
N SER B 275 -19.65 3.77 15.61
CA SER B 275 -18.38 4.33 16.04
C SER B 275 -18.05 3.88 17.45
N ARG B 276 -16.76 3.83 17.75
CA ARG B 276 -16.30 3.36 19.06
C ARG B 276 -16.90 4.21 20.19
N GLY B 277 -17.33 3.54 21.25
CA GLY B 277 -17.79 4.24 22.45
C GLY B 277 -19.25 4.64 22.49
N SER B 278 -19.76 5.20 21.39
CA SER B 278 -21.16 5.62 21.32
C SER B 278 -21.99 4.46 20.80
N GLN B 279 -22.83 3.89 21.66
CA GLN B 279 -23.80 2.87 21.30
C GLN B 279 -25.16 3.52 21.09
N GLN B 280 -25.87 3.07 20.06
CA GLN B 280 -27.24 3.47 19.84
C GLN B 280 -28.16 2.30 20.17
N TYR B 281 -29.36 2.63 20.61
CA TYR B 281 -30.19 1.75 21.43
C TYR B 281 -31.36 1.14 20.67
N ARG B 282 -31.60 1.52 19.42
CA ARG B 282 -32.65 0.93 18.61
C ARG B 282 -32.02 -0.12 17.71
N ALA B 283 -32.39 -1.39 17.90
CA ALA B 283 -31.91 -2.43 17.00
C ALA B 283 -32.49 -2.21 15.61
N LEU B 284 -31.78 -2.69 14.60
CA LEU B 284 -32.31 -2.59 13.27
C LEU B 284 -33.33 -3.69 13.00
N THR B 285 -34.22 -3.42 12.06
CA THR B 285 -35.11 -4.45 11.55
C THR B 285 -34.39 -5.19 10.45
N VAL B 286 -34.72 -6.47 10.27
CA VAL B 286 -34.07 -7.31 9.28
C VAL B 286 -34.08 -6.59 7.93
N PRO B 287 -35.18 -5.96 7.52
CA PRO B 287 -35.13 -5.18 6.27
C PRO B 287 -34.09 -4.08 6.30
N GLU B 288 -33.87 -3.45 7.45
CA GLU B 288 -32.84 -2.42 7.53
C GLU B 288 -31.43 -3.01 7.42
N LEU B 289 -31.15 -4.10 8.14
CA LEU B 289 -29.87 -4.80 7.98
C LEU B 289 -29.57 -5.10 6.53
N THR B 290 -30.55 -5.70 5.83
CA THR B 290 -30.33 -6.12 4.45
C THR B 290 -29.99 -4.93 3.58
N GLN B 291 -30.77 -3.84 3.68
CA GLN B 291 -30.52 -2.69 2.81
C GLN B 291 -29.21 -2.01 3.13
N GLN B 292 -28.89 -1.82 4.40
CA GLN B 292 -27.64 -1.15 4.75
C GLN B 292 -26.44 -2.00 4.36
N MET B 293 -26.54 -3.32 4.53
CA MET B 293 -25.39 -4.18 4.25
C MET B 293 -25.03 -4.19 2.77
N PHE B 294 -26.00 -4.02 1.87
CA PHE B 294 -25.73 -3.94 0.45
C PHE B 294 -25.45 -2.52 -0.04
N ASP B 295 -25.60 -1.53 0.83
CA ASP B 295 -25.41 -0.15 0.44
C ASP B 295 -23.93 0.15 0.23
N SER B 296 -23.63 0.91 -0.81
CA SER B 296 -22.21 1.22 -1.08
C SER B 296 -21.56 1.92 0.12
N LYS B 297 -22.34 2.67 0.92
CA LYS B 297 -21.77 3.34 2.07
C LYS B 297 -21.37 2.38 3.17
N ASN B 298 -21.68 1.09 3.04
CA ASN B 298 -21.27 0.11 4.03
C ASN B 298 -20.15 -0.80 3.52
N MET B 299 -19.63 -0.55 2.32
CA MET B 299 -18.56 -1.40 1.79
C MET B 299 -17.21 -0.93 2.32
N MET B 300 -16.34 -1.88 2.65
CA MET B 300 -15.01 -1.56 3.14
C MET B 300 -13.98 -1.52 2.02
N ALA B 301 -14.40 -1.49 0.75
CA ALA B 301 -13.45 -1.53 -0.35
C ALA B 301 -13.59 -0.37 -1.30
N ALA B 302 -14.41 0.62 -1.00
CA ALA B 302 -14.45 1.88 -1.78
C ALA B 302 -14.58 1.65 -3.29
N CYS B 303 -15.58 0.85 -3.65
CA CYS B 303 -15.98 0.61 -5.03
C CYS B 303 -17.49 0.70 -5.08
N ASP B 304 -18.01 1.37 -6.10
CA ASP B 304 -19.45 1.41 -6.27
C ASP B 304 -19.90 0.06 -6.83
N PRO B 305 -20.71 -0.71 -6.08
CA PRO B 305 -21.17 -2.00 -6.61
C PRO B 305 -22.05 -1.88 -7.85
N ARG B 306 -22.76 -0.76 -8.04
CA ARG B 306 -23.53 -0.55 -9.26
C ARG B 306 -22.64 -0.33 -10.49
N HIS B 307 -21.33 -0.21 -10.31
CA HIS B 307 -20.42 -0.15 -11.44
C HIS B 307 -19.94 -1.51 -11.88
N GLY B 308 -20.46 -2.58 -11.27
CA GLY B 308 -20.09 -3.92 -11.66
C GLY B 308 -21.18 -4.95 -11.42
N ARG B 309 -20.80 -6.23 -11.39
CA ARG B 309 -21.74 -7.30 -11.12
C ARG B 309 -21.19 -8.19 -10.02
N TYR B 310 -22.10 -8.72 -9.20
CA TYR B 310 -21.72 -9.68 -8.19
C TYR B 310 -21.59 -11.06 -8.83
N LEU B 311 -20.38 -11.62 -8.80
CA LEU B 311 -20.22 -13.01 -9.17
C LEU B 311 -20.85 -13.92 -8.13
N THR B 312 -20.51 -13.71 -6.86
CA THR B 312 -21.04 -14.47 -5.73
C THR B 312 -21.14 -13.54 -4.55
N VAL B 313 -21.98 -13.91 -3.59
CA VAL B 313 -22.18 -13.15 -2.37
C VAL B 313 -22.36 -14.14 -1.24
N ALA B 314 -21.74 -13.86 -0.10
CA ALA B 314 -21.96 -14.62 1.10
C ALA B 314 -22.34 -13.62 2.20
N ALA B 315 -23.44 -13.91 2.90
CA ALA B 315 -23.98 -13.02 3.93
C ALA B 315 -24.16 -13.82 5.20
N ILE B 316 -23.98 -13.15 6.33
CA ILE B 316 -24.19 -13.78 7.63
C ILE B 316 -24.89 -12.79 8.54
N PHE B 317 -26.02 -13.22 9.12
CA PHE B 317 -26.82 -12.41 10.03
C PHE B 317 -26.62 -12.91 11.45
N ARG B 318 -26.27 -12.01 12.35
CA ARG B 318 -25.96 -12.35 13.73
C ARG B 318 -26.94 -11.69 14.69
N GLY B 319 -27.45 -12.49 15.63
CA GLY B 319 -28.46 -12.04 16.57
C GLY B 319 -29.72 -12.89 16.48
N ARG B 320 -30.65 -12.59 17.38
CA ARG B 320 -31.91 -13.30 17.48
C ARG B 320 -32.94 -12.66 16.54
N MET B 321 -33.39 -13.41 15.53
CA MET B 321 -34.24 -12.83 14.50
C MET B 321 -34.92 -13.96 13.72
N SER B 322 -35.89 -13.56 12.88
CA SER B 322 -36.62 -14.53 12.08
C SER B 322 -35.79 -14.95 10.87
N MET B 323 -35.43 -16.23 10.81
CA MET B 323 -34.81 -16.75 9.60
C MET B 323 -35.74 -16.67 8.39
N LYS B 324 -37.06 -16.75 8.62
CA LYS B 324 -37.97 -16.54 7.50
C LYS B 324 -37.86 -15.12 6.98
N GLU B 325 -37.80 -14.14 7.87
CA GLU B 325 -37.69 -12.77 7.42
C GLU B 325 -36.32 -12.51 6.76
N VAL B 326 -35.27 -13.14 7.27
CA VAL B 326 -33.96 -13.00 6.67
C VAL B 326 -33.97 -13.56 5.25
N ASP B 327 -34.56 -14.76 5.07
CA ASP B 327 -34.64 -15.37 3.74
C ASP B 327 -35.45 -14.51 2.78
N GLU B 328 -36.60 -14.00 3.23
CA GLU B 328 -37.44 -13.20 2.36
C GLU B 328 -36.74 -11.91 1.98
N GLN B 329 -36.05 -11.28 2.94
CA GLN B 329 -35.38 -10.02 2.68
C GLN B 329 -34.19 -10.21 1.75
N MET B 330 -33.43 -11.30 1.93
CA MET B 330 -32.32 -11.57 1.01
C MET B 330 -32.84 -11.92 -0.38
N LEU B 331 -33.92 -12.71 -0.45
CA LEU B 331 -34.54 -12.99 -1.73
C LEU B 331 -35.08 -11.73 -2.37
N ASN B 332 -35.57 -10.79 -1.55
CA ASN B 332 -36.10 -9.55 -2.07
C ASN B 332 -35.02 -8.74 -2.77
N VAL B 333 -33.86 -8.56 -2.13
CA VAL B 333 -32.81 -7.71 -2.69
C VAL B 333 -32.34 -8.25 -4.03
N GLN B 334 -32.20 -9.58 -4.17
CA GLN B 334 -31.75 -10.16 -5.44
C GLN B 334 -32.82 -10.03 -6.52
N ASN B 335 -34.08 -10.29 -6.19
CA ASN B 335 -35.14 -10.20 -7.20
C ASN B 335 -35.37 -8.76 -7.64
N LYS B 336 -35.28 -7.79 -6.73
CA LYS B 336 -35.42 -6.38 -7.10
C LYS B 336 -34.18 -5.82 -7.80
N ASN B 337 -33.03 -6.49 -7.72
CA ASN B 337 -31.80 -5.97 -8.31
C ASN B 337 -31.08 -7.00 -9.17
N SER B 338 -31.84 -7.94 -9.76
CA SER B 338 -31.28 -9.09 -10.46
C SER B 338 -30.23 -8.73 -11.51
N SER B 339 -30.29 -7.52 -12.07
CA SER B 339 -29.31 -7.15 -13.10
C SER B 339 -27.89 -7.06 -12.56
N TYR B 340 -27.72 -6.90 -11.25
CA TYR B 340 -26.40 -6.80 -10.63
C TYR B 340 -25.85 -8.13 -10.15
N PHE B 341 -26.49 -9.23 -10.52
CA PHE B 341 -25.98 -10.56 -10.19
C PHE B 341 -25.81 -11.32 -11.49
N VAL B 342 -24.60 -11.84 -11.73
CA VAL B 342 -24.38 -12.55 -12.98
C VAL B 342 -25.42 -13.65 -13.09
N GLU B 343 -26.04 -13.74 -14.25
CA GLU B 343 -27.05 -14.75 -14.55
C GLU B 343 -26.43 -16.12 -14.79
N TRP B 344 -25.13 -16.19 -15.06
CA TRP B 344 -24.50 -17.46 -15.38
C TRP B 344 -23.96 -18.18 -14.15
N ILE B 345 -24.24 -17.67 -12.96
CA ILE B 345 -23.96 -18.44 -11.75
C ILE B 345 -25.27 -18.53 -11.00
N PRO B 346 -26.05 -19.58 -11.20
CA PRO B 346 -27.37 -19.64 -10.56
C PRO B 346 -27.22 -19.60 -9.05
N ASN B 347 -28.13 -18.87 -8.42
CA ASN B 347 -28.23 -18.84 -6.96
C ASN B 347 -26.89 -18.48 -6.32
N ASN B 348 -26.29 -17.39 -6.77
CA ASN B 348 -24.94 -17.04 -6.33
C ASN B 348 -24.93 -16.25 -5.00
N VAL B 349 -26.07 -16.15 -4.31
CA VAL B 349 -26.19 -15.49 -3.01
C VAL B 349 -26.58 -16.54 -1.97
N LYS B 350 -25.81 -16.65 -0.91
CA LYS B 350 -26.04 -17.64 0.12
C LYS B 350 -25.93 -16.96 1.48
N THR B 351 -26.86 -17.28 2.37
CA THR B 351 -27.03 -16.58 3.63
C THR B 351 -26.92 -17.57 4.77
N ALA B 352 -26.21 -17.17 5.81
CA ALA B 352 -26.10 -17.92 7.04
C ALA B 352 -26.58 -17.04 8.18
N VAL B 353 -26.91 -17.68 9.29
CA VAL B 353 -27.45 -16.98 10.45
C VAL B 353 -26.80 -17.61 11.67
N CYS B 354 -26.37 -16.79 12.62
CA CYS B 354 -25.84 -17.28 13.87
C CYS B 354 -26.49 -16.51 15.01
N ASP B 355 -26.75 -17.19 16.12
CA ASP B 355 -27.54 -16.58 17.19
C ASP B 355 -26.73 -15.58 17.99
N ILE B 356 -25.45 -15.85 18.21
CA ILE B 356 -24.65 -14.94 19.03
C ILE B 356 -24.39 -13.65 18.25
N PRO B 357 -24.78 -12.49 18.77
CA PRO B 357 -24.44 -11.23 18.12
C PRO B 357 -23.08 -10.74 18.61
N PRO B 358 -22.45 -9.82 17.90
CA PRO B 358 -21.23 -9.21 18.42
C PRO B 358 -21.51 -8.30 19.61
N ARG B 359 -20.45 -7.99 20.34
CA ARG B 359 -20.54 -7.13 21.52
C ARG B 359 -21.16 -5.78 21.16
N GLY B 360 -22.18 -5.38 21.90
CA GLY B 360 -22.76 -4.08 21.74
C GLY B 360 -23.89 -3.99 20.75
N LEU B 361 -24.11 -5.01 19.93
CA LEU B 361 -25.19 -5.03 18.96
C LEU B 361 -26.17 -6.14 19.28
N LYS B 362 -27.47 -5.83 19.22
CA LYS B 362 -28.45 -6.92 19.25
C LYS B 362 -28.56 -7.63 17.91
N MET B 363 -28.17 -6.97 16.81
CA MET B 363 -28.30 -7.60 15.50
C MET B 363 -27.32 -6.98 14.52
N SER B 364 -26.66 -7.82 13.74
CA SER B 364 -25.73 -7.33 12.75
C SER B 364 -25.84 -8.18 11.50
N ALA B 365 -25.36 -7.61 10.39
CA ALA B 365 -25.27 -8.34 9.13
C ALA B 365 -23.89 -8.08 8.52
N THR B 366 -23.17 -9.14 8.17
CA THR B 366 -21.89 -9.00 7.49
C THR B 366 -22.00 -9.50 6.06
N PHE B 367 -21.32 -8.82 5.15
CA PHE B 367 -21.47 -9.03 3.73
C PHE B 367 -20.10 -9.35 3.16
N ILE B 368 -20.01 -10.38 2.30
CA ILE B 368 -18.77 -10.72 1.60
C ILE B 368 -19.08 -10.83 0.11
N GLY B 369 -18.62 -9.85 -0.68
CA GLY B 369 -18.96 -9.80 -2.09
C GLY B 369 -17.75 -10.07 -2.98
N ASN B 370 -17.94 -10.95 -3.97
CA ASN B 370 -16.98 -11.06 -5.04
C ASN B 370 -17.60 -10.34 -6.23
N SER B 371 -17.36 -9.03 -6.30
CA SER B 371 -17.92 -8.14 -7.31
C SER B 371 -16.88 -7.73 -8.34
N THR B 372 -17.27 -7.66 -9.60
CA THR B 372 -16.34 -7.12 -10.59
C THR B 372 -16.05 -5.63 -10.36
N ALA B 373 -16.82 -4.95 -9.50
CA ALA B 373 -16.49 -3.58 -9.20
C ALA B 373 -15.20 -3.43 -8.40
N ILE B 374 -14.63 -4.52 -7.87
CA ILE B 374 -13.36 -4.39 -7.17
C ILE B 374 -12.27 -3.86 -8.07
N GLN B 375 -12.42 -4.00 -9.39
CA GLN B 375 -11.41 -3.48 -10.29
C GLN B 375 -11.15 -2.00 -10.07
N GLU B 376 -12.16 -1.26 -9.61
CA GLU B 376 -11.97 0.16 -9.33
C GLU B 376 -10.84 0.37 -8.33
N LEU B 377 -10.78 -0.47 -7.29
CA LEU B 377 -9.69 -0.43 -6.33
C LEU B 377 -8.35 -0.56 -7.02
N PHE B 378 -8.20 -1.57 -7.87
CA PHE B 378 -6.90 -1.82 -8.47
C PHE B 378 -6.54 -0.76 -9.50
N LYS B 379 -7.51 -0.20 -10.23
CA LYS B 379 -7.22 0.91 -11.15
C LYS B 379 -6.72 2.13 -10.39
N ARG B 380 -7.38 2.46 -9.29
CA ARG B 380 -6.96 3.60 -8.47
C ARG B 380 -5.48 3.46 -8.13
N ILE B 381 -5.11 2.27 -7.67
CA ILE B 381 -3.73 2.04 -7.29
C ILE B 381 -2.83 2.05 -8.52
N SER B 382 -3.32 1.51 -9.64
CA SER B 382 -2.54 1.56 -10.87
C SER B 382 -2.25 3.01 -11.31
N GLU B 383 -3.24 3.89 -11.22
CA GLU B 383 -3.01 5.29 -11.62
C GLU B 383 -1.94 5.94 -10.77
N GLN B 384 -2.04 5.78 -9.45
CA GLN B 384 -1.05 6.37 -8.56
C GLN B 384 0.33 5.82 -8.80
N PHE B 385 0.44 4.55 -9.16
CA PHE B 385 1.72 3.91 -9.41
C PHE B 385 2.39 4.53 -10.63
N THR B 386 1.68 4.57 -11.77
CA THR B 386 2.27 5.10 -13.01
C THR B 386 2.55 6.60 -12.92
N ALA B 387 1.76 7.35 -12.17
CA ALA B 387 2.05 8.78 -12.00
C ALA B 387 3.47 8.97 -11.53
N MET B 388 3.96 8.09 -10.65
CA MET B 388 5.33 8.17 -10.18
C MET B 388 6.26 7.35 -11.07
N PHE B 389 5.83 6.14 -11.43
CA PHE B 389 6.68 5.23 -12.18
C PHE B 389 7.10 5.79 -13.53
N ARG B 390 6.25 6.56 -14.21
CA ARG B 390 6.63 7.10 -15.52
C ARG B 390 7.86 8.01 -15.45
N ARG B 391 8.13 8.59 -14.28
CA ARG B 391 9.34 9.37 -14.02
C ARG B 391 10.32 8.60 -13.15
N LYS B 392 10.03 7.32 -12.91
CA LYS B 392 10.93 6.48 -12.12
C LYS B 392 11.18 7.13 -10.75
N ALA B 393 10.19 7.83 -10.22
CA ALA B 393 10.40 8.61 -9.02
C ALA B 393 10.37 7.69 -7.80
N PHE B 394 11.29 7.95 -6.86
CA PHE B 394 11.47 7.19 -5.64
C PHE B 394 11.94 5.75 -5.87
N LEU B 395 12.33 5.39 -7.09
CA LEU B 395 12.82 4.03 -7.33
C LEU B 395 14.13 3.72 -6.60
N HIS B 396 15.01 4.71 -6.37
CA HIS B 396 16.31 4.40 -5.80
C HIS B 396 16.17 3.68 -4.45
N TRP B 397 15.09 3.97 -3.71
CA TRP B 397 14.86 3.25 -2.46
C TRP B 397 14.82 1.75 -2.70
N TYR B 398 14.39 1.32 -3.90
CA TYR B 398 14.21 -0.08 -4.26
C TYR B 398 15.40 -0.64 -5.03
N THR B 399 15.94 0.10 -6.00
CA THR B 399 17.16 -0.37 -6.65
C THR B 399 18.31 -0.50 -5.64
N GLY B 400 18.29 0.35 -4.59
CA GLY B 400 19.27 0.22 -3.53
C GLY B 400 19.29 -1.14 -2.85
N GLU B 401 18.16 -1.86 -2.83
CA GLU B 401 18.10 -3.21 -2.27
C GLU B 401 18.28 -4.31 -3.32
N GLY B 402 18.65 -3.97 -4.55
CA GLY B 402 18.88 -4.99 -5.55
C GLY B 402 17.75 -5.19 -6.55
N MET B 403 16.64 -4.50 -6.40
CA MET B 403 15.52 -4.68 -7.32
C MET B 403 15.83 -3.97 -8.62
N ASP B 404 15.22 -4.47 -9.69
CA ASP B 404 15.31 -3.94 -11.02
C ASP B 404 13.97 -3.33 -11.45
N GLU B 405 14.05 -2.29 -12.28
CA GLU B 405 12.84 -1.66 -12.81
C GLU B 405 11.93 -2.70 -13.44
N MET B 406 12.53 -3.67 -14.13
CA MET B 406 11.76 -4.70 -14.81
C MET B 406 10.73 -5.33 -13.87
N GLU B 407 11.12 -5.56 -12.62
CA GLU B 407 10.21 -6.16 -11.66
C GLU B 407 8.96 -5.32 -11.48
N PHE B 408 9.13 -4.00 -11.42
CA PHE B 408 7.99 -3.08 -11.31
C PHE B 408 7.10 -3.17 -12.53
N THR B 409 7.71 -3.26 -13.72
CA THR B 409 6.93 -3.42 -14.94
C THR B 409 6.10 -4.69 -14.91
N GLU B 410 6.66 -5.81 -14.47
CA GLU B 410 5.85 -7.03 -14.46
C GLU B 410 4.67 -6.87 -13.51
N ALA B 411 4.93 -6.36 -12.30
CA ALA B 411 3.88 -6.21 -11.30
C ALA B 411 2.75 -5.31 -11.78
N GLU B 412 3.09 -4.17 -12.36
CA GLU B 412 2.06 -3.27 -12.88
C GLU B 412 1.26 -3.92 -14.00
N SER B 413 1.95 -4.67 -14.86
CA SER B 413 1.28 -5.31 -15.98
C SER B 413 0.39 -6.47 -15.50
N ASN B 414 0.83 -7.21 -14.47
CA ASN B 414 -0.04 -8.22 -13.91
C ASN B 414 -1.28 -7.59 -13.29
N MET B 415 -1.11 -6.48 -12.55
CA MET B 415 -2.30 -5.83 -11.98
C MET B 415 -3.24 -5.30 -13.08
N ASN B 416 -2.68 -4.78 -14.18
CA ASN B 416 -3.56 -4.35 -15.26
C ASN B 416 -4.30 -5.55 -15.87
N ASP B 417 -3.65 -6.72 -15.96
CA ASP B 417 -4.33 -7.93 -16.41
C ASP B 417 -5.47 -8.29 -15.48
N LEU B 418 -5.24 -8.22 -14.16
CA LEU B 418 -6.32 -8.51 -13.22
C LEU B 418 -7.51 -7.59 -13.46
N VAL B 419 -7.25 -6.32 -13.76
CA VAL B 419 -8.34 -5.38 -14.03
C VAL B 419 -9.10 -5.78 -15.28
N SER B 420 -8.39 -6.13 -16.35
CA SER B 420 -9.04 -6.58 -17.58
C SER B 420 -9.90 -7.81 -17.33
N GLU B 421 -9.38 -8.79 -16.59
CA GLU B 421 -10.14 -10.00 -16.34
C GLU B 421 -11.42 -9.70 -15.58
N TYR B 422 -11.36 -8.80 -14.59
CA TYR B 422 -12.59 -8.41 -13.91
C TYR B 422 -13.56 -7.72 -14.87
N GLN B 423 -13.03 -6.97 -15.83
CA GLN B 423 -13.87 -6.31 -16.82
C GLN B 423 -14.48 -7.31 -17.79
N GLN B 424 -13.79 -8.42 -18.03
CA GLN B 424 -14.31 -9.47 -18.90
C GLN B 424 -15.68 -9.97 -18.43
N TYR B 425 -15.82 -10.20 -17.13
CA TYR B 425 -17.02 -10.82 -16.58
C TYR B 425 -18.12 -9.82 -16.21
N GLN B 426 -17.79 -8.54 -16.09
CA GLN B 426 -18.79 -7.51 -15.87
C GLN B 426 -19.83 -7.46 -16.99
N ASP B 427 -19.48 -7.93 -18.19
CA ASP B 427 -20.36 -7.83 -19.34
C ASP B 427 -21.04 -9.14 -19.72
N ALA B 428 -20.39 -10.28 -19.47
CA ALA B 428 -20.99 -11.58 -19.76
C ALA B 428 -22.32 -11.77 -19.04
N MET C 1 17.50 0.82 20.52
CA MET C 1 18.71 1.26 19.81
C MET C 1 18.40 2.38 18.84
N ARG C 2 18.96 2.27 17.63
CA ARG C 2 18.95 3.35 16.65
C ARG C 2 19.72 4.60 17.13
N GLU C 3 21.02 4.45 17.36
CA GLU C 3 21.85 5.58 17.79
C GLU C 3 22.22 6.43 16.59
N CYS C 4 22.51 7.72 16.84
CA CYS C 4 23.02 8.67 15.84
C CYS C 4 24.28 9.30 16.38
N ILE C 5 25.32 9.32 15.58
CA ILE C 5 26.57 9.97 15.94
C ILE C 5 26.64 11.30 15.19
N SER C 6 26.87 12.36 15.94
CA SER C 6 27.01 13.71 15.40
C SER C 6 28.50 14.01 15.22
N ILE C 7 28.87 14.56 14.08
CA ILE C 7 30.24 14.94 13.81
C ILE C 7 30.23 16.42 13.47
N HIS C 8 31.01 17.21 14.22
CA HIS C 8 31.05 18.66 14.09
C HIS C 8 32.43 19.07 13.58
N VAL C 9 32.45 19.70 12.40
CA VAL C 9 33.68 19.90 11.61
C VAL C 9 33.89 21.40 11.37
N GLY C 10 35.06 21.90 11.78
CA GLY C 10 35.46 23.28 11.56
C GLY C 10 34.81 24.25 12.54
N GLN C 11 35.11 25.54 12.37
CA GLN C 11 34.57 26.51 13.31
C GLN C 11 33.04 26.52 13.29
N ALA C 12 32.41 26.68 12.14
CA ALA C 12 30.95 26.75 12.10
C ALA C 12 30.32 25.51 12.74
N GLY C 13 30.79 24.31 12.37
CA GLY C 13 30.17 23.08 12.86
C GLY C 13 30.37 22.88 14.36
N VAL C 14 31.55 23.19 14.85
CA VAL C 14 31.81 23.07 16.29
C VAL C 14 30.91 24.03 17.06
N GLN C 15 30.89 25.29 16.66
CA GLN C 15 30.13 26.28 17.44
C GLN C 15 28.64 26.03 17.33
N ILE C 16 28.16 25.60 16.17
CA ILE C 16 26.76 25.22 16.05
C ILE C 16 26.50 23.97 16.89
N GLY C 17 27.48 23.06 16.94
CA GLY C 17 27.37 21.90 17.82
C GLY C 17 27.28 22.28 19.29
N ASN C 18 27.99 23.33 19.71
CA ASN C 18 27.82 23.79 21.09
C ASN C 18 26.39 24.24 21.33
N ALA C 19 25.86 25.07 20.44
CA ALA C 19 24.49 25.54 20.61
C ALA C 19 23.51 24.36 20.67
N CYS C 20 23.66 23.37 19.79
CA CYS C 20 22.72 22.25 19.75
C CYS C 20 22.80 21.40 21.02
N TRP C 21 24.00 21.00 21.45
CA TRP C 21 24.07 20.14 22.62
C TRP C 21 23.64 20.88 23.87
N GLU C 22 23.93 22.18 23.98
CA GLU C 22 23.36 22.92 25.10
C GLU C 22 21.84 22.84 25.06
N LEU C 23 21.26 23.05 23.88
CA LEU C 23 19.80 22.98 23.79
C LEU C 23 19.31 21.57 24.13
N TYR C 24 19.91 20.53 23.55
CA TYR C 24 19.53 19.15 23.89
C TYR C 24 19.58 18.90 25.38
N CYS C 25 20.65 19.36 26.04
CA CYS C 25 20.71 19.14 27.49
C CYS C 25 19.53 19.81 28.19
N LEU C 26 19.18 21.04 27.79
CA LEU C 26 18.04 21.70 28.43
C LEU C 26 16.74 20.94 28.17
N GLU C 27 16.55 20.44 26.95
CA GLU C 27 15.30 19.77 26.62
C GLU C 27 15.14 18.46 27.41
N HIS C 28 16.25 17.78 27.73
CA HIS C 28 16.17 16.49 28.41
C HIS C 28 16.49 16.57 29.90
N GLY C 29 16.76 17.75 30.44
CA GLY C 29 17.07 17.81 31.84
C GLY C 29 18.40 17.18 32.18
N ILE C 30 19.40 17.34 31.31
CA ILE C 30 20.76 16.88 31.59
C ILE C 30 21.56 18.08 32.05
N GLN C 31 22.23 17.94 33.19
CA GLN C 31 22.98 19.03 33.79
C GLN C 31 24.34 19.17 33.14
N PRO C 32 25.02 20.28 33.38
CA PRO C 32 26.33 20.48 32.75
C PRO C 32 27.36 19.40 33.10
N ASP C 33 27.16 18.65 34.19
CA ASP C 33 28.05 17.54 34.51
C ASP C 33 27.62 16.22 33.85
N GLY C 34 26.50 16.21 33.15
CA GLY C 34 26.02 15.01 32.51
C GLY C 34 25.02 14.23 33.34
N GLN C 35 24.76 14.67 34.57
CA GLN C 35 23.81 13.97 35.40
C GLN C 35 22.40 14.34 34.94
N MET C 36 21.51 13.34 34.91
CA MET C 36 20.11 13.48 34.51
C MET C 36 19.22 12.84 35.58
N PRO C 37 18.82 13.60 36.61
CA PRO C 37 18.09 12.99 37.75
C PRO C 37 16.86 12.18 37.38
N SER C 38 16.22 12.48 36.25
CA SER C 38 15.01 11.75 35.90
C SER C 38 15.30 10.41 35.21
N ASP C 39 16.53 10.18 34.75
CA ASP C 39 16.90 8.86 34.20
C ASP C 39 17.12 7.93 35.38
N LYS C 40 16.15 7.05 35.64
CA LYS C 40 16.31 6.06 36.71
C LYS C 40 17.13 4.85 36.26
N THR C 41 17.35 4.67 34.95
CA THR C 41 18.20 3.63 34.36
C THR C 41 19.65 4.10 34.42
N ILE C 42 20.33 3.76 35.49
CA ILE C 42 21.72 4.22 35.63
C ILE C 42 22.61 3.40 34.73
N GLY C 43 23.46 4.07 33.95
CA GLY C 43 24.44 3.40 33.13
C GLY C 43 23.94 2.94 31.78
N GLY C 44 22.63 2.94 31.56
CA GLY C 44 22.11 2.50 30.29
C GLY C 44 20.64 2.82 30.15
N GLY C 45 20.01 2.14 29.20
CA GLY C 45 18.61 2.30 28.88
C GLY C 45 18.43 2.40 27.39
N ASP C 46 17.22 2.06 26.93
CA ASP C 46 16.84 2.19 25.53
C ASP C 46 15.83 3.33 25.33
N ASP C 47 15.98 4.39 26.11
CA ASP C 47 15.10 5.55 25.99
C ASP C 47 15.36 6.32 24.69
N SER C 48 14.38 7.15 24.32
CA SER C 48 14.53 7.91 23.09
C SER C 48 15.76 8.81 23.15
N PHE C 49 15.99 9.49 24.28
CA PHE C 49 17.14 10.38 24.29
C PHE C 49 18.44 9.61 24.15
N ASN C 50 18.42 8.30 24.33
CA ASN C 50 19.65 7.51 24.20
C ASN C 50 20.14 7.38 22.77
N THR C 51 19.33 7.74 21.76
CA THR C 51 19.84 7.83 20.41
C THR C 51 20.94 8.88 20.31
N PHE C 52 20.90 9.92 21.18
CA PHE C 52 21.90 10.98 21.12
C PHE C 52 22.87 11.00 22.28
N PHE C 53 22.57 10.36 23.42
CA PHE C 53 23.47 10.31 24.57
C PHE C 53 23.74 8.88 24.99
N SER C 54 25.02 8.54 25.18
CA SER C 54 25.34 7.33 25.93
C SER C 54 25.37 7.66 27.42
N GLU C 55 25.31 6.59 28.23
CA GLU C 55 25.35 6.71 29.68
C GLU C 55 26.56 5.96 30.25
N THR C 56 27.29 6.59 31.18
CA THR C 56 28.32 5.90 31.95
C THR C 56 27.70 5.33 33.22
N GLY C 57 28.44 4.40 33.84
CA GLY C 57 27.99 3.79 35.09
C GLY C 57 27.79 4.77 36.23
N ALA C 58 28.60 5.82 36.28
CA ALA C 58 28.51 6.89 37.26
C ALA C 58 27.40 7.90 36.93
N GLY C 59 26.48 7.54 36.03
CA GLY C 59 25.31 8.32 35.71
C GLY C 59 25.48 9.45 34.72
N LYS C 60 26.63 9.57 34.05
CA LYS C 60 26.86 10.66 33.13
C LYS C 60 26.32 10.35 31.72
N HIS C 61 25.58 11.31 31.17
CA HIS C 61 25.04 11.20 29.82
C HIS C 61 25.93 12.02 28.89
N VAL C 62 26.59 11.32 27.97
CA VAL C 62 27.66 11.85 27.14
C VAL C 62 27.14 11.96 25.71
N PRO C 63 27.25 13.12 25.08
CA PRO C 63 26.86 13.24 23.68
C PRO C 63 27.55 12.17 22.83
N ARG C 64 26.80 11.59 21.89
CA ARG C 64 27.39 10.74 20.85
C ARG C 64 27.93 11.64 19.73
N ALA C 65 29.05 12.28 20.01
CA ALA C 65 29.52 13.37 19.19
C ALA C 65 31.04 13.35 19.11
N VAL C 66 31.53 13.77 17.95
CA VAL C 66 32.94 14.08 17.81
C VAL C 66 33.04 15.48 17.24
N PHE C 67 33.91 16.29 17.83
CA PHE C 67 34.25 17.61 17.34
C PHE C 67 35.64 17.53 16.73
N VAL C 68 35.81 18.11 15.54
CA VAL C 68 37.06 18.05 14.81
C VAL C 68 37.35 19.44 14.25
N ASP C 69 38.55 19.95 14.49
CA ASP C 69 38.98 21.17 13.83
C ASP C 69 40.48 21.05 13.56
N LEU C 70 40.96 21.74 12.53
CA LEU C 70 42.38 21.63 12.19
C LEU C 70 43.26 22.61 12.96
N GLU C 71 42.69 23.32 13.94
CA GLU C 71 43.35 24.26 14.82
C GLU C 71 42.63 24.18 16.15
N PRO C 72 43.30 24.53 17.26
CA PRO C 72 42.74 24.28 18.59
C PRO C 72 41.87 25.39 19.15
N THR C 73 41.89 26.59 18.56
CA THR C 73 41.24 27.76 19.18
C THR C 73 39.77 27.55 19.52
N VAL C 74 38.97 27.04 18.58
CA VAL C 74 37.53 26.98 18.83
C VAL C 74 37.19 25.83 19.75
N ILE C 75 37.79 24.65 19.53
CA ILE C 75 37.47 23.52 20.39
C ILE C 75 38.06 23.72 21.79
N ASP C 76 39.12 24.51 21.95
CA ASP C 76 39.61 24.84 23.29
C ASP C 76 38.53 25.48 24.14
N GLU C 77 37.61 26.26 23.52
CA GLU C 77 36.52 26.85 24.30
C GLU C 77 35.51 25.81 24.75
N VAL C 78 35.32 24.74 23.97
CA VAL C 78 34.53 23.63 24.50
C VAL C 78 35.25 22.97 25.68
N ARG C 79 36.58 22.80 25.57
CA ARG C 79 37.36 22.15 26.64
C ARG C 79 37.35 22.94 27.94
N THR C 80 37.18 24.27 27.86
CA THR C 80 37.14 25.11 29.06
C THR C 80 35.77 25.70 29.32
N GLY C 81 34.80 25.42 28.46
CA GLY C 81 33.50 26.04 28.55
C GLY C 81 32.56 25.42 29.56
N THR C 82 31.35 25.97 29.59
CA THR C 82 30.37 25.56 30.58
C THR C 82 30.06 24.06 30.50
N TYR C 83 30.23 23.44 29.34
CA TYR C 83 29.89 22.03 29.19
C TYR C 83 31.10 21.12 29.06
N ARG C 84 32.27 21.57 29.55
CA ARG C 84 33.49 20.78 29.44
C ARG C 84 33.33 19.37 30.02
N GLN C 85 32.68 19.23 31.17
CA GLN C 85 32.60 17.90 31.77
C GLN C 85 31.70 16.95 31.00
N LEU C 86 30.88 17.48 30.09
CA LEU C 86 29.97 16.64 29.32
C LEU C 86 30.72 15.70 28.38
N PHE C 87 31.80 16.17 27.78
CA PHE C 87 32.49 15.45 26.73
C PHE C 87 33.75 14.78 27.27
N HIS C 88 33.95 13.53 26.91
CA HIS C 88 35.22 12.89 27.15
C HIS C 88 36.28 13.56 26.27
N PRO C 89 37.46 13.84 26.80
CA PRO C 89 38.47 14.58 26.02
C PRO C 89 38.74 14.00 24.65
N GLU C 90 38.65 12.68 24.50
CA GLU C 90 38.92 12.01 23.23
C GLU C 90 37.89 12.34 22.15
N GLN C 91 36.72 12.91 22.53
CA GLN C 91 35.73 13.36 21.57
C GLN C 91 36.07 14.72 20.96
N LEU C 92 37.03 15.46 21.52
CA LEU C 92 37.39 16.82 21.05
C LEU C 92 38.77 16.77 20.40
N ILE C 93 38.80 16.78 19.07
CA ILE C 93 40.02 16.52 18.30
C ILE C 93 40.45 17.81 17.60
N THR C 94 41.71 18.17 17.77
CA THR C 94 42.22 19.39 17.17
C THR C 94 43.60 19.13 16.60
N GLY C 95 43.86 19.71 15.44
CA GLY C 95 45.19 19.77 14.87
C GLY C 95 45.84 21.04 15.30
N LYS C 96 46.91 21.41 14.59
CA LYS C 96 47.72 22.55 14.99
C LYS C 96 47.69 23.68 13.98
N GLU C 97 47.59 23.38 12.71
CA GLU C 97 47.57 24.33 11.61
C GLU C 97 46.20 24.22 10.93
N ASP C 98 45.43 25.31 10.87
CA ASP C 98 44.11 25.13 10.28
C ASP C 98 44.23 25.07 8.76
N ALA C 99 43.11 25.13 8.07
CA ALA C 99 43.15 24.94 6.63
C ALA C 99 43.43 26.24 5.92
N ALA C 100 43.53 27.35 6.66
CA ALA C 100 43.76 28.68 6.08
C ALA C 100 42.75 29.02 4.98
N ASN C 101 41.46 28.70 5.19
CA ASN C 101 40.38 29.00 4.25
C ASN C 101 40.55 28.26 2.92
N ASN C 102 41.35 27.18 2.88
CA ASN C 102 41.72 26.50 1.64
C ASN C 102 41.22 25.05 1.66
N TYR C 103 40.24 24.75 0.79
CA TYR C 103 39.74 23.39 0.68
C TYR C 103 40.88 22.37 0.52
N ALA C 104 41.89 22.72 -0.29
CA ALA C 104 42.95 21.75 -0.58
C ALA C 104 43.70 21.35 0.69
N ARG C 105 43.87 22.29 1.62
CA ARG C 105 44.55 21.97 2.88
C ARG C 105 43.64 21.18 3.80
N GLY C 106 42.34 21.45 3.76
CA GLY C 106 41.43 20.67 4.58
C GLY C 106 41.28 19.26 4.06
N HIS C 107 41.24 19.09 2.75
CA HIS C 107 41.07 17.76 2.19
C HIS C 107 42.39 17.00 2.10
N TYR C 108 43.48 17.69 1.72
CA TYR C 108 44.74 17.01 1.43
C TYR C 108 45.85 17.32 2.43
N THR C 109 46.31 18.57 2.50
CA THR C 109 47.62 18.83 3.12
C THR C 109 47.57 18.65 4.64
N ILE C 110 46.73 19.44 5.30
CA ILE C 110 46.57 19.29 6.75
C ILE C 110 45.62 18.13 7.08
N GLY C 111 44.54 17.98 6.31
CA GLY C 111 43.51 17.02 6.66
C GLY C 111 44.00 15.58 6.70
N LYS C 112 44.81 15.18 5.73
CA LYS C 112 45.25 13.79 5.71
C LYS C 112 46.09 13.42 6.94
N GLU C 113 46.63 14.41 7.68
CA GLU C 113 47.45 14.05 8.83
C GLU C 113 46.64 13.65 10.05
N ILE C 114 45.34 13.96 10.05
CA ILE C 114 44.50 13.71 11.22
C ILE C 114 43.29 12.83 10.90
N ILE C 115 43.00 12.55 9.63
CA ILE C 115 41.81 11.77 9.26
C ILE C 115 41.79 10.41 9.94
N ASP C 116 42.93 9.70 9.98
CA ASP C 116 42.95 8.37 10.62
C ASP C 116 42.59 8.44 12.11
N LEU C 117 43.14 9.42 12.82
CA LEU C 117 42.80 9.58 14.23
C LEU C 117 41.31 9.85 14.39
N VAL C 118 40.76 10.73 13.54
CA VAL C 118 39.34 11.05 13.62
C VAL C 118 38.50 9.79 13.45
N LEU C 119 38.80 9.00 12.42
CA LEU C 119 38.05 7.78 12.14
C LEU C 119 38.20 6.76 13.25
N ASP C 120 39.35 6.74 13.94
CA ASP C 120 39.46 5.86 15.11
C ASP C 120 38.53 6.36 16.21
N ARG C 121 38.49 7.68 16.44
CA ARG C 121 37.59 8.19 17.47
C ARG C 121 36.13 7.91 17.14
N ILE C 122 35.74 8.08 15.88
CA ILE C 122 34.38 7.73 15.48
C ILE C 122 34.13 6.24 15.67
N ARG C 123 35.11 5.41 15.30
CA ARG C 123 34.96 3.99 15.51
C ARG C 123 34.71 3.66 16.99
N LYS C 124 35.41 4.33 17.92
CA LYS C 124 35.18 4.08 19.34
C LYS C 124 33.73 4.38 19.74
N LEU C 125 33.09 5.31 19.03
CA LEU C 125 31.68 5.60 19.31
C LEU C 125 30.74 4.58 18.63
N ALA C 126 31.01 4.24 17.37
CA ALA C 126 30.16 3.25 16.70
C ALA C 126 30.12 1.95 17.50
N ASP C 127 31.25 1.55 18.05
CA ASP C 127 31.37 0.30 18.78
C ASP C 127 30.55 0.30 20.07
N GLN C 128 30.19 1.47 20.60
CA GLN C 128 29.29 1.50 21.74
C GLN C 128 27.80 1.52 21.35
N CYS C 129 27.47 1.31 20.08
CA CYS C 129 26.10 1.39 19.58
C CYS C 129 25.58 -0.02 19.33
N THR C 130 24.35 -0.28 19.80
CA THR C 130 23.72 -1.57 19.56
C THR C 130 23.11 -1.65 18.16
N GLY C 131 22.48 -0.57 17.66
CA GLY C 131 22.24 -0.49 16.23
C GLY C 131 22.33 0.93 15.69
N LEU C 132 23.42 1.20 14.99
CA LEU C 132 23.76 2.55 14.57
C LEU C 132 22.99 2.88 13.31
N GLN C 133 22.18 3.95 13.37
CA GLN C 133 21.42 4.36 12.19
C GLN C 133 22.30 5.17 11.23
N GLY C 134 23.08 6.11 11.74
CA GLY C 134 24.00 6.83 10.87
C GLY C 134 24.58 8.04 11.56
N PHE C 135 24.99 9.00 10.75
CA PHE C 135 25.81 10.13 11.16
C PHE C 135 25.10 11.42 10.77
N LEU C 136 25.26 12.44 11.62
CA LEU C 136 24.87 13.81 11.34
C LEU C 136 26.12 14.67 11.33
N VAL C 137 26.44 15.25 10.17
CA VAL C 137 27.68 16.01 9.99
C VAL C 137 27.33 17.48 9.87
N PHE C 138 27.94 18.30 10.74
CA PHE C 138 27.72 19.73 10.83
C PHE C 138 28.98 20.44 10.34
N HIS C 139 28.84 21.41 9.46
CA HIS C 139 30.03 21.99 8.87
C HIS C 139 29.64 23.15 7.99
N SER C 140 30.59 24.05 7.77
CA SER C 140 30.36 25.14 6.83
C SER C 140 30.77 24.71 5.42
N PHE C 141 30.10 25.31 4.42
CA PHE C 141 30.55 25.24 3.04
C PHE C 141 31.81 26.05 2.81
N GLY C 142 31.98 27.15 3.54
CA GLY C 142 32.96 28.15 3.19
C GLY C 142 34.35 27.97 3.77
N GLY C 143 34.46 27.40 4.97
CA GLY C 143 35.74 27.26 5.60
C GLY C 143 36.58 26.21 4.92
N GLY C 144 37.91 26.31 5.12
CA GLY C 144 38.82 25.30 4.61
C GLY C 144 38.64 23.94 5.25
N THR C 145 38.35 23.92 6.56
CA THR C 145 38.10 22.67 7.25
C THR C 145 36.69 22.16 6.94
N GLY C 146 35.67 23.00 7.15
CA GLY C 146 34.31 22.61 6.89
C GLY C 146 34.10 22.03 5.51
N SER C 147 34.81 22.55 4.51
CA SER C 147 34.66 22.05 3.15
C SER C 147 35.61 20.91 2.85
N GLY C 148 36.90 21.09 3.04
CA GLY C 148 37.87 20.10 2.66
C GLY C 148 37.94 18.90 3.60
N PHE C 149 37.93 19.11 4.91
CA PHE C 149 38.01 17.96 5.80
C PHE C 149 36.68 17.19 5.81
N THR C 150 35.56 17.90 5.76
CA THR C 150 34.27 17.24 5.70
C THR C 150 34.19 16.30 4.51
N SER C 151 34.63 16.75 3.33
CA SER C 151 34.46 15.87 2.18
C SER C 151 35.42 14.69 2.25
N LEU C 152 36.64 14.91 2.75
CA LEU C 152 37.54 13.78 3.04
C LEU C 152 36.91 12.80 4.03
N LEU C 153 36.28 13.34 5.08
CA LEU C 153 35.63 12.48 6.07
C LEU C 153 34.43 11.73 5.47
N MET C 154 33.59 12.41 4.69
CA MET C 154 32.42 11.74 4.12
C MET C 154 32.84 10.61 3.20
N GLU C 155 33.93 10.81 2.45
CA GLU C 155 34.48 9.76 1.61
C GLU C 155 34.91 8.57 2.45
N ARG C 156 35.67 8.83 3.53
CA ARG C 156 36.14 7.74 4.38
C ARG C 156 34.98 7.02 5.09
N LEU C 157 33.97 7.76 5.52
CA LEU C 157 32.82 7.14 6.19
C LEU C 157 32.08 6.20 5.24
N SER C 158 31.95 6.58 3.96
CA SER C 158 31.34 5.67 2.99
C SER C 158 32.11 4.37 2.87
N VAL C 159 33.43 4.45 2.96
CA VAL C 159 34.26 3.24 2.88
C VAL C 159 34.11 2.40 4.14
N ASP C 160 34.18 3.03 5.31
CA ASP C 160 34.21 2.33 6.60
C ASP C 160 32.83 1.95 7.11
N TYR C 161 31.76 2.60 6.66
CA TYR C 161 30.42 2.26 7.11
C TYR C 161 29.46 2.07 5.95
N GLY C 162 29.91 1.36 4.92
CA GLY C 162 29.05 1.00 3.81
C GLY C 162 28.05 2.05 3.43
N LYS C 163 26.78 1.69 3.35
CA LYS C 163 25.78 2.69 2.95
C LYS C 163 24.97 3.22 4.13
N LYS C 164 25.47 3.01 5.37
CA LYS C 164 24.93 3.66 6.56
C LYS C 164 24.63 5.14 6.33
N SER C 165 23.52 5.60 6.88
CA SER C 165 22.97 6.92 6.58
C SER C 165 23.91 8.07 7.01
N LYS C 166 24.12 9.03 6.11
CA LYS C 166 24.94 10.21 6.38
C LYS C 166 24.10 11.43 6.05
N LEU C 167 23.87 12.28 7.05
CA LEU C 167 23.09 13.50 6.91
C LEU C 167 23.95 14.71 7.28
N GLU C 168 23.62 15.85 6.68
CA GLU C 168 24.44 17.03 6.79
C GLU C 168 23.61 18.23 7.21
N PHE C 169 24.21 19.11 8.03
CA PHE C 169 23.75 20.47 8.25
C PHE C 169 24.86 21.36 7.73
N SER C 170 24.60 22.03 6.61
CA SER C 170 25.64 22.70 5.85
C SER C 170 25.39 24.19 5.83
N ILE C 171 26.37 24.97 6.28
CA ILE C 171 26.21 26.41 6.39
C ILE C 171 26.66 27.04 5.09
N TYR C 172 25.71 27.56 4.35
CA TYR C 172 25.85 28.24 3.08
C TYR C 172 26.35 29.68 3.29
N PRO C 173 27.31 30.15 2.50
CA PRO C 173 27.97 31.43 2.82
C PRO C 173 27.11 32.63 2.48
N ALA C 174 27.26 33.68 3.30
CA ALA C 174 26.64 34.98 3.18
C ALA C 174 27.65 36.10 3.35
N PRO C 175 27.53 37.19 2.59
CA PRO C 175 28.51 38.28 2.71
C PRO C 175 28.51 39.00 4.05
N GLN C 176 27.37 39.04 4.74
CA GLN C 176 27.27 39.72 6.03
C GLN C 176 28.21 39.15 7.07
N VAL C 177 28.49 37.83 7.05
CA VAL C 177 29.33 37.25 8.10
C VAL C 177 30.41 36.35 7.52
N SER C 178 30.66 36.43 6.24
CA SER C 178 31.68 35.57 5.66
C SER C 178 33.08 35.99 6.12
N THR C 179 34.01 35.06 6.01
CA THR C 179 35.39 35.27 6.43
C THR C 179 36.39 35.24 5.29
N ALA C 180 36.02 34.79 4.11
CA ALA C 180 37.04 34.62 3.07
C ALA C 180 36.41 34.90 1.71
N VAL C 181 37.22 35.46 0.82
CA VAL C 181 36.75 35.73 -0.53
C VAL C 181 36.63 34.45 -1.33
N VAL C 182 37.29 33.36 -0.90
CA VAL C 182 37.31 32.13 -1.68
C VAL C 182 36.21 31.18 -1.23
N GLU C 183 35.23 31.66 -0.45
CA GLU C 183 34.17 30.76 -0.05
C GLU C 183 33.43 30.14 -1.22
N PRO C 184 33.20 30.83 -2.35
CA PRO C 184 32.51 30.15 -3.45
C PRO C 184 33.29 28.95 -3.99
N TYR C 185 34.62 29.05 -4.08
CA TYR C 185 35.40 27.91 -4.53
C TYR C 185 35.23 26.71 -3.60
N ASN C 186 35.40 26.94 -2.28
CA ASN C 186 35.32 25.80 -1.36
C ASN C 186 33.92 25.17 -1.33
N SER C 187 32.87 25.99 -1.49
CA SER C 187 31.50 25.48 -1.51
C SER C 187 31.27 24.49 -2.66
N ILE C 188 31.66 24.89 -3.89
CA ILE C 188 31.52 24.04 -5.06
C ILE C 188 32.40 22.79 -4.97
N LEU C 189 33.64 22.94 -4.52
CA LEU C 189 34.49 21.76 -4.43
C LEU C 189 33.86 20.75 -3.48
N THR C 190 33.41 21.20 -2.31
CA THR C 190 32.90 20.27 -1.30
C THR C 190 31.51 19.74 -1.67
N THR C 191 30.69 20.58 -2.29
CA THR C 191 29.40 20.08 -2.78
C THR C 191 29.61 18.99 -3.82
N HIS C 192 30.53 19.20 -4.77
CA HIS C 192 30.80 18.16 -5.76
C HIS C 192 31.28 16.87 -5.13
N THR C 193 32.29 16.95 -4.24
CA THR C 193 32.90 15.73 -3.68
C THR C 193 31.98 14.96 -2.73
N THR C 194 31.04 15.64 -2.08
CA THR C 194 30.18 15.04 -1.07
C THR C 194 28.87 14.48 -1.63
N LEU C 195 28.44 14.94 -2.81
CA LEU C 195 27.09 14.71 -3.32
C LEU C 195 26.72 13.22 -3.32
N GLU C 196 27.62 12.37 -3.82
CA GLU C 196 27.43 10.91 -3.81
C GLU C 196 27.51 10.30 -2.43
N HIS C 197 28.09 10.97 -1.44
CA HIS C 197 28.28 10.36 -0.13
C HIS C 197 27.28 10.82 0.89
N SER C 198 26.36 11.69 0.52
CA SER C 198 25.41 12.20 1.48
C SER C 198 24.00 11.82 1.04
N ASP C 199 23.16 11.36 1.97
CA ASP C 199 21.78 10.96 1.69
C ASP C 199 20.79 12.10 1.78
N CYS C 200 21.08 13.08 2.62
CA CYS C 200 20.17 14.17 2.87
C CYS C 200 21.00 15.29 3.51
N ALA C 201 20.79 16.52 3.06
CA ALA C 201 21.60 17.63 3.52
C ALA C 201 20.71 18.87 3.70
N PHE C 202 20.68 19.44 4.89
CA PHE C 202 19.90 20.63 5.19
C PHE C 202 20.80 21.87 5.09
N MET C 203 20.60 22.67 4.04
CA MET C 203 21.36 23.89 3.90
C MET C 203 20.78 24.99 4.77
N VAL C 204 21.65 25.75 5.42
CA VAL C 204 21.25 26.88 6.23
C VAL C 204 21.98 28.09 5.65
N ASP C 205 21.25 28.98 5.03
CA ASP C 205 21.80 30.18 4.43
C ASP C 205 22.03 31.21 5.54
N ASN C 206 23.30 31.59 5.77
CA ASN C 206 23.57 32.57 6.83
C ASN C 206 22.86 33.89 6.58
N GLU C 207 22.59 34.25 5.32
CA GLU C 207 21.88 35.53 5.10
C GLU C 207 20.42 35.42 5.55
N ALA C 208 19.79 34.25 5.34
CA ALA C 208 18.43 34.06 5.84
C ALA C 208 18.39 34.12 7.36
N ILE C 209 19.25 33.34 8.03
CA ILE C 209 19.30 33.38 9.49
C ILE C 209 19.62 34.79 9.97
N TYR C 210 20.50 35.47 9.26
CA TYR C 210 20.91 36.81 9.64
C TYR C 210 19.74 37.78 9.52
N ASP C 211 18.96 37.67 8.41
CA ASP C 211 17.79 38.51 8.24
C ASP C 211 16.73 38.24 9.32
N ILE C 212 16.53 36.96 9.67
CA ILE C 212 15.50 36.65 10.65
C ILE C 212 15.84 37.24 12.00
N CYS C 213 17.11 37.16 12.40
CA CYS C 213 17.50 37.76 13.67
C CYS C 213 17.27 39.27 13.64
N ARG C 214 17.53 39.91 12.50
CA ARG C 214 17.36 41.35 12.41
C ARG C 214 15.89 41.73 12.32
N ARG C 215 15.15 41.07 11.45
CA ARG C 215 13.75 41.40 11.23
C ARG C 215 12.87 40.97 12.41
N ASN C 216 13.01 39.73 12.88
CA ASN C 216 12.08 39.18 13.86
C ASN C 216 12.56 39.27 15.30
N LEU C 217 13.86 39.40 15.54
CA LEU C 217 14.37 39.46 16.90
C LEU C 217 14.89 40.84 17.26
N ASP C 218 14.86 41.78 16.31
CA ASP C 218 15.30 43.16 16.55
C ASP C 218 16.76 43.22 17.01
N ILE C 219 17.57 42.27 16.56
CA ILE C 219 19.01 42.26 16.81
C ILE C 219 19.66 43.08 15.71
N GLU C 220 20.35 44.17 16.11
CA GLU C 220 20.88 45.14 15.15
C GLU C 220 21.94 44.53 14.24
N ARG C 221 22.92 43.83 14.83
CA ARG C 221 24.00 43.21 14.07
C ARG C 221 24.28 41.81 14.63
N PRO C 222 23.61 40.80 14.10
CA PRO C 222 23.70 39.47 14.71
C PRO C 222 25.11 38.90 14.69
N THR C 223 25.47 38.24 15.78
CA THR C 223 26.73 37.53 15.91
C THR C 223 26.52 36.05 15.60
N TYR C 224 27.60 35.29 15.64
CA TYR C 224 27.47 33.85 15.48
C TYR C 224 26.57 33.25 16.57
N THR C 225 26.65 33.78 17.78
CA THR C 225 25.83 33.25 18.88
C THR C 225 24.36 33.46 18.60
N ASN C 226 23.98 34.64 18.09
CA ASN C 226 22.60 34.91 17.69
C ASN C 226 22.11 33.91 16.63
N LEU C 227 22.92 33.70 15.58
CA LEU C 227 22.52 32.81 14.50
C LEU C 227 22.42 31.37 14.99
N ASN C 228 23.39 30.95 15.83
CA ASN C 228 23.53 29.54 16.21
C ASN C 228 22.40 29.12 17.12
N ARG C 229 21.97 30.03 17.99
CA ARG C 229 20.82 29.75 18.85
C ARG C 229 19.57 29.52 18.03
N LEU C 230 19.36 30.31 16.98
CA LEU C 230 18.22 30.06 16.10
C LEU C 230 18.44 28.79 15.27
N ILE C 231 19.66 28.59 14.77
CA ILE C 231 19.97 27.37 14.01
C ILE C 231 19.75 26.14 14.89
N SER C 232 20.08 26.22 16.18
CA SER C 232 19.93 25.04 17.00
C SER C 232 18.46 24.71 17.24
N GLN C 233 17.59 25.74 17.28
CA GLN C 233 16.16 25.47 17.33
C GLN C 233 15.70 24.68 16.11
N ILE C 234 16.20 25.04 14.92
CA ILE C 234 15.77 24.33 13.72
C ILE C 234 16.29 22.91 13.74
N VAL C 235 17.58 22.74 14.09
CA VAL C 235 18.16 21.41 14.26
C VAL C 235 17.39 20.63 15.32
N SER C 236 17.04 21.30 16.43
CA SER C 236 16.26 20.59 17.44
C SER C 236 14.92 20.12 16.90
N SER C 237 14.24 20.94 16.10
CA SER C 237 12.95 20.54 15.54
C SER C 237 13.10 19.31 14.66
N ILE C 238 14.17 19.25 13.87
CA ILE C 238 14.36 18.14 12.95
C ILE C 238 14.71 16.84 13.70
N THR C 239 15.54 16.92 14.74
CA THR C 239 15.99 15.73 15.45
C THR C 239 15.03 15.33 16.58
N ALA C 240 14.01 16.15 16.87
CA ALA C 240 13.13 15.92 18.00
C ALA C 240 12.37 14.60 17.90
N SER C 241 12.03 14.15 16.70
CA SER C 241 11.33 12.86 16.57
C SER C 241 12.23 11.68 16.93
N LEU C 242 13.55 11.84 16.81
CA LEU C 242 14.49 10.79 17.18
C LEU C 242 14.76 10.77 18.67
N ARG C 243 14.63 11.91 19.35
CA ARG C 243 15.02 12.05 20.74
C ARG C 243 13.84 11.98 21.69
N PHE C 244 12.62 12.08 21.19
CA PHE C 244 11.44 12.04 22.04
C PHE C 244 10.48 10.96 21.56
N ASP C 245 9.67 10.50 22.47
CA ASP C 245 8.65 9.51 22.19
C ASP C 245 7.33 10.22 21.86
N GLY C 246 6.46 9.50 21.15
CA GLY C 246 5.17 10.07 20.82
C GLY C 246 4.28 9.22 19.93
N ALA C 247 3.01 9.13 20.33
CA ALA C 247 2.03 8.43 19.51
C ALA C 247 1.94 9.06 18.13
N LEU C 248 1.87 10.39 18.06
CA LEU C 248 1.82 11.14 16.82
C LEU C 248 3.19 11.45 16.24
N ASN C 249 4.24 10.86 16.84
CA ASN C 249 5.61 11.10 16.41
C ASN C 249 5.93 10.29 15.16
N VAL C 250 6.47 10.96 14.14
CA VAL C 250 6.82 10.34 12.87
C VAL C 250 8.33 10.38 12.74
N ASP C 251 8.94 9.22 12.42
CA ASP C 251 10.40 9.16 12.39
C ASP C 251 10.99 9.94 11.23
N LEU C 252 12.08 10.67 11.49
CA LEU C 252 12.75 11.42 10.44
C LEU C 252 12.96 10.58 9.15
N THR C 253 13.23 9.26 9.27
CA THR C 253 13.50 8.49 8.06
C THR C 253 12.25 8.22 7.22
N GLU C 254 11.08 8.27 7.86
CA GLU C 254 9.84 8.26 7.11
C GLU C 254 9.65 9.55 6.31
N PHE C 255 10.08 10.71 6.87
CA PHE C 255 10.08 11.94 6.08
C PHE C 255 11.12 11.86 4.97
N GLN C 256 12.28 11.28 5.26
CA GLN C 256 13.34 11.14 4.28
C GLN C 256 12.87 10.42 3.02
N THR C 257 12.06 9.37 3.19
CA THR C 257 11.51 8.63 2.05
C THR C 257 10.74 9.54 1.09
N ASN C 258 9.96 10.48 1.66
CA ASN C 258 9.24 11.46 0.84
C ASN C 258 10.13 12.61 0.35
N LEU C 259 11.16 12.98 1.10
CA LEU C 259 11.94 14.15 0.71
C LEU C 259 12.92 13.86 -0.44
N VAL C 260 13.26 12.60 -0.71
CA VAL C 260 14.36 12.33 -1.66
C VAL C 260 13.85 11.47 -2.82
N PRO C 261 13.32 12.09 -3.86
CA PRO C 261 12.78 11.33 -4.99
C PRO C 261 13.85 10.69 -5.88
N TYR C 262 15.03 11.27 -5.95
CA TYR C 262 16.21 10.78 -6.66
C TYR C 262 17.44 11.07 -5.80
N PRO C 263 18.44 10.18 -5.80
CA PRO C 263 19.58 10.36 -4.88
C PRO C 263 20.14 11.78 -4.86
N ARG C 264 20.37 12.39 -6.04
CA ARG C 264 21.01 13.71 -6.05
C ARG C 264 20.06 14.80 -5.57
N ILE C 265 18.74 14.61 -5.69
CA ILE C 265 17.80 15.63 -5.26
C ILE C 265 17.54 15.42 -3.77
N HIS C 266 18.47 15.87 -2.94
CA HIS C 266 18.33 15.52 -1.53
C HIS C 266 18.56 16.72 -0.61
N PHE C 267 18.13 17.92 -1.04
CA PHE C 267 18.39 19.15 -0.30
C PHE C 267 17.06 19.79 0.10
N PRO C 268 16.49 19.38 1.24
CA PRO C 268 15.23 19.97 1.67
C PRO C 268 15.39 21.43 2.11
N LEU C 269 14.32 22.19 1.89
CA LEU C 269 14.20 23.56 2.38
C LEU C 269 13.50 23.51 3.73
N ALA C 270 14.10 24.14 4.73
CA ALA C 270 13.51 24.17 6.05
C ALA C 270 12.94 25.56 6.29
N THR C 271 11.74 25.59 6.86
CA THR C 271 11.14 26.85 7.28
C THR C 271 10.66 26.67 8.71
N TYR C 272 10.94 27.66 9.55
CA TYR C 272 10.69 27.53 10.97
C TYR C 272 9.88 28.71 11.50
N ALA C 273 8.90 28.40 12.35
CA ALA C 273 8.05 29.42 12.96
C ALA C 273 7.60 28.92 14.33
N PRO C 274 7.34 29.82 15.27
CA PRO C 274 7.40 31.26 15.17
C PRO C 274 8.74 31.74 15.73
N VAL C 275 9.35 32.77 15.16
CA VAL C 275 10.55 33.39 15.69
C VAL C 275 10.13 34.77 16.12
N ILE C 276 10.03 34.97 17.43
CA ILE C 276 9.38 36.15 17.98
C ILE C 276 10.08 36.50 19.28
N SER C 277 10.24 37.80 19.51
CA SER C 277 10.86 38.30 20.73
C SER C 277 9.95 38.09 21.94
N ALA C 278 10.57 38.04 23.12
CA ALA C 278 9.75 38.03 24.34
C ALA C 278 8.77 39.20 24.34
N GLU C 279 9.26 40.40 24.03
CA GLU C 279 8.41 41.60 24.08
C GLU C 279 7.18 41.43 23.20
N LYS C 280 7.35 40.85 22.02
CA LYS C 280 6.21 40.74 21.11
C LYS C 280 5.35 39.51 21.39
N ALA C 281 5.92 38.45 21.99
CA ALA C 281 5.16 37.25 22.32
C ALA C 281 4.20 37.48 23.49
N TYR C 282 4.45 38.51 24.29
CA TYR C 282 3.68 38.76 25.49
C TYR C 282 2.21 39.03 25.15
N HIS C 283 1.31 38.34 25.82
CA HIS C 283 -0.12 38.48 25.59
C HIS C 283 -0.47 38.33 24.10
N GLU C 284 0.32 37.52 23.39
CA GLU C 284 0.05 37.24 21.97
C GLU C 284 0.46 35.80 21.68
N GLN C 285 -0.49 34.89 21.77
CA GLN C 285 -0.22 33.48 21.49
C GLN C 285 -0.55 33.16 20.04
N LEU C 286 0.40 32.51 19.36
CA LEU C 286 0.22 32.15 17.97
C LEU C 286 -0.43 30.77 17.89
N SER C 287 -1.53 30.69 17.14
CA SER C 287 -2.25 29.44 16.97
C SER C 287 -1.50 28.49 16.03
N VAL C 288 -2.02 27.28 15.94
CA VAL C 288 -1.54 26.34 14.93
C VAL C 288 -1.73 26.91 13.54
N ALA C 289 -2.84 27.61 13.31
CA ALA C 289 -3.08 28.18 11.99
C ALA C 289 -2.07 29.29 11.68
N GLU C 290 -1.71 30.10 12.68
CA GLU C 290 -0.77 31.17 12.43
C GLU C 290 0.64 30.65 12.16
N ILE C 291 1.12 29.71 12.97
CA ILE C 291 2.49 29.25 12.75
C ILE C 291 2.59 28.42 11.47
N THR C 292 1.50 27.72 11.10
CA THR C 292 1.53 26.95 9.85
C THR C 292 1.58 27.90 8.66
N ASN C 293 0.81 28.99 8.74
CA ASN C 293 0.86 30.02 7.72
C ASN C 293 2.27 30.59 7.56
N ALA C 294 2.96 30.80 8.67
CA ALA C 294 4.27 31.44 8.61
C ALA C 294 5.27 30.58 7.85
N CYS C 295 5.03 29.25 7.76
CA CYS C 295 5.89 28.35 7.00
C CYS C 295 5.87 28.59 5.50
N PHE C 296 4.86 29.29 5.00
CA PHE C 296 4.75 29.58 3.57
C PHE C 296 5.07 31.04 3.27
N GLU C 297 5.60 31.76 4.24
CA GLU C 297 6.06 33.12 4.03
C GLU C 297 7.56 33.04 3.78
N PRO C 298 8.06 33.44 2.60
CA PRO C 298 9.48 33.16 2.28
C PRO C 298 10.50 33.74 3.26
N ALA C 299 10.17 34.81 3.98
CA ALA C 299 11.12 35.42 4.93
C ALA C 299 11.41 34.54 6.14
N ASN C 300 10.76 33.39 6.27
CA ASN C 300 11.03 32.47 7.37
C ASN C 300 11.83 31.24 6.94
N GLN C 301 12.33 31.21 5.71
CA GLN C 301 13.06 30.05 5.20
C GLN C 301 14.52 30.06 5.66
N MET C 302 15.08 28.86 5.89
CA MET C 302 16.51 28.76 6.16
C MET C 302 17.36 29.02 4.92
N VAL C 303 16.75 29.00 3.74
CA VAL C 303 17.48 29.33 2.51
C VAL C 303 16.68 30.33 1.70
N LYS C 304 17.34 31.43 1.29
CA LYS C 304 16.70 32.39 0.42
C LYS C 304 16.53 31.81 -0.97
N CYS C 305 15.27 31.71 -1.38
CA CYS C 305 14.83 31.33 -2.71
C CYS C 305 13.33 31.57 -2.70
N ASP C 306 12.69 31.44 -3.85
CA ASP C 306 11.25 31.73 -3.94
C ASP C 306 10.46 30.48 -4.32
N PRO C 307 9.97 29.73 -3.35
CA PRO C 307 9.18 28.52 -3.69
C PRO C 307 7.93 28.84 -4.50
N ARG C 308 7.37 30.05 -4.36
CA ARG C 308 6.22 30.43 -5.18
C ARG C 308 6.55 30.36 -6.67
N HIS C 309 7.82 30.57 -7.06
CA HIS C 309 8.20 30.45 -8.46
C HIS C 309 8.91 29.14 -8.76
N GLY C 310 8.64 28.10 -7.99
CA GLY C 310 9.24 26.79 -8.20
C GLY C 310 8.17 25.74 -8.04
N LYS C 311 8.54 24.47 -7.93
CA LYS C 311 7.57 23.39 -7.79
C LYS C 311 7.91 22.49 -6.61
N TYR C 312 6.85 22.02 -5.95
CA TYR C 312 7.02 21.14 -4.79
C TYR C 312 7.06 19.68 -5.21
N MET C 313 7.97 18.94 -4.60
CA MET C 313 8.01 17.49 -4.75
C MET C 313 7.67 16.79 -3.45
N ALA C 314 7.52 17.55 -2.36
CA ALA C 314 7.26 17.01 -1.03
C ALA C 314 7.05 18.18 -0.09
N CYS C 315 6.25 17.97 0.92
CA CYS C 315 6.00 19.01 1.90
C CYS C 315 5.71 18.32 3.22
N CYS C 316 6.56 18.58 4.24
CA CYS C 316 6.47 17.94 5.54
C CYS C 316 6.30 18.97 6.63
N LEU C 317 5.46 18.66 7.62
CA LEU C 317 5.27 19.57 8.75
C LEU C 317 5.64 18.84 10.04
N LEU C 318 6.67 19.34 10.73
CA LEU C 318 7.09 18.80 12.03
C LEU C 318 6.72 19.79 13.12
N TYR C 319 5.66 19.48 13.89
CA TYR C 319 5.19 20.30 15.00
C TYR C 319 5.75 19.81 16.33
N ARG C 320 5.96 20.75 17.25
CA ARG C 320 6.28 20.39 18.61
C ARG C 320 5.50 21.29 19.58
N GLY C 321 4.91 20.69 20.61
CA GLY C 321 4.17 21.46 21.60
C GLY C 321 2.67 21.17 21.59
N ASP C 322 1.86 22.17 21.95
CA ASP C 322 0.42 22.00 22.15
C ASP C 322 -0.30 22.09 20.80
N VAL C 323 -0.37 20.94 20.11
CA VAL C 323 -0.87 20.82 18.74
C VAL C 323 -1.64 19.51 18.62
N VAL C 324 -2.81 19.54 17.99
CA VAL C 324 -3.53 18.28 17.75
C VAL C 324 -3.86 18.11 16.27
N PRO C 325 -3.97 16.89 15.75
CA PRO C 325 -4.17 16.74 14.29
C PRO C 325 -5.35 17.54 13.76
N LYS C 326 -6.42 17.70 14.53
CA LYS C 326 -7.60 18.45 14.08
C LYS C 326 -7.23 19.90 13.68
N ASP C 327 -6.46 20.61 14.52
CA ASP C 327 -6.02 21.98 14.19
C ASP C 327 -5.13 22.01 12.95
N VAL C 328 -4.16 21.10 12.87
CA VAL C 328 -3.27 21.03 11.72
C VAL C 328 -4.06 20.85 10.43
N ASN C 329 -4.95 19.86 10.40
CA ASN C 329 -5.71 19.62 9.17
C ASN C 329 -6.52 20.85 8.77
N ALA C 330 -7.16 21.50 9.74
CA ALA C 330 -7.85 22.76 9.46
C ALA C 330 -6.89 23.81 8.86
N ALA C 331 -5.74 24.03 9.51
CA ALA C 331 -4.80 25.03 9.00
C ALA C 331 -4.39 24.71 7.56
N ILE C 332 -4.02 23.46 7.29
CA ILE C 332 -3.61 23.07 5.93
C ILE C 332 -4.71 23.31 4.92
N ALA C 333 -5.96 23.00 5.28
CA ALA C 333 -7.06 23.12 4.33
C ALA C 333 -7.22 24.56 3.86
N THR C 334 -7.19 25.51 4.79
CA THR C 334 -7.32 26.91 4.37
C THR C 334 -6.07 27.37 3.60
N ILE C 335 -4.88 26.89 3.99
CA ILE C 335 -3.66 27.27 3.29
C ILE C 335 -3.72 26.82 1.83
N LYS C 336 -4.13 25.57 1.59
CA LYS C 336 -4.12 25.06 0.21
C LYS C 336 -4.98 25.94 -0.69
N THR C 337 -6.08 26.46 -0.17
CA THR C 337 -6.94 27.33 -0.97
C THR C 337 -6.29 28.69 -1.21
N LYS C 338 -5.65 29.27 -0.20
CA LYS C 338 -5.18 30.65 -0.29
C LYS C 338 -3.72 30.83 -0.70
N ARG C 339 -3.00 29.76 -1.03
CA ARG C 339 -1.56 29.88 -1.28
C ARG C 339 -1.16 29.20 -2.58
N SER C 340 0.00 29.64 -3.07
CA SER C 340 0.61 29.17 -4.32
C SER C 340 1.44 27.94 -4.01
N ILE C 341 0.78 26.77 -3.97
CA ILE C 341 1.45 25.50 -3.65
C ILE C 341 1.22 24.58 -4.83
N GLN C 342 2.15 24.59 -5.77
CA GLN C 342 2.07 23.83 -6.99
C GLN C 342 3.03 22.65 -6.92
N PHE C 343 2.51 21.44 -7.15
CA PHE C 343 3.33 20.24 -7.12
C PHE C 343 3.69 19.81 -8.54
N VAL C 344 4.87 19.22 -8.70
CA VAL C 344 5.18 18.55 -9.96
C VAL C 344 4.10 17.50 -10.23
N ASP C 345 3.85 17.22 -11.51
CA ASP C 345 2.73 16.35 -11.85
C ASP C 345 2.94 14.91 -11.38
N TRP C 346 4.18 14.49 -11.11
CA TRP C 346 4.44 13.10 -10.78
C TRP C 346 4.47 12.81 -9.28
N CYS C 347 4.01 13.71 -8.43
CA CYS C 347 4.12 13.34 -7.03
C CYS C 347 2.85 13.76 -6.29
N PRO C 348 2.38 12.98 -5.33
CA PRO C 348 1.12 13.32 -4.64
C PRO C 348 1.26 14.59 -3.82
N THR C 349 0.14 15.29 -3.66
CA THR C 349 0.14 16.61 -3.03
C THR C 349 -0.09 16.65 -1.52
N GLY C 350 -0.34 15.52 -0.86
CA GLY C 350 -0.56 15.57 0.58
C GLY C 350 0.63 16.18 1.33
N PHE C 351 0.39 16.48 2.60
CA PHE C 351 1.40 17.01 3.51
C PHE C 351 1.63 15.99 4.60
N LYS C 352 2.84 15.50 4.74
CA LYS C 352 3.17 14.58 5.82
C LYS C 352 3.37 15.36 7.11
N VAL C 353 2.70 14.91 8.17
CA VAL C 353 2.61 15.63 9.43
C VAL C 353 3.23 14.79 10.54
N GLY C 354 3.99 15.44 11.39
CA GLY C 354 4.49 14.79 12.58
C GLY C 354 4.29 15.73 13.75
N ILE C 355 3.86 15.22 14.90
CA ILE C 355 3.64 16.03 16.08
C ILE C 355 4.42 15.41 17.23
N ASN C 356 5.26 16.21 17.87
CA ASN C 356 5.92 15.86 19.13
C ASN C 356 5.38 16.77 20.22
N TYR C 357 4.91 16.18 21.31
CA TYR C 357 4.26 16.98 22.35
C TYR C 357 5.23 17.78 23.22
N GLN C 358 6.47 17.38 23.32
CA GLN C 358 7.38 18.14 24.16
C GLN C 358 7.53 19.54 23.57
N PRO C 359 7.19 20.59 24.31
CA PRO C 359 7.25 21.96 23.75
C PRO C 359 8.66 22.51 23.70
N PRO C 360 8.89 23.48 22.82
CA PRO C 360 10.24 23.99 22.59
C PRO C 360 10.82 24.68 23.81
N THR C 361 12.13 24.51 23.96
CA THR C 361 12.93 25.11 25.02
C THR C 361 13.70 26.32 24.49
N VAL C 362 14.00 27.26 25.39
CA VAL C 362 14.90 28.34 24.98
C VAL C 362 16.08 28.39 25.92
N VAL C 363 17.22 28.75 25.36
CA VAL C 363 18.43 28.92 26.16
C VAL C 363 18.31 30.18 27.02
N PRO C 364 18.57 30.11 28.32
CA PRO C 364 18.51 31.30 29.16
C PRO C 364 19.36 32.43 28.58
N GLY C 365 18.79 33.62 28.55
CA GLY C 365 19.50 34.76 28.02
C GLY C 365 19.39 34.94 26.52
N GLY C 366 18.70 34.03 25.82
CA GLY C 366 18.48 34.21 24.39
C GLY C 366 17.52 35.35 24.08
N ASP C 367 17.26 35.52 22.79
CA ASP C 367 16.31 36.50 22.32
C ASP C 367 14.97 35.89 21.93
N LEU C 368 14.91 34.58 21.74
CA LEU C 368 13.69 33.92 21.35
C LEU C 368 12.70 33.86 22.50
N ALA C 369 11.46 34.25 22.22
CA ALA C 369 10.40 34.00 23.17
C ALA C 369 10.23 32.51 23.33
N LYS C 370 9.90 32.09 24.55
CA LYS C 370 9.39 30.74 24.77
C LYS C 370 7.94 30.68 24.31
N VAL C 371 7.62 29.71 23.46
CA VAL C 371 6.26 29.61 22.92
C VAL C 371 5.68 28.23 23.20
N GLN C 372 4.35 28.16 23.14
CA GLN C 372 3.61 26.93 23.42
C GLN C 372 3.70 25.91 22.29
N ARG C 373 3.87 26.36 21.05
CA ARG C 373 3.92 25.44 19.92
C ARG C 373 4.78 26.05 18.83
N ALA C 374 5.48 25.21 18.10
CA ALA C 374 6.31 25.67 16.99
C ALA C 374 6.29 24.62 15.90
N VAL C 375 6.74 24.99 14.71
CA VAL C 375 6.70 24.08 13.57
C VAL C 375 7.94 24.28 12.71
N CYS C 376 8.42 23.18 12.13
CA CYS C 376 9.45 23.22 11.09
C CYS C 376 8.90 22.51 9.87
N MET C 377 8.83 23.23 8.76
CA MET C 377 8.45 22.62 7.51
C MET C 377 9.70 22.21 6.74
N LEU C 378 9.67 21.00 6.21
CA LEU C 378 10.70 20.50 5.30
C LEU C 378 10.02 20.25 3.97
N SER C 379 10.36 21.03 2.97
CA SER C 379 9.79 20.83 1.65
C SER C 379 10.93 20.63 0.66
N ASN C 380 10.66 19.77 -0.31
CA ASN C 380 11.53 19.58 -1.46
C ASN C 380 10.92 20.41 -2.61
N THR C 381 11.50 21.57 -2.88
CA THR C 381 11.08 22.45 -3.96
C THR C 381 12.23 22.68 -4.93
N THR C 382 11.91 22.79 -6.20
CA THR C 382 12.95 23.13 -7.16
C THR C 382 13.56 24.51 -6.87
N ALA C 383 12.85 25.39 -6.15
CA ALA C 383 13.37 26.72 -5.89
C ALA C 383 14.72 26.70 -5.18
N ILE C 384 15.01 25.66 -4.39
CA ILE C 384 16.28 25.66 -3.68
C ILE C 384 17.47 25.70 -4.64
N ALA C 385 17.26 25.34 -5.91
CA ALA C 385 18.33 25.43 -6.89
C ALA C 385 18.81 26.85 -7.11
N GLU C 386 17.99 27.86 -6.79
CA GLU C 386 18.46 29.24 -6.86
C GLU C 386 19.70 29.43 -6.01
N ALA C 387 19.75 28.77 -4.84
CA ALA C 387 20.93 28.89 -3.99
C ALA C 387 22.15 28.35 -4.72
N TRP C 388 22.00 27.26 -5.47
CA TRP C 388 23.12 26.77 -6.27
C TRP C 388 23.48 27.77 -7.37
N ALA C 389 22.47 28.39 -8.02
CA ALA C 389 22.76 29.34 -9.09
C ALA C 389 23.57 30.54 -8.60
N ARG C 390 23.14 31.17 -7.50
CA ARG C 390 23.91 32.28 -6.95
C ARG C 390 25.36 31.86 -6.72
N LEU C 391 25.57 30.72 -6.04
CA LEU C 391 26.95 30.31 -5.75
C LEU C 391 27.73 29.98 -7.01
N ASP C 392 27.11 29.25 -7.96
CA ASP C 392 27.81 28.89 -9.20
C ASP C 392 28.18 30.14 -9.98
N HIS C 393 27.33 31.16 -9.93
CA HIS C 393 27.69 32.41 -10.59
C HIS C 393 28.93 33.04 -9.96
N LYS C 394 28.93 33.22 -8.63
CA LYS C 394 30.10 33.75 -7.92
C LYS C 394 31.37 32.96 -8.23
N PHE C 395 31.28 31.63 -8.25
CA PHE C 395 32.40 30.78 -8.66
C PHE C 395 32.87 31.10 -10.08
N ASP C 396 31.92 31.32 -11.01
CA ASP C 396 32.27 31.57 -12.42
C ASP C 396 33.03 32.90 -12.59
N LEU C 397 32.61 33.95 -11.88
CA LEU C 397 33.26 35.24 -12.05
C LEU C 397 34.73 35.15 -11.75
N MET C 398 35.07 34.49 -10.64
CA MET C 398 36.47 34.33 -10.25
C MET C 398 37.20 33.31 -11.12
N TYR C 399 36.56 32.17 -11.40
CA TYR C 399 37.28 31.11 -12.08
C TYR C 399 37.63 31.45 -13.52
N ALA C 400 36.85 32.29 -14.19
CA ALA C 400 37.20 32.67 -15.57
C ALA C 400 38.56 33.36 -15.59
N LYS C 401 38.87 34.17 -14.58
CA LYS C 401 40.19 34.80 -14.45
C LYS C 401 41.17 33.92 -13.69
N ARG C 402 40.75 32.72 -13.28
CA ARG C 402 41.58 31.86 -12.45
C ARG C 402 42.02 32.55 -11.13
N ALA C 403 41.28 33.55 -10.66
CA ALA C 403 41.65 34.26 -9.43
C ALA C 403 41.77 33.31 -8.24
N PHE C 404 42.86 33.46 -7.48
CA PHE C 404 43.15 32.71 -6.27
C PHE C 404 43.39 31.22 -6.56
N VAL C 405 43.25 30.74 -7.80
CA VAL C 405 43.42 29.32 -8.08
C VAL C 405 44.82 28.83 -7.72
N HIS C 406 45.82 29.72 -7.77
CA HIS C 406 47.19 29.28 -7.49
C HIS C 406 47.37 28.78 -6.05
N TRP C 407 46.52 29.25 -5.10
CA TRP C 407 46.61 28.76 -3.72
C TRP C 407 46.16 27.30 -3.60
N TYR C 408 45.22 26.87 -4.44
CA TYR C 408 44.78 25.49 -4.43
C TYR C 408 45.76 24.61 -5.19
N VAL C 409 46.21 25.09 -6.36
CA VAL C 409 47.22 24.36 -7.14
C VAL C 409 48.51 24.16 -6.34
N GLY C 410 48.93 25.18 -5.56
CA GLY C 410 50.13 25.06 -4.74
C GLY C 410 50.05 23.99 -3.67
N GLU C 411 48.84 23.57 -3.30
CA GLU C 411 48.64 22.51 -2.32
C GLU C 411 48.47 21.15 -2.96
N GLY C 412 48.54 21.06 -4.29
CA GLY C 412 48.45 19.79 -4.98
C GLY C 412 47.26 19.62 -5.88
N MET C 413 46.27 20.51 -5.85
CA MET C 413 45.12 20.36 -6.73
C MET C 413 45.45 20.77 -8.16
N GLU C 414 44.59 20.30 -9.06
CA GLU C 414 44.66 20.54 -10.49
C GLU C 414 43.42 21.29 -10.97
N GLU C 415 43.60 22.11 -12.00
CA GLU C 415 42.48 22.87 -12.55
C GLU C 415 41.31 21.98 -12.89
N GLY C 416 41.55 20.74 -13.31
CA GLY C 416 40.46 19.88 -13.71
C GLY C 416 39.56 19.46 -12.56
N GLU C 417 40.06 19.51 -11.31
CA GLU C 417 39.17 19.34 -10.17
C GLU C 417 38.20 20.50 -10.07
N PHE C 418 38.64 21.71 -10.41
CA PHE C 418 37.73 22.85 -10.45
C PHE C 418 36.67 22.65 -11.52
N SER C 419 37.09 22.38 -12.76
CA SER C 419 36.12 22.27 -13.83
C SER C 419 35.20 21.06 -13.63
N GLU C 420 35.75 19.96 -13.14
CA GLU C 420 34.92 18.79 -12.89
C GLU C 420 33.85 19.12 -11.86
N ALA C 421 34.25 19.79 -10.77
CA ALA C 421 33.29 20.17 -9.75
C ALA C 421 32.23 21.12 -10.30
N ARG C 422 32.64 22.11 -11.10
CA ARG C 422 31.66 23.05 -11.63
C ARG C 422 30.65 22.36 -12.57
N GLU C 423 31.10 21.36 -13.32
CA GLU C 423 30.21 20.67 -14.25
C GLU C 423 29.16 19.85 -13.49
N ASP C 424 29.59 19.18 -12.44
CA ASP C 424 28.65 18.48 -11.58
C ASP C 424 27.58 19.45 -11.08
N MET C 425 28.00 20.64 -10.60
CA MET C 425 27.02 21.63 -10.16
C MET C 425 26.12 22.06 -11.32
N ALA C 426 26.69 22.24 -12.51
CA ALA C 426 25.86 22.56 -13.67
C ALA C 426 24.84 21.46 -13.89
N ALA C 427 25.27 20.19 -13.81
CA ALA C 427 24.34 19.09 -14.00
C ALA C 427 23.29 19.07 -12.90
N LEU C 428 23.68 19.43 -11.67
CA LEU C 428 22.73 19.50 -10.57
C LEU C 428 21.66 20.57 -10.82
N GLU C 429 22.06 21.76 -11.29
CA GLU C 429 21.08 22.78 -11.61
C GLU C 429 20.14 22.29 -12.72
N LYS C 430 20.70 21.58 -13.71
CA LYS C 430 19.90 20.98 -14.77
C LYS C 430 18.96 19.89 -14.22
N ASP C 431 19.45 19.07 -13.28
CA ASP C 431 18.58 18.08 -12.62
C ASP C 431 17.36 18.75 -11.99
N TYR C 432 17.56 19.85 -11.26
CA TYR C 432 16.42 20.52 -10.64
C TYR C 432 15.46 21.07 -11.68
N GLU C 433 15.96 21.49 -12.85
CA GLU C 433 15.07 21.93 -13.91
C GLU C 433 14.25 20.78 -14.47
N GLU C 434 14.89 19.64 -14.73
CA GLU C 434 14.20 18.49 -15.31
C GLU C 434 13.11 17.95 -14.41
N VAL C 435 13.32 17.90 -13.09
CA VAL C 435 12.31 17.28 -12.25
C VAL C 435 11.04 18.13 -12.16
N GLY C 436 11.09 19.35 -12.66
CA GLY C 436 9.97 20.25 -12.52
C GLY C 436 9.17 20.39 -13.79
N VAL C 437 9.67 19.83 -14.88
CA VAL C 437 8.97 19.83 -16.16
C VAL C 437 7.87 18.77 -16.11
N ASP C 438 6.71 19.07 -16.71
CA ASP C 438 5.60 18.12 -16.72
C ASP C 438 5.95 16.87 -17.51
N SER C 439 5.26 15.79 -17.18
CA SER C 439 5.38 14.51 -17.87
C SER C 439 4.73 14.61 -19.24
N VAL C 440 5.06 13.65 -20.10
CA VAL C 440 4.58 13.61 -21.48
C VAL C 440 3.48 12.56 -21.65
N MET D 1 48.84 28.34 19.80
CA MET D 1 49.81 29.37 19.44
C MET D 1 50.25 29.22 17.99
N ARG D 2 50.25 30.35 17.29
CA ARG D 2 50.63 30.44 15.88
C ARG D 2 51.66 31.55 15.83
N GLU D 3 52.94 31.18 15.90
CA GLU D 3 53.99 32.16 16.07
C GLU D 3 54.36 32.84 14.77
N ILE D 4 54.55 34.16 14.84
CA ILE D 4 55.21 34.94 13.79
C ILE D 4 56.61 35.24 14.28
N VAL D 5 57.60 35.12 13.38
CA VAL D 5 58.97 35.50 13.68
C VAL D 5 59.26 36.81 12.96
N HIS D 6 59.68 37.83 13.72
CA HIS D 6 59.92 39.17 13.21
C HIS D 6 61.42 39.40 13.01
N ILE D 7 61.76 39.96 11.85
CA ILE D 7 63.14 40.27 11.44
C ILE D 7 63.18 41.72 10.96
N GLN D 8 64.16 42.48 11.46
CA GLN D 8 64.41 43.87 11.03
C GLN D 8 65.85 44.04 10.56
N ALA D 9 66.02 44.59 9.36
CA ALA D 9 67.32 44.65 8.69
C ALA D 9 67.66 46.07 8.21
N GLY D 10 68.94 46.44 8.37
CA GLY D 10 69.44 47.72 7.93
C GLY D 10 69.01 48.83 8.86
N GLN D 11 69.34 50.07 8.46
CA GLN D 11 69.01 51.18 9.34
C GLN D 11 67.50 51.34 9.46
N CYS D 12 66.83 51.53 8.34
CA CYS D 12 65.39 51.77 8.35
C CYS D 12 64.65 50.61 9.00
N GLY D 13 65.03 49.38 8.67
CA GLY D 13 64.35 48.23 9.24
C GLY D 13 64.31 48.27 10.76
N ASN D 14 65.46 48.55 11.38
CA ASN D 14 65.51 48.53 12.84
C ASN D 14 64.76 49.70 13.48
N GLN D 15 64.77 50.86 12.85
CA GLN D 15 64.06 52.00 13.44
C GLN D 15 62.55 51.74 13.47
N ILE D 16 61.96 51.42 12.33
CA ILE D 16 60.52 51.13 12.34
C ILE D 16 60.23 49.81 13.09
N GLY D 17 61.17 48.86 13.06
CA GLY D 17 60.97 47.67 13.86
C GLY D 17 60.78 47.98 15.33
N ALA D 18 61.71 48.73 15.91
CA ALA D 18 61.61 49.09 17.33
C ALA D 18 60.30 49.82 17.60
N LYS D 19 59.96 50.80 16.76
CA LYS D 19 58.73 51.56 16.97
C LYS D 19 57.52 50.63 16.91
N PHE D 20 57.50 49.67 15.97
CA PHE D 20 56.43 48.68 15.94
C PHE D 20 56.34 47.95 17.28
N TRP D 21 57.47 47.50 17.82
CA TRP D 21 57.44 46.81 19.10
C TRP D 21 57.06 47.74 20.25
N GLU D 22 57.47 49.02 20.17
CA GLU D 22 57.00 49.99 21.16
C GLU D 22 55.48 50.09 21.15
N VAL D 23 54.87 50.23 19.96
CA VAL D 23 53.45 50.51 19.90
C VAL D 23 52.63 49.29 20.30
N ILE D 24 53.00 48.09 19.82
CA ILE D 24 52.19 46.93 20.16
C ILE D 24 52.44 46.48 21.59
N SER D 25 53.67 46.60 22.08
CA SER D 25 53.90 46.31 23.50
C SER D 25 53.03 47.20 24.37
N ASP D 26 53.04 48.50 24.12
CA ASP D 26 52.14 49.41 24.83
C ASP D 26 50.69 48.97 24.69
N GLU D 27 50.29 48.51 23.49
CA GLU D 27 48.90 48.12 23.28
C GLU D 27 48.55 46.82 24.02
N HIS D 28 49.52 45.92 24.19
CA HIS D 28 49.27 44.66 24.88
C HIS D 28 49.60 44.72 26.36
N GLY D 29 49.96 45.90 26.87
CA GLY D 29 50.27 46.01 28.28
C GLY D 29 51.55 45.31 28.67
N ILE D 30 52.55 45.31 27.79
CA ILE D 30 53.89 44.86 28.13
C ILE D 30 54.74 46.08 28.36
N ASP D 31 55.45 46.13 29.51
CA ASP D 31 56.34 47.25 29.78
C ASP D 31 57.73 46.93 29.24
N PRO D 32 58.68 47.88 29.32
CA PRO D 32 60.03 47.60 28.79
C PRO D 32 60.72 46.41 29.44
N THR D 33 60.29 45.94 30.60
CA THR D 33 60.93 44.81 31.27
C THR D 33 60.23 43.48 31.01
N GLY D 34 59.26 43.44 30.08
CA GLY D 34 58.61 42.20 29.74
C GLY D 34 57.48 41.78 30.65
N SER D 35 57.12 42.59 31.64
CA SER D 35 56.07 42.25 32.58
C SER D 35 54.72 42.73 32.07
N TYR D 36 53.69 41.94 32.31
CA TYR D 36 52.34 42.32 31.92
C TYR D 36 51.69 43.16 33.01
N HIS D 37 51.30 44.39 32.66
CA HIS D 37 50.49 45.26 33.52
C HIS D 37 49.36 45.78 32.64
N GLY D 38 48.31 44.98 32.50
CA GLY D 38 47.23 45.30 31.59
C GLY D 38 45.88 45.25 32.27
N ASP D 39 44.88 45.74 31.53
CA ASP D 39 43.49 45.79 32.00
C ASP D 39 42.67 44.62 31.46
N SER D 40 42.61 44.47 30.14
CA SER D 40 41.86 43.40 29.51
C SER D 40 42.76 42.20 29.27
N ASP D 41 42.14 41.01 29.20
CA ASP D 41 42.84 39.79 28.86
C ASP D 41 42.73 39.45 27.38
N LEU D 42 41.96 40.24 26.62
CA LEU D 42 42.13 40.27 25.17
C LEU D 42 43.57 40.59 24.80
N GLN D 43 44.34 41.14 25.73
CA GLN D 43 45.71 41.51 25.46
C GLN D 43 46.65 40.31 25.48
N LEU D 44 46.28 39.25 26.17
CA LEU D 44 47.15 38.11 26.35
C LEU D 44 46.60 36.84 25.69
N GLU D 45 45.38 36.89 25.15
CA GLU D 45 44.80 35.71 24.54
C GLU D 45 45.69 35.17 23.42
N ARG D 46 46.12 36.05 22.53
CA ARG D 46 46.94 35.70 21.39
C ARG D 46 48.30 36.35 21.46
N ILE D 47 48.79 36.64 22.66
CA ILE D 47 50.05 37.34 22.83
C ILE D 47 51.22 36.53 22.29
N ASN D 48 51.08 35.20 22.25
CA ASN D 48 52.13 34.32 21.78
C ASN D 48 52.36 34.42 20.27
N VAL D 49 51.46 35.05 19.52
CA VAL D 49 51.68 35.26 18.09
C VAL D 49 52.99 36.01 17.87
N TYR D 50 53.25 37.05 18.67
CA TYR D 50 54.43 37.89 18.50
C TYR D 50 55.44 37.81 19.64
N TYR D 51 55.05 37.37 20.83
CA TYR D 51 55.95 37.37 21.97
C TYR D 51 56.26 35.97 22.42
N ASN D 52 57.48 35.78 22.92
CA ASN D 52 57.87 34.53 23.55
C ASN D 52 57.66 34.64 25.05
N GLU D 53 57.31 33.52 25.67
CA GLU D 53 57.10 33.48 27.11
C GLU D 53 58.43 33.19 27.81
N ALA D 54 58.64 33.83 28.95
CA ALA D 54 59.85 33.60 29.73
C ALA D 54 59.52 33.51 31.21
N THR D 55 60.50 33.00 31.96
CA THR D 55 60.36 32.88 33.40
C THR D 55 60.06 34.24 34.03
N GLY D 56 59.40 34.20 35.19
CA GLY D 56 58.93 35.44 35.77
C GLY D 56 57.83 36.08 34.99
N ASN D 57 57.12 35.29 34.16
CA ASN D 57 56.10 35.78 33.23
C ASN D 57 56.62 36.94 32.38
N LYS D 58 57.89 36.86 31.98
CA LYS D 58 58.46 37.83 31.04
C LYS D 58 58.04 37.48 29.61
N TYR D 59 57.62 38.49 28.86
CA TYR D 59 57.30 38.34 27.45
C TYR D 59 58.42 38.96 26.64
N VAL D 60 59.07 38.15 25.80
CA VAL D 60 60.21 38.61 25.02
C VAL D 60 59.79 38.64 23.55
N PRO D 61 59.87 39.77 22.86
CA PRO D 61 59.52 39.77 21.44
C PRO D 61 60.35 38.74 20.69
N ARG D 62 59.67 38.03 19.78
CA ARG D 62 60.33 37.06 18.90
C ARG D 62 60.93 37.80 17.72
N ALA D 63 61.99 38.57 18.00
CA ALA D 63 62.55 39.50 17.04
C ALA D 63 64.04 39.26 16.86
N ILE D 64 64.51 39.42 15.63
CA ILE D 64 65.91 39.27 15.25
C ILE D 64 66.35 40.60 14.65
N LEU D 65 67.42 41.17 15.20
CA LEU D 65 67.91 42.47 14.74
C LEU D 65 69.20 42.27 13.94
N VAL D 66 69.25 42.87 12.74
CA VAL D 66 70.32 42.61 11.79
C VAL D 66 70.77 43.93 11.16
N ASP D 67 72.09 44.08 10.99
CA ASP D 67 72.66 45.21 10.25
C ASP D 67 74.14 44.95 10.03
N LEU D 68 74.65 45.36 8.87
CA LEU D 68 76.06 45.21 8.54
C LEU D 68 76.92 46.30 9.15
N GLU D 69 76.30 47.23 9.88
CA GLU D 69 76.98 48.38 10.43
C GLU D 69 76.63 48.37 11.91
N PRO D 70 77.59 48.35 12.80
CA PRO D 70 77.24 48.33 14.23
C PRO D 70 76.76 49.71 14.60
N GLY D 71 76.44 49.94 15.86
CA GLY D 71 75.86 51.20 16.23
C GLY D 71 74.37 51.28 16.09
N THR D 72 73.81 50.74 15.01
CA THR D 72 72.36 50.85 14.81
C THR D 72 71.62 50.11 15.92
N MET D 73 72.10 48.93 16.31
CA MET D 73 71.52 48.25 17.46
C MET D 73 71.87 48.93 18.77
N ASP D 74 73.03 49.61 18.84
CA ASP D 74 73.34 50.39 20.03
C ASP D 74 72.19 51.35 20.35
N SER D 75 71.73 52.08 19.34
CA SER D 75 70.60 52.97 19.55
C SER D 75 69.36 52.19 19.97
N VAL D 76 69.16 50.99 19.40
CA VAL D 76 68.01 50.17 19.74
C VAL D 76 68.02 49.78 21.22
N ARG D 77 69.14 49.22 21.70
CA ARG D 77 69.21 48.81 23.10
C ARG D 77 69.06 50.01 24.04
N SER D 78 69.60 51.17 23.65
CA SER D 78 69.41 52.36 24.48
C SER D 78 68.09 53.05 24.21
N GLY D 79 67.43 52.74 23.10
CA GLY D 79 66.14 53.33 22.82
C GLY D 79 65.10 52.81 23.79
N PRO D 80 63.90 53.37 23.73
CA PRO D 80 62.82 52.88 24.61
C PRO D 80 62.56 51.40 24.34
N PHE D 81 62.31 50.66 25.41
CA PHE D 81 62.05 49.22 25.32
C PHE D 81 63.26 48.43 24.82
N GLY D 82 64.44 49.05 24.76
CA GLY D 82 65.59 48.37 24.18
C GLY D 82 66.01 47.12 24.95
N GLN D 83 65.63 47.02 26.22
CA GLN D 83 65.97 45.86 27.04
C GLN D 83 64.90 44.77 26.98
N ILE D 84 63.80 45.01 26.28
CA ILE D 84 62.81 43.95 26.13
C ILE D 84 63.33 42.90 25.15
N PHE D 85 64.20 43.28 24.22
CA PHE D 85 64.68 42.35 23.22
C PHE D 85 65.68 41.38 23.81
N ARG D 86 65.59 40.14 23.39
CA ARG D 86 66.55 39.11 23.75
C ARG D 86 67.94 39.44 23.20
N PRO D 87 68.97 39.52 24.05
CA PRO D 87 70.27 40.02 23.57
C PRO D 87 70.95 39.14 22.54
N ASP D 88 70.74 37.81 22.57
CA ASP D 88 71.36 36.96 21.57
C ASP D 88 70.78 37.17 20.17
N ASN D 89 69.62 37.82 20.07
CA ASN D 89 68.94 38.05 18.80
C ASN D 89 69.46 39.30 18.08
N PHE D 90 70.50 39.94 18.61
CA PHE D 90 71.25 41.00 17.94
C PHE D 90 72.37 40.39 17.10
N VAL D 91 72.40 40.74 15.82
CA VAL D 91 73.39 40.24 14.86
C VAL D 91 73.92 41.44 14.07
N PHE D 92 75.25 41.66 14.07
CA PHE D 92 75.82 42.88 13.54
C PHE D 92 77.11 42.62 12.76
N GLY D 93 77.38 43.49 11.78
CA GLY D 93 78.63 43.52 11.05
C GLY D 93 79.50 44.70 11.42
N GLN D 94 80.42 45.04 10.51
CA GLN D 94 81.30 46.21 10.68
C GLN D 94 81.47 47.02 9.39
N GLY D 98 77.02 49.14 2.89
CA GLY D 98 77.46 50.50 2.66
C GLY D 98 76.67 51.26 1.59
N ASN D 99 75.35 51.05 1.60
CA ASN D 99 74.40 51.62 0.64
C ASN D 99 74.54 51.02 -0.76
N ASN D 100 75.11 49.82 -0.84
CA ASN D 100 75.32 49.11 -2.10
C ASN D 100 74.56 47.80 -2.00
N TRP D 101 73.50 47.66 -2.82
CA TRP D 101 72.69 46.45 -2.79
C TRP D 101 73.56 45.20 -2.97
N ALA D 102 74.51 45.24 -3.91
CA ALA D 102 75.34 44.06 -4.17
C ALA D 102 76.12 43.65 -2.92
N LYS D 103 76.66 44.62 -2.19
CA LYS D 103 77.41 44.28 -0.97
C LYS D 103 76.50 43.65 0.07
N GLY D 104 75.27 44.12 0.19
CA GLY D 104 74.35 43.52 1.15
C GLY D 104 73.88 42.16 0.70
N HIS D 105 73.71 41.97 -0.60
CA HIS D 105 73.14 40.72 -1.10
C HIS D 105 74.21 39.70 -1.45
N TYR D 106 75.36 40.14 -1.94
CA TYR D 106 76.34 39.22 -2.50
C TYR D 106 77.65 39.16 -1.74
N THR D 107 78.09 40.25 -1.10
CA THR D 107 79.43 40.25 -0.52
C THR D 107 79.43 40.37 1.00
N GLU D 108 79.10 41.53 1.57
CA GLU D 108 79.08 41.66 3.03
C GLU D 108 77.94 40.88 3.66
N GLY D 109 76.74 40.95 3.07
CA GLY D 109 75.59 40.29 3.65
C GLY D 109 75.72 38.78 3.63
N ALA D 110 76.40 38.23 2.61
CA ALA D 110 76.62 36.79 2.57
C ALA D 110 77.49 36.34 3.72
N GLU D 111 78.52 37.13 4.07
CA GLU D 111 79.38 36.77 5.18
C GLU D 111 78.61 36.63 6.47
N LEU D 112 77.61 37.48 6.68
CA LEU D 112 76.89 37.52 7.94
C LEU D 112 75.59 36.70 7.92
N VAL D 113 75.11 36.27 6.74
CA VAL D 113 73.75 35.73 6.63
C VAL D 113 73.60 34.43 7.42
N ASP D 114 74.62 33.58 7.45
CA ASP D 114 74.48 32.30 8.17
C ASP D 114 74.27 32.52 9.67
N SER D 115 75.04 33.45 10.26
CA SER D 115 74.85 33.73 11.69
C SER D 115 73.43 34.24 11.96
N VAL D 116 72.83 35.01 11.02
CA VAL D 116 71.43 35.39 11.17
C VAL D 116 70.53 34.16 11.10
N LEU D 117 70.75 33.29 10.12
CA LEU D 117 69.89 32.11 9.98
C LEU D 117 69.98 31.22 11.21
N ASP D 118 71.14 31.20 11.86
CA ASP D 118 71.25 30.40 13.08
C ASP D 118 70.28 30.91 14.14
N VAL D 119 70.19 32.23 14.30
CA VAL D 119 69.23 32.82 15.25
C VAL D 119 67.80 32.57 14.79
N VAL D 120 67.54 32.69 13.49
CA VAL D 120 66.21 32.37 12.96
C VAL D 120 65.83 30.94 13.34
N ARG D 121 66.76 29.99 13.15
CA ARG D 121 66.48 28.59 13.47
C ARG D 121 66.12 28.43 14.95
N LYS D 122 66.89 29.07 15.82
CA LYS D 122 66.65 28.92 17.25
C LYS D 122 65.25 29.39 17.63
N GLU D 123 64.85 30.56 17.13
CA GLU D 123 63.49 31.03 17.41
C GLU D 123 62.44 30.15 16.73
N SER D 124 62.71 29.70 15.51
CA SER D 124 61.75 28.87 14.79
C SER D 124 61.55 27.52 15.46
N GLU D 125 62.65 26.85 15.83
CA GLU D 125 62.56 25.51 16.39
C GLU D 125 61.77 25.48 17.70
N SER D 126 61.70 26.61 18.41
CA SER D 126 60.93 26.72 19.63
C SER D 126 59.52 27.23 19.39
N CYS D 127 58.94 26.96 18.22
CA CYS D 127 57.57 27.35 17.89
C CYS D 127 56.69 26.13 17.86
N ASP D 128 55.47 26.27 18.38
CA ASP D 128 54.49 25.22 18.26
C ASP D 128 54.08 25.02 16.80
N CYS D 129 53.74 26.11 16.12
CA CYS D 129 53.36 26.04 14.70
C CYS D 129 53.67 27.39 14.05
N LEU D 130 54.79 27.45 13.34
CA LEU D 130 55.27 28.69 12.73
C LEU D 130 54.37 29.14 11.58
N GLN D 131 53.79 30.34 11.70
CA GLN D 131 53.10 30.93 10.56
C GLN D 131 54.09 31.32 9.48
N GLY D 132 55.20 31.93 9.87
CA GLY D 132 56.12 32.48 8.92
C GLY D 132 56.78 33.71 9.49
N PHE D 133 57.23 34.56 8.58
CA PHE D 133 58.15 35.63 8.91
C PHE D 133 57.60 36.97 8.46
N GLN D 134 58.12 38.01 9.10
CA GLN D 134 57.74 39.38 8.80
C GLN D 134 59.02 40.22 8.85
N LEU D 135 59.36 40.85 7.72
CA LEU D 135 60.61 41.61 7.60
C LEU D 135 60.31 43.09 7.47
N THR D 136 60.99 43.91 8.25
CA THR D 136 60.96 45.36 8.10
C THR D 136 62.29 45.78 7.50
N HIS D 137 62.24 46.62 6.48
CA HIS D 137 63.47 47.05 5.81
C HIS D 137 63.13 48.19 4.87
N SER D 138 64.17 48.92 4.46
CA SER D 138 64.06 49.85 3.35
C SER D 138 64.51 49.15 2.07
N LEU D 139 64.02 49.62 0.94
CA LEU D 139 64.49 49.11 -0.33
C LEU D 139 65.57 49.98 -0.96
N GLY D 140 65.95 51.07 -0.31
CA GLY D 140 66.82 52.04 -0.93
C GLY D 140 68.24 52.09 -0.43
N GLY D 141 68.51 51.47 0.72
CA GLY D 141 69.84 51.38 1.29
C GLY D 141 70.56 50.15 0.83
N GLY D 142 71.48 49.67 1.66
CA GLY D 142 72.26 48.51 1.29
C GLY D 142 71.99 47.27 2.10
N THR D 143 71.78 47.43 3.41
CA THR D 143 71.61 46.26 4.27
C THR D 143 70.19 45.72 4.19
N GLY D 144 69.22 46.54 4.58
CA GLY D 144 67.83 46.11 4.54
C GLY D 144 67.41 45.71 3.13
N SER D 145 67.94 46.41 2.13
CA SER D 145 67.59 46.12 0.74
C SER D 145 68.25 44.85 0.25
N GLY D 146 69.59 44.82 0.28
CA GLY D 146 70.33 43.72 -0.31
C GLY D 146 70.39 42.52 0.60
N MET D 147 70.73 42.75 1.86
CA MET D 147 70.77 41.63 2.80
C MET D 147 69.38 41.16 3.21
N GLY D 148 68.42 42.08 3.31
CA GLY D 148 67.05 41.66 3.58
C GLY D 148 66.53 40.70 2.53
N THR D 149 66.73 41.05 1.25
CA THR D 149 66.28 40.19 0.17
C THR D 149 67.05 38.89 0.10
N LEU D 150 68.34 38.88 0.49
CA LEU D 150 69.07 37.62 0.57
C LEU D 150 68.52 36.76 1.70
N LEU D 151 68.26 37.38 2.85
CA LEU D 151 67.68 36.67 3.97
C LEU D 151 66.35 36.03 3.60
N ILE D 152 65.52 36.73 2.81
CA ILE D 152 64.28 36.16 2.33
C ILE D 152 64.55 34.89 1.51
N SER D 153 65.48 34.99 0.55
CA SER D 153 65.80 33.85 -0.29
C SER D 153 66.29 32.66 0.53
N LYS D 154 67.11 32.91 1.55
CA LYS D 154 67.67 31.80 2.33
C LYS D 154 66.65 31.24 3.30
N ILE D 155 65.85 32.10 3.91
CA ILE D 155 64.76 31.63 4.77
C ILE D 155 63.74 30.84 3.95
N ARG D 156 63.41 31.35 2.75
CA ARG D 156 62.41 30.68 1.94
C ARG D 156 62.92 29.32 1.47
N GLU D 157 64.22 29.21 1.20
CA GLU D 157 64.80 27.93 0.82
C GLU D 157 64.68 26.92 1.96
N GLU D 158 64.79 27.37 3.21
CA GLU D 158 64.75 26.51 4.38
C GLU D 158 63.34 26.32 4.94
N TYR D 159 62.42 27.21 4.62
CA TYR D 159 61.03 27.12 5.08
C TYR D 159 60.10 27.36 3.90
N PRO D 160 60.14 26.49 2.88
CA PRO D 160 59.37 26.75 1.67
C PRO D 160 57.86 26.71 1.89
N ASP D 161 57.40 26.26 3.06
CA ASP D 161 55.98 26.14 3.36
C ASP D 161 55.53 27.08 4.47
N ARG D 162 56.29 28.12 4.76
CA ARG D 162 55.84 29.16 5.67
C ARG D 162 55.65 30.46 4.90
N ILE D 163 54.82 31.34 5.43
CA ILE D 163 54.51 32.58 4.73
C ILE D 163 55.66 33.56 4.95
N MET D 164 56.07 34.24 3.87
CA MET D 164 57.08 35.28 3.93
C MET D 164 56.38 36.62 3.67
N ASN D 165 56.39 37.49 4.67
CA ASN D 165 55.70 38.77 4.65
C ASN D 165 56.69 39.87 4.99
N THR D 166 56.66 40.99 4.25
CA THR D 166 57.58 42.09 4.53
C THR D 166 56.85 43.42 4.57
N PHE D 167 57.40 44.34 5.38
CA PHE D 167 57.08 45.77 5.33
C PHE D 167 58.26 46.46 4.63
N SER D 168 58.05 46.90 3.39
CA SER D 168 59.13 47.38 2.54
C SER D 168 59.02 48.89 2.35
N VAL D 169 60.05 49.61 2.79
CA VAL D 169 60.10 51.07 2.69
C VAL D 169 60.77 51.46 1.37
N MET D 170 59.98 52.09 0.47
CA MET D 170 60.31 52.56 -0.86
C MET D 170 61.01 53.91 -0.81
N PRO D 171 62.03 54.11 -1.64
CA PRO D 171 62.77 55.38 -1.60
C PRO D 171 62.07 56.52 -2.35
N SER D 172 62.20 57.72 -1.81
CA SER D 172 61.68 58.91 -2.47
C SER D 172 62.74 59.99 -2.49
N PRO D 173 62.92 60.66 -3.63
CA PRO D 173 63.85 61.80 -3.66
C PRO D 173 63.44 62.92 -2.71
N LYS D 174 62.22 62.89 -2.20
CA LYS D 174 61.71 63.87 -1.24
C LYS D 174 62.16 63.61 0.19
N VAL D 175 62.85 62.49 0.47
CA VAL D 175 63.34 62.20 1.82
C VAL D 175 64.85 61.99 1.83
N SER D 176 65.39 61.27 0.86
CA SER D 176 66.82 60.96 0.84
C SER D 176 67.36 61.29 -0.54
N ASP D 177 68.60 61.78 -0.59
CA ASP D 177 69.22 62.22 -1.83
C ASP D 177 70.17 61.19 -2.43
N THR D 178 70.55 60.15 -1.67
CA THR D 178 71.39 59.10 -2.21
C THR D 178 70.92 58.74 -3.61
N VAL D 179 71.81 58.88 -4.59
CA VAL D 179 71.38 58.76 -5.98
C VAL D 179 71.13 57.34 -6.44
N VAL D 180 71.72 56.34 -5.77
CA VAL D 180 71.61 54.96 -6.23
C VAL D 180 70.36 54.26 -5.72
N GLU D 181 69.48 54.96 -5.00
CA GLU D 181 68.25 54.36 -4.51
C GLU D 181 67.42 53.69 -5.60
N PRO D 182 67.16 54.32 -6.75
CA PRO D 182 66.37 53.63 -7.80
C PRO D 182 67.00 52.33 -8.26
N TYR D 183 68.33 52.23 -8.28
CA TYR D 183 68.96 50.93 -8.53
C TYR D 183 68.65 49.95 -7.40
N ASN D 184 68.91 50.35 -6.15
CA ASN D 184 68.70 49.45 -5.02
C ASN D 184 67.23 49.02 -4.92
N ALA D 185 66.31 49.96 -5.16
CA ALA D 185 64.90 49.64 -5.04
C ALA D 185 64.49 48.64 -6.13
N THR D 186 64.92 48.88 -7.37
CA THR D 186 64.54 47.99 -8.47
C THR D 186 65.08 46.58 -8.23
N LEU D 187 66.30 46.48 -7.70
CA LEU D 187 66.87 45.17 -7.44
C LEU D 187 66.15 44.45 -6.31
N SER D 188 65.71 45.19 -5.29
CA SER D 188 64.94 44.56 -4.21
C SER D 188 63.60 44.09 -4.72
N VAL D 189 62.91 44.94 -5.49
CA VAL D 189 61.60 44.56 -6.03
C VAL D 189 61.73 43.26 -6.84
N HIS D 190 62.82 43.12 -7.60
CA HIS D 190 63.04 41.89 -8.38
C HIS D 190 63.04 40.67 -7.49
N GLN D 191 63.56 40.80 -6.26
CA GLN D 191 63.52 39.68 -5.32
C GLN D 191 62.15 39.54 -4.68
N LEU D 192 61.48 40.65 -4.35
CA LEU D 192 60.21 40.58 -3.65
C LEU D 192 59.13 39.95 -4.51
N VAL D 193 59.10 40.28 -5.79
CA VAL D 193 58.11 39.71 -6.69
C VAL D 193 58.20 38.18 -6.69
N GLU D 194 59.42 37.65 -6.62
CA GLU D 194 59.60 36.21 -6.73
C GLU D 194 59.48 35.48 -5.41
N ASN D 195 59.78 36.13 -4.28
CA ASN D 195 60.07 35.38 -3.07
C ASN D 195 59.32 35.83 -1.81
N THR D 196 58.39 36.78 -1.90
CA THR D 196 57.49 37.03 -0.77
C THR D 196 56.05 36.73 -1.18
N ASP D 197 55.25 36.38 -0.18
CA ASP D 197 53.82 36.17 -0.33
C ASP D 197 52.99 37.44 -0.18
N GLU D 198 53.46 38.41 0.63
CA GLU D 198 52.78 39.68 0.86
C GLU D 198 53.80 40.78 1.15
N THR D 199 53.62 41.95 0.55
CA THR D 199 54.48 43.09 0.83
C THR D 199 53.64 44.35 0.99
N TYR D 200 53.78 45.00 2.13
CA TYR D 200 53.21 46.32 2.35
C TYR D 200 54.14 47.37 1.77
N CYS D 201 53.65 48.13 0.80
CA CYS D 201 54.44 49.22 0.23
C CYS D 201 54.34 50.43 1.13
N ILE D 202 55.35 50.62 1.98
CA ILE D 202 55.47 51.78 2.86
C ILE D 202 56.31 52.80 2.09
N ASP D 203 55.65 53.80 1.52
CA ASP D 203 56.28 54.69 0.56
C ASP D 203 56.70 56.00 1.24
N ASN D 204 58.01 56.26 1.24
CA ASN D 204 58.48 57.49 1.85
C ASN D 204 57.91 58.72 1.17
N GLU D 205 57.64 58.63 -0.13
CA GLU D 205 57.03 59.78 -0.80
C GLU D 205 55.62 60.05 -0.26
N ALA D 206 54.84 59.01 -0.02
CA ALA D 206 53.53 59.23 0.59
C ALA D 206 53.65 59.70 2.04
N LEU D 207 54.63 59.17 2.78
CA LEU D 207 54.82 59.59 4.16
C LEU D 207 55.22 61.05 4.25
N TYR D 208 56.14 61.48 3.39
CA TYR D 208 56.51 62.90 3.34
C TYR D 208 55.32 63.77 2.94
N ASP D 209 54.66 63.43 1.82
CA ASP D 209 53.53 64.24 1.37
C ASP D 209 52.45 64.33 2.44
N ILE D 210 52.32 63.30 3.27
CA ILE D 210 51.34 63.33 4.34
C ILE D 210 51.80 64.28 5.45
N CYS D 211 53.08 64.20 5.83
CA CYS D 211 53.60 65.02 6.91
C CYS D 211 53.59 66.50 6.55
N PHE D 212 53.92 66.83 5.31
CA PHE D 212 54.02 68.23 4.91
C PHE D 212 52.64 68.83 4.65
N ARG D 213 51.83 68.16 3.85
CA ARG D 213 50.55 68.74 3.43
C ARG D 213 49.47 68.56 4.48
N THR D 214 49.29 67.35 5.00
CA THR D 214 48.20 67.12 5.94
C THR D 214 48.58 67.59 7.34
N LEU D 215 49.70 67.10 7.88
CA LEU D 215 50.10 67.52 9.22
C LEU D 215 50.85 68.85 9.24
N LYS D 216 51.09 69.48 8.09
CA LYS D 216 51.73 70.80 8.01
C LYS D 216 53.15 70.83 8.57
N LEU D 217 53.85 69.69 8.61
CA LEU D 217 55.24 69.69 9.07
C LEU D 217 56.12 70.13 7.91
N THR D 218 56.67 71.34 8.02
CA THR D 218 57.42 71.94 6.92
C THR D 218 58.74 71.23 6.68
N THR D 219 59.38 70.75 7.75
CA THR D 219 60.64 70.02 7.66
C THR D 219 60.45 68.67 8.36
N PRO D 220 59.83 67.71 7.69
CA PRO D 220 59.58 66.40 8.32
C PRO D 220 60.86 65.59 8.46
N THR D 221 61.01 64.96 9.62
CA THR D 221 62.13 64.10 9.92
C THR D 221 61.75 62.62 9.78
N TYR D 222 62.76 61.76 9.89
CA TYR D 222 62.48 60.33 9.95
C TYR D 222 61.63 59.99 11.16
N GLY D 223 61.72 60.77 12.24
CA GLY D 223 60.83 60.56 13.36
C GLY D 223 59.37 60.77 13.02
N ASP D 224 59.06 61.87 12.31
CA ASP D 224 57.66 62.16 11.95
C ASP D 224 57.15 61.18 10.90
N LEU D 225 58.02 60.77 9.98
CA LEU D 225 57.64 59.78 8.98
C LEU D 225 57.32 58.44 9.63
N ASN D 226 58.15 58.02 10.58
CA ASN D 226 58.00 56.70 11.18
C ASN D 226 56.84 56.65 12.17
N HIS D 227 56.33 57.79 12.62
CA HIS D 227 55.15 57.77 13.46
C HIS D 227 53.94 57.29 12.65
N LEU D 228 53.86 57.71 11.39
CA LEU D 228 52.90 57.13 10.45
C LEU D 228 53.10 55.64 10.30
N VAL D 229 54.37 55.21 10.18
CA VAL D 229 54.65 53.82 9.87
C VAL D 229 54.23 52.92 11.03
N SER D 230 54.41 53.37 12.27
CA SER D 230 54.00 52.51 13.37
C SER D 230 52.49 52.47 13.54
N ALA D 231 51.80 53.58 13.24
CA ALA D 231 50.35 53.56 13.31
C ALA D 231 49.77 52.59 12.29
N THR D 232 50.33 52.60 11.08
CA THR D 232 49.91 51.64 10.05
C THR D 232 50.24 50.21 10.45
N MET D 233 51.46 49.98 10.90
CA MET D 233 51.84 48.61 11.23
C MET D 233 50.99 48.08 12.38
N SER D 234 50.65 48.94 13.33
CA SER D 234 49.72 48.52 14.37
C SER D 234 48.36 48.16 13.78
N GLY D 235 47.87 48.97 12.83
CA GLY D 235 46.58 48.69 12.25
C GLY D 235 46.55 47.39 11.48
N VAL D 236 47.51 47.19 10.57
CA VAL D 236 47.42 46.04 9.67
C VAL D 236 47.61 44.73 10.42
N THR D 237 48.25 44.72 11.59
CA THR D 237 48.41 43.51 12.41
C THR D 237 47.29 43.30 13.44
N THR D 238 46.30 44.19 13.51
CA THR D 238 45.28 44.10 14.57
C THR D 238 44.63 42.72 14.64
N CYS D 239 44.23 42.17 13.50
CA CYS D 239 43.52 40.91 13.48
C CYS D 239 44.40 39.70 13.68
N LEU D 240 45.72 39.88 13.70
CA LEU D 240 46.64 38.80 14.04
C LEU D 240 46.85 38.69 15.55
N ARG D 241 46.75 39.82 16.26
CA ARG D 241 47.12 39.93 17.66
C ARG D 241 45.94 39.87 18.63
N PHE D 242 44.72 40.12 18.18
CA PHE D 242 43.60 40.17 19.12
C PHE D 242 42.50 39.18 18.75
N PRO D 243 41.74 38.69 19.72
CA PRO D 243 40.61 37.83 19.40
C PRO D 243 39.42 38.66 18.94
N GLY D 244 38.75 38.19 17.89
CA GLY D 244 37.59 38.87 17.33
C GLY D 244 36.76 37.88 16.53
N GLN D 245 35.79 38.43 15.76
CA GLN D 245 34.93 37.54 14.97
C GLN D 245 35.71 36.82 13.87
N LEU D 246 36.78 37.42 13.36
CA LEU D 246 37.64 36.79 12.36
C LEU D 246 39.07 36.72 12.90
N ASN D 247 39.50 35.52 13.28
CA ASN D 247 40.84 35.27 13.82
C ASN D 247 41.81 35.03 12.66
N ALA D 248 42.64 36.02 12.35
CA ALA D 248 43.45 35.98 11.15
C ALA D 248 44.89 35.53 11.43
N ASP D 249 45.53 35.04 10.36
CA ASP D 249 46.96 34.72 10.35
C ASP D 249 47.53 35.11 8.98
N LEU D 250 48.85 34.99 8.86
CA LEU D 250 49.53 35.43 7.65
C LEU D 250 49.05 34.64 6.42
N ARG D 251 48.70 33.36 6.58
CA ARG D 251 48.31 32.59 5.40
C ARG D 251 46.90 32.98 4.94
N LYS D 252 45.99 33.20 5.89
CA LYS D 252 44.64 33.63 5.53
C LYS D 252 44.65 35.03 4.92
N LEU D 253 45.57 35.89 5.36
CA LEU D 253 45.75 37.18 4.72
C LEU D 253 46.19 37.00 3.27
N ALA D 254 47.19 36.14 3.05
CA ALA D 254 47.71 35.93 1.70
C ALA D 254 46.63 35.36 0.79
N VAL D 255 45.95 34.29 1.24
CA VAL D 255 44.98 33.59 0.41
C VAL D 255 43.87 34.54 -0.03
N ASN D 256 43.41 35.38 0.89
CA ASN D 256 42.26 36.22 0.58
C ASN D 256 42.62 37.53 -0.09
N MET D 257 43.88 37.99 0.03
CA MET D 257 44.28 39.26 -0.57
C MET D 257 45.03 39.07 -1.90
N VAL D 258 45.60 37.90 -2.16
CA VAL D 258 46.50 37.79 -3.31
C VAL D 258 45.90 36.92 -4.41
N PRO D 259 45.18 37.53 -5.36
CA PRO D 259 44.53 36.73 -6.42
C PRO D 259 45.50 36.06 -7.39
N PHE D 260 46.71 36.61 -7.59
CA PHE D 260 47.72 35.98 -8.45
C PHE D 260 49.07 36.14 -7.77
N PRO D 261 49.95 35.12 -7.81
CA PRO D 261 51.13 35.10 -6.90
C PRO D 261 51.92 36.39 -6.87
N ARG D 262 52.16 37.03 -8.03
CA ARG D 262 53.02 38.21 -8.14
C ARG D 262 52.32 39.50 -7.72
N LEU D 263 50.99 39.56 -7.79
CA LEU D 263 50.25 40.77 -7.44
C LEU D 263 50.02 40.77 -5.93
N HIS D 264 51.11 40.96 -5.17
CA HIS D 264 51.05 40.85 -3.72
C HIS D 264 51.59 42.10 -3.00
N PHE D 265 51.49 43.27 -3.63
CA PHE D 265 52.01 44.51 -3.07
C PHE D 265 50.85 45.41 -2.66
N PHE D 266 50.77 45.72 -1.37
CA PHE D 266 49.57 46.29 -0.78
C PHE D 266 49.74 47.79 -0.55
N MET D 267 48.65 48.54 -0.77
CA MET D 267 48.55 49.93 -0.33
C MET D 267 47.94 49.98 1.05
N PRO D 268 48.68 50.37 2.08
CA PRO D 268 48.04 50.62 3.38
C PRO D 268 47.44 52.02 3.42
N GLY D 269 46.40 52.14 4.22
CA GLY D 269 45.78 53.44 4.46
C GLY D 269 45.44 53.53 5.93
N PHE D 270 45.40 54.77 6.42
CA PHE D 270 45.08 55.00 7.82
C PHE D 270 44.21 56.25 7.93
N ALA D 271 43.37 56.26 8.95
CA ALA D 271 42.51 57.41 9.25
C ALA D 271 42.16 57.37 10.73
N PRO D 272 42.00 58.52 11.37
CA PRO D 272 42.21 59.87 10.80
C PRO D 272 43.70 60.24 10.78
N LEU D 273 44.13 61.03 9.80
CA LEU D 273 45.46 61.65 9.84
C LEU D 273 45.36 63.12 10.27
N LEU D 284 36.29 61.47 15.25
CA LEU D 284 35.71 61.39 13.92
C LEU D 284 34.41 60.56 13.87
N THR D 285 33.58 60.82 12.86
CA THR D 285 32.37 60.03 12.64
C THR D 285 32.65 58.80 11.77
N VAL D 286 31.89 57.74 12.01
CA VAL D 286 32.08 56.49 11.27
C VAL D 286 31.99 56.69 9.76
N PRO D 287 31.02 57.45 9.22
CA PRO D 287 31.07 57.75 7.78
C PRO D 287 32.31 58.52 7.34
N GLU D 288 32.81 59.40 8.20
CA GLU D 288 34.03 60.15 7.87
C GLU D 288 35.24 59.24 7.81
N LEU D 289 35.41 58.38 8.83
CA LEU D 289 36.49 57.39 8.79
C LEU D 289 36.46 56.62 7.48
N THR D 290 35.30 56.09 7.12
CA THR D 290 35.20 55.32 5.89
C THR D 290 35.62 56.16 4.70
N GLN D 291 35.10 57.38 4.60
CA GLN D 291 35.39 58.23 3.44
C GLN D 291 36.87 58.60 3.40
N GLN D 292 37.45 58.95 4.57
CA GLN D 292 38.86 59.32 4.63
C GLN D 292 39.78 58.14 4.32
N MET D 293 39.37 56.94 4.74
CA MET D 293 40.23 55.78 4.59
C MET D 293 40.44 55.43 3.13
N PHE D 294 39.43 55.65 2.29
CA PHE D 294 39.54 55.41 0.86
C PHE D 294 40.07 56.63 0.13
N ASP D 295 40.31 57.73 0.85
CA ASP D 295 40.83 58.95 0.27
C ASP D 295 42.29 58.79 -0.10
N SER D 296 42.65 59.27 -1.29
CA SER D 296 44.03 59.15 -1.73
C SER D 296 45.01 59.83 -0.77
N LYS D 297 44.58 60.87 -0.06
CA LYS D 297 45.46 61.57 0.88
C LYS D 297 45.74 60.78 2.17
N ASN D 298 45.08 59.64 2.39
CA ASN D 298 45.32 58.83 3.58
C ASN D 298 46.10 57.55 3.29
N MET D 299 46.59 57.39 2.06
CA MET D 299 47.32 56.20 1.65
C MET D 299 48.80 56.31 1.97
N MET D 300 49.41 55.19 2.35
CA MET D 300 50.85 55.16 2.59
C MET D 300 51.62 54.74 1.36
N ALA D 301 50.99 54.74 0.17
CA ALA D 301 51.66 54.26 -1.03
C ALA D 301 51.65 55.28 -2.17
N ALA D 302 51.20 56.51 -1.95
CA ALA D 302 51.34 57.58 -2.94
C ALA D 302 50.85 57.13 -4.32
N CYS D 303 49.66 56.56 -4.33
CA CYS D 303 48.98 56.15 -5.55
C CYS D 303 47.53 56.59 -5.39
N ASP D 304 46.94 57.19 -6.40
CA ASP D 304 45.51 57.46 -6.33
C ASP D 304 44.72 56.19 -6.65
N PRO D 305 43.89 55.69 -5.73
CA PRO D 305 43.08 54.50 -6.06
C PRO D 305 42.13 54.70 -7.23
N ARG D 306 41.66 55.93 -7.48
CA ARG D 306 40.77 56.19 -8.61
C ARG D 306 41.49 56.14 -9.93
N HIS D 307 42.81 55.95 -9.93
CA HIS D 307 43.56 55.73 -11.16
C HIS D 307 43.70 54.25 -11.48
N GLY D 308 43.09 53.38 -10.68
CA GLY D 308 43.15 51.95 -10.85
C GLY D 308 41.93 51.23 -10.30
N ARG D 309 42.03 49.92 -10.05
CA ARG D 309 40.92 49.14 -9.52
C ARG D 309 41.38 48.30 -8.33
N TYR D 310 40.47 48.12 -7.38
CA TYR D 310 40.75 47.28 -6.23
C TYR D 310 40.51 45.81 -6.58
N LEU D 311 41.56 45.01 -6.54
CA LEU D 311 41.34 43.57 -6.59
C LEU D 311 40.71 43.08 -5.27
N THR D 312 41.34 43.42 -4.14
CA THR D 312 40.82 43.04 -2.83
C THR D 312 41.12 44.12 -1.80
N VAL D 313 40.32 44.15 -0.73
CA VAL D 313 40.48 45.14 0.33
C VAL D 313 40.20 44.52 1.70
N ALA D 314 41.02 44.87 2.68
CA ALA D 314 40.82 44.47 4.06
C ALA D 314 40.81 45.74 4.91
N ALA D 315 39.80 45.86 5.77
CA ALA D 315 39.59 47.06 6.57
C ALA D 315 39.47 46.65 8.04
N ILE D 316 40.12 47.43 8.92
CA ILE D 316 40.06 47.20 10.37
C ILE D 316 39.58 48.48 11.03
N PHE D 317 38.49 48.37 11.78
CA PHE D 317 38.02 49.49 12.58
C PHE D 317 38.34 49.19 14.04
N ARG D 318 39.03 50.12 14.70
CA ARG D 318 39.50 49.97 16.06
C ARG D 318 38.90 51.07 16.94
N GLY D 319 38.35 50.67 18.07
CA GLY D 319 37.65 51.59 18.93
C GLY D 319 36.22 51.14 19.16
N ARG D 320 35.53 51.90 20.00
CA ARG D 320 34.15 51.61 20.36
C ARG D 320 33.23 52.34 19.41
N MET D 321 32.40 51.60 18.68
CA MET D 321 31.56 52.19 17.65
C MET D 321 30.49 51.18 17.26
N SER D 322 29.45 51.68 16.59
CA SER D 322 28.34 50.80 16.21
C SER D 322 28.77 50.01 14.98
N MET D 323 28.92 48.70 15.17
CA MET D 323 29.30 47.84 14.06
C MET D 323 28.23 47.77 12.98
N LYS D 324 26.96 47.95 13.36
CA LYS D 324 25.91 48.12 12.36
C LYS D 324 26.20 49.32 11.48
N GLU D 325 26.65 50.42 12.08
CA GLU D 325 26.94 51.63 11.30
C GLU D 325 28.15 51.41 10.41
N VAL D 326 29.15 50.65 10.87
CA VAL D 326 30.28 50.36 10.02
C VAL D 326 29.86 49.47 8.86
N ASP D 327 29.01 48.47 9.13
CA ASP D 327 28.51 47.59 8.06
C ASP D 327 27.83 48.39 6.96
N GLU D 328 26.97 49.35 7.33
CA GLU D 328 26.27 50.16 6.33
C GLU D 328 27.24 51.07 5.55
N GLN D 329 28.19 51.68 6.24
CA GLN D 329 29.10 52.62 5.58
C GLN D 329 30.04 51.90 4.62
N MET D 330 30.51 50.71 5.00
CA MET D 330 31.38 49.95 4.09
C MET D 330 30.61 49.50 2.85
N LEU D 331 29.34 49.12 3.02
CA LEU D 331 28.50 48.86 1.85
C LEU D 331 28.23 50.13 1.07
N ASN D 332 28.10 51.27 1.75
CA ASN D 332 27.79 52.51 1.05
C ASN D 332 28.93 52.92 0.13
N VAL D 333 30.16 52.89 0.65
CA VAL D 333 31.33 53.31 -0.13
C VAL D 333 31.50 52.42 -1.36
N GLN D 334 31.23 51.12 -1.22
CA GLN D 334 31.37 50.24 -2.39
C GLN D 334 30.33 50.54 -3.46
N ASN D 335 29.08 50.85 -3.05
CA ASN D 335 28.05 51.11 -4.03
C ASN D 335 28.29 52.42 -4.78
N LYS D 336 28.72 53.45 -4.05
CA LYS D 336 28.99 54.74 -4.67
C LYS D 336 30.30 54.75 -5.44
N ASN D 337 31.17 53.76 -5.22
CA ASN D 337 32.48 53.68 -5.86
C ASN D 337 32.66 52.34 -6.56
N SER D 338 31.55 51.72 -6.99
CA SER D 338 31.56 50.38 -7.55
C SER D 338 32.54 50.20 -8.70
N SER D 339 32.76 51.24 -9.51
CA SER D 339 33.67 51.14 -10.66
C SER D 339 35.12 50.88 -10.25
N TYR D 340 35.50 51.18 -9.01
CA TYR D 340 36.87 51.02 -8.56
C TYR D 340 37.13 49.69 -7.85
N PHE D 341 36.19 48.75 -7.91
CA PHE D 341 36.36 47.39 -7.38
C PHE D 341 36.09 46.42 -8.52
N VAL D 342 37.07 45.56 -8.83
CA VAL D 342 36.88 44.63 -9.94
C VAL D 342 35.62 43.83 -9.73
N GLU D 343 34.81 43.72 -10.77
CA GLU D 343 33.55 43.00 -10.69
C GLU D 343 33.73 41.48 -10.69
N TRP D 344 34.88 40.95 -11.12
CA TRP D 344 35.06 39.50 -11.24
C TRP D 344 35.59 38.84 -9.97
N ILE D 345 35.64 39.58 -8.87
CA ILE D 345 35.92 39.02 -7.54
C ILE D 345 34.77 39.44 -6.62
N PRO D 346 33.72 38.63 -6.47
CA PRO D 346 32.57 39.04 -5.65
C PRO D 346 32.99 39.26 -4.21
N ASN D 347 32.39 40.24 -3.56
CA ASN D 347 32.59 40.43 -2.12
C ASN D 347 34.07 40.52 -1.78
N ASN D 348 34.78 41.37 -2.51
CA ASN D 348 36.22 41.47 -2.38
C ASN D 348 36.66 42.49 -1.34
N VAL D 349 35.72 43.04 -0.58
CA VAL D 349 36.01 43.95 0.52
C VAL D 349 35.59 43.30 1.84
N LYS D 350 36.51 43.20 2.78
CA LYS D 350 36.14 42.57 4.03
C LYS D 350 36.57 43.46 5.20
N THR D 351 35.74 43.53 6.23
CA THR D 351 35.93 44.46 7.33
C THR D 351 35.97 43.71 8.67
N ALA D 352 36.93 44.08 9.51
CA ALA D 352 37.04 43.55 10.86
C ALA D 352 36.98 44.70 11.86
N VAL D 353 36.62 44.36 13.10
CA VAL D 353 36.41 45.35 14.14
C VAL D 353 37.04 44.84 15.42
N CYS D 354 37.84 45.68 16.05
CA CYS D 354 38.47 45.38 17.32
C CYS D 354 38.28 46.56 18.27
N ASP D 355 38.11 46.26 19.55
CA ASP D 355 37.72 47.28 20.51
C ASP D 355 38.87 48.16 20.97
N ILE D 356 40.07 47.61 21.14
CA ILE D 356 41.17 48.48 21.58
C ILE D 356 41.57 49.42 20.46
N PRO D 357 41.58 50.73 20.68
CA PRO D 357 42.10 51.65 19.69
C PRO D 357 43.59 51.83 19.86
N PRO D 358 44.27 52.42 18.89
CA PRO D 358 45.69 52.75 19.07
C PRO D 358 45.84 53.86 20.10
N ARG D 359 47.07 54.06 20.57
CA ARG D 359 47.32 55.10 21.57
C ARG D 359 46.86 56.47 21.04
N GLY D 360 46.07 57.17 21.85
CA GLY D 360 45.69 58.53 21.58
C GLY D 360 44.43 58.72 20.74
N LEU D 361 43.95 57.66 20.09
CA LEU D 361 42.79 57.75 19.23
C LEU D 361 41.64 57.00 19.91
N LYS D 362 40.45 57.59 19.89
CA LYS D 362 39.27 56.86 20.36
C LYS D 362 38.74 55.87 19.32
N MET D 363 39.00 56.12 18.02
CA MET D 363 38.60 55.20 16.96
C MET D 363 39.44 55.49 15.72
N SER D 364 39.88 54.42 15.06
CA SER D 364 40.72 54.54 13.88
C SER D 364 40.24 53.55 12.84
N ALA D 365 40.70 53.74 11.60
CA ALA D 365 40.45 52.79 10.53
C ALA D 365 41.75 52.57 9.76
N THR D 366 42.17 51.31 9.65
CA THR D 366 43.34 50.96 8.85
C THR D 366 42.88 50.16 7.65
N PHE D 367 43.52 50.41 6.51
CA PHE D 367 43.07 49.95 5.20
C PHE D 367 44.21 49.18 4.54
N ILE D 368 43.89 48.02 3.97
CA ILE D 368 44.87 47.20 3.24
C ILE D 368 44.29 46.92 1.87
N GLY D 369 44.83 47.57 0.84
CA GLY D 369 44.31 47.47 -0.50
C GLY D 369 45.31 46.77 -1.42
N ASN D 370 44.80 45.84 -2.20
CA ASN D 370 45.54 45.29 -3.35
C ASN D 370 44.93 45.94 -4.58
N SER D 371 45.45 47.12 -4.92
CA SER D 371 44.94 47.94 -6.01
C SER D 371 45.91 47.96 -7.19
N THR D 372 45.38 47.85 -8.41
CA THR D 372 46.22 47.97 -9.60
C THR D 372 46.79 49.39 -9.76
N ALA D 373 46.35 50.35 -8.96
CA ALA D 373 46.97 51.67 -8.96
C ALA D 373 48.35 51.67 -8.34
N ILE D 374 48.76 50.57 -7.69
CA ILE D 374 50.11 50.45 -7.17
C ILE D 374 51.12 50.51 -8.31
N GLN D 375 50.71 50.23 -9.55
CA GLN D 375 51.62 50.38 -10.69
C GLN D 375 52.21 51.78 -10.76
N GLU D 376 51.49 52.80 -10.27
CA GLU D 376 52.03 54.15 -10.24
C GLU D 376 53.30 54.21 -9.39
N LEU D 377 53.28 53.56 -8.23
CA LEU D 377 54.47 53.46 -7.39
C LEU D 377 55.64 52.87 -8.17
N PHE D 378 55.42 51.73 -8.82
CA PHE D 378 56.51 51.08 -9.53
C PHE D 378 56.92 51.87 -10.77
N LYS D 379 55.98 52.54 -11.43
CA LYS D 379 56.34 53.37 -12.58
C LYS D 379 57.31 54.48 -12.19
N ARG D 380 57.08 55.12 -11.05
CA ARG D 380 57.96 56.18 -10.57
C ARG D 380 59.40 55.68 -10.47
N ILE D 381 59.59 54.51 -9.86
CA ILE D 381 60.93 53.96 -9.69
C ILE D 381 61.52 53.50 -11.01
N SER D 382 60.69 52.93 -11.89
CA SER D 382 61.19 52.55 -13.20
C SER D 382 61.79 53.74 -13.92
N GLU D 383 61.11 54.89 -13.87
CA GLU D 383 61.61 56.09 -14.52
C GLU D 383 62.94 56.54 -13.91
N GLN D 384 63.00 56.59 -12.58
CA GLN D 384 64.25 56.94 -11.90
C GLN D 384 65.33 55.92 -12.19
N PHE D 385 64.97 54.66 -12.41
CA PHE D 385 65.97 53.66 -12.74
C PHE D 385 66.54 53.87 -14.15
N THR D 386 65.68 53.96 -15.17
CA THR D 386 66.18 54.07 -16.54
C THR D 386 66.93 55.39 -16.75
N ALA D 387 66.54 56.44 -16.03
CA ALA D 387 67.27 57.70 -16.13
C ALA D 387 68.75 57.49 -15.88
N MET D 388 69.10 56.52 -15.02
CA MET D 388 70.50 56.21 -14.76
C MET D 388 71.03 55.07 -15.64
N PHE D 389 70.26 54.01 -15.83
CA PHE D 389 70.80 52.79 -16.45
C PHE D 389 71.33 53.03 -17.86
N ARG D 390 70.64 53.84 -18.67
CA ARG D 390 71.17 54.12 -20.01
C ARG D 390 72.52 54.82 -19.92
N ARG D 391 72.64 55.77 -18.99
CA ARG D 391 73.89 56.44 -18.67
C ARG D 391 74.92 55.51 -18.04
N LYS D 392 74.57 54.27 -17.76
CA LYS D 392 75.42 53.36 -17.01
C LYS D 392 76.04 54.05 -15.81
N ALA D 393 75.32 54.98 -15.19
CA ALA D 393 75.89 55.78 -14.12
C ALA D 393 75.93 54.98 -12.82
N PHE D 394 77.06 55.07 -12.13
CA PHE D 394 77.29 54.42 -10.85
C PHE D 394 77.27 52.90 -10.95
N LEU D 395 77.27 52.34 -12.17
CA LEU D 395 77.23 50.88 -12.30
C LEU D 395 78.45 50.21 -11.69
N HIS D 396 79.61 50.87 -11.76
CA HIS D 396 80.83 50.25 -11.27
C HIS D 396 80.72 49.86 -9.80
N TRP D 397 79.96 50.61 -9.00
CA TRP D 397 79.74 50.22 -7.60
C TRP D 397 79.15 48.81 -7.52
N TYR D 398 78.41 48.39 -8.55
CA TYR D 398 77.78 47.07 -8.58
C TYR D 398 78.57 46.06 -9.40
N THR D 399 79.01 46.42 -10.60
CA THR D 399 79.85 45.52 -11.37
C THR D 399 81.14 45.20 -10.64
N GLY D 400 81.64 46.17 -9.86
CA GLY D 400 82.82 45.92 -9.03
C GLY D 400 82.65 44.77 -8.07
N GLU D 401 81.43 44.50 -7.63
CA GLU D 401 81.18 43.40 -6.71
C GLU D 401 80.93 42.09 -7.43
N GLY D 402 81.06 42.05 -8.76
CA GLY D 402 80.89 40.85 -9.53
C GLY D 402 79.60 40.78 -10.33
N MET D 403 78.76 41.79 -10.23
CA MET D 403 77.48 41.75 -10.93
C MET D 403 77.68 42.00 -12.41
N ASP D 404 76.79 41.42 -13.21
CA ASP D 404 76.78 41.61 -14.65
C ASP D 404 75.58 42.45 -15.03
N GLU D 405 75.70 43.21 -16.12
CA GLU D 405 74.60 44.08 -16.54
C GLU D 405 73.29 43.33 -16.66
N MET D 406 73.31 42.09 -17.18
CA MET D 406 72.07 41.37 -17.42
C MET D 406 71.14 41.44 -16.22
N GLU D 407 71.73 41.37 -15.01
CA GLU D 407 70.94 41.42 -13.79
C GLU D 407 70.14 42.72 -13.70
N PHE D 408 70.79 43.85 -13.99
CA PHE D 408 70.07 45.13 -13.95
C PHE D 408 68.96 45.16 -14.97
N THR D 409 69.21 44.64 -16.18
CA THR D 409 68.17 44.60 -17.20
C THR D 409 67.01 43.72 -16.75
N GLU D 410 67.31 42.56 -16.17
CA GLU D 410 66.28 41.60 -15.78
C GLU D 410 65.43 42.15 -14.64
N ALA D 411 66.06 42.72 -13.60
CA ALA D 411 65.29 43.30 -12.51
C ALA D 411 64.37 44.40 -13.03
N GLU D 412 64.90 45.25 -13.91
CA GLU D 412 64.07 46.26 -14.53
C GLU D 412 62.93 45.62 -15.32
N SER D 413 63.24 44.53 -16.04
CA SER D 413 62.27 43.91 -16.95
C SER D 413 61.18 43.16 -16.17
N ASN D 414 61.53 42.53 -15.04
CA ASN D 414 60.52 41.94 -14.18
C ASN D 414 59.62 43.00 -13.53
N MET D 415 60.20 44.12 -13.06
CA MET D 415 59.36 45.16 -12.50
C MET D 415 58.44 45.75 -13.57
N ASN D 416 58.93 45.90 -14.78
CA ASN D 416 58.06 46.37 -15.85
C ASN D 416 56.95 45.35 -16.13
N ASP D 417 57.25 44.04 -16.03
CA ASP D 417 56.21 43.03 -16.21
C ASP D 417 55.12 43.10 -15.15
N LEU D 418 55.51 43.30 -13.89
CA LEU D 418 54.55 43.43 -12.80
C LEU D 418 53.55 44.56 -13.08
N VAL D 419 54.03 45.68 -13.62
CA VAL D 419 53.11 46.80 -13.91
C VAL D 419 52.13 46.39 -15.01
N SER D 420 52.61 45.78 -16.09
CA SER D 420 51.72 45.33 -17.16
C SER D 420 50.64 44.43 -16.57
N GLU D 421 51.05 43.47 -15.73
CA GLU D 421 50.10 42.54 -15.15
C GLU D 421 49.08 43.28 -14.29
N TYR D 422 49.52 44.26 -13.48
CA TYR D 422 48.55 45.04 -12.74
C TYR D 422 47.62 45.77 -13.70
N GLN D 423 48.14 46.20 -14.86
CA GLN D 423 47.32 46.85 -15.89
C GLN D 423 46.39 45.86 -16.61
N GLN D 424 46.83 44.61 -16.77
CA GLN D 424 46.01 43.57 -17.38
C GLN D 424 44.72 43.37 -16.62
N TYR D 425 44.79 43.34 -15.29
CA TYR D 425 43.60 43.07 -14.50
C TYR D 425 42.80 44.32 -14.19
N GLN D 426 43.43 45.50 -14.25
CA GLN D 426 42.66 46.72 -14.21
C GLN D 426 41.69 46.78 -15.38
N ASP D 427 42.03 46.11 -16.47
CA ASP D 427 41.30 46.19 -17.72
C ASP D 427 40.37 45.00 -17.94
N ALA D 428 40.62 43.86 -17.29
CA ALA D 428 39.71 42.72 -17.42
C ALA D 428 38.29 43.10 -16.99
N THR D 429 37.32 42.39 -17.56
CA THR D 429 35.90 42.59 -17.28
C THR D 429 35.22 41.23 -17.10
N ALA D 430 34.05 41.26 -16.47
CA ALA D 430 33.33 40.00 -16.22
C ALA D 430 32.76 39.42 -17.52
N ASP D 431 32.13 40.24 -18.35
CA ASP D 431 31.42 39.71 -19.53
C ASP D 431 32.21 39.92 -20.82
N MET E 4 -62.84 -53.62 -15.18
CA MET E 4 -61.70 -53.38 -14.30
C MET E 4 -61.36 -54.63 -13.46
N GLU E 5 -60.25 -55.28 -13.77
CA GLU E 5 -59.96 -56.64 -13.31
C GLU E 5 -58.98 -56.65 -12.13
N VAL E 6 -59.35 -57.37 -11.06
CA VAL E 6 -58.53 -57.56 -9.85
C VAL E 6 -57.88 -58.93 -9.91
N ILE E 7 -56.61 -59.02 -9.52
CA ILE E 7 -55.81 -60.24 -9.70
C ILE E 7 -54.79 -60.37 -8.59
N GLU E 8 -54.22 -61.57 -8.47
CA GLU E 8 -53.01 -61.83 -7.69
C GLU E 8 -53.19 -61.55 -6.19
N LEU E 9 -54.41 -61.63 -5.68
CA LEU E 9 -54.70 -61.26 -4.30
C LEU E 9 -54.00 -62.20 -3.29
N ASN E 10 -53.13 -61.65 -2.45
CA ASN E 10 -52.48 -62.39 -1.36
C ASN E 10 -52.80 -61.72 -0.03
N LYS E 11 -53.35 -62.51 0.91
CA LYS E 11 -53.74 -62.01 2.21
C LYS E 11 -52.88 -62.68 3.29
N CYS E 12 -52.55 -61.89 4.31
CA CYS E 12 -51.84 -62.41 5.47
C CYS E 12 -52.30 -61.58 6.66
N THR E 13 -51.86 -61.96 7.85
CA THR E 13 -52.38 -61.28 9.03
C THR E 13 -51.86 -59.85 9.16
N SER E 14 -50.85 -59.46 8.37
CA SER E 14 -50.33 -58.10 8.37
C SER E 14 -50.95 -57.20 7.32
N GLY E 15 -51.59 -57.77 6.31
CA GLY E 15 -52.16 -56.98 5.23
C GLY E 15 -52.43 -57.87 4.03
N GLN E 16 -52.69 -57.21 2.90
CA GLN E 16 -52.87 -57.93 1.65
C GLN E 16 -52.31 -57.07 0.52
N SER E 17 -51.94 -57.74 -0.56
CA SER E 17 -51.51 -57.06 -1.78
C SER E 17 -52.24 -57.70 -2.95
N PHE E 18 -52.25 -56.99 -4.08
CA PHE E 18 -53.06 -57.40 -5.22
C PHE E 18 -52.81 -56.46 -6.39
N GLU E 19 -53.38 -56.76 -7.55
CA GLU E 19 -53.17 -55.94 -8.73
C GLU E 19 -54.51 -55.60 -9.35
N VAL E 20 -54.58 -54.44 -10.02
CA VAL E 20 -55.80 -54.05 -10.70
C VAL E 20 -55.43 -53.46 -12.06
N ILE E 21 -55.92 -54.09 -13.12
CA ILE E 21 -55.64 -53.72 -14.51
C ILE E 21 -56.87 -53.01 -15.06
N LEU E 22 -56.74 -51.71 -15.34
CA LEU E 22 -57.86 -50.98 -15.94
C LEU E 22 -58.03 -51.33 -17.42
N LYS E 23 -56.91 -51.51 -18.13
CA LYS E 23 -56.89 -51.73 -19.57
C LYS E 23 -55.55 -52.37 -19.91
N PRO E 24 -55.49 -53.31 -20.83
CA PRO E 24 -54.22 -54.01 -21.10
C PRO E 24 -53.34 -53.22 -22.04
N PRO E 25 -52.18 -53.76 -22.43
CA PRO E 25 -51.27 -53.01 -23.30
C PRO E 25 -51.78 -52.85 -24.73
N SER E 26 -50.96 -52.25 -25.60
CA SER E 26 -51.36 -51.96 -26.99
C SER E 26 -50.22 -52.26 -27.96
N PRO E 43 -17.37 -51.78 -15.95
CA PRO E 43 -15.96 -51.48 -15.64
C PRO E 43 -15.36 -52.52 -14.70
N SER E 44 -14.07 -52.76 -14.80
CA SER E 44 -13.39 -53.71 -13.93
C SER E 44 -12.70 -53.00 -12.77
N LEU E 45 -12.24 -53.80 -11.80
CA LEU E 45 -11.51 -53.22 -10.68
C LEU E 45 -10.19 -52.61 -11.13
N GLU E 46 -9.62 -53.11 -12.23
CA GLU E 46 -8.37 -52.57 -12.73
C GLU E 46 -8.59 -51.32 -13.57
N GLU E 47 -9.67 -51.27 -14.37
CA GLU E 47 -10.00 -50.03 -15.05
C GLU E 47 -10.27 -48.91 -14.05
N ILE E 48 -10.95 -49.22 -12.94
CA ILE E 48 -11.18 -48.24 -11.89
C ILE E 48 -9.87 -47.80 -11.25
N GLN E 49 -8.99 -48.76 -10.98
CA GLN E 49 -7.66 -48.44 -10.46
C GLN E 49 -6.87 -47.54 -11.41
N LYS E 50 -7.08 -47.70 -12.73
CA LYS E 50 -6.32 -46.94 -13.70
C LYS E 50 -6.71 -45.46 -13.69
N LYS E 51 -8.00 -45.18 -13.72
CA LYS E 51 -8.45 -43.78 -13.80
C LYS E 51 -8.29 -43.07 -12.46
N LEU E 52 -8.49 -43.78 -11.34
CA LEU E 52 -8.23 -43.20 -10.02
C LEU E 52 -6.76 -42.83 -9.85
N GLU E 53 -5.85 -43.54 -10.52
CA GLU E 53 -4.43 -43.23 -10.47
C GLU E 53 -3.99 -42.26 -11.55
N ALA E 54 -4.65 -42.28 -12.72
CA ALA E 54 -4.41 -41.22 -13.69
C ALA E 54 -4.66 -39.85 -13.07
N ALA E 55 -5.74 -39.73 -12.30
CA ALA E 55 -6.05 -38.46 -11.65
C ALA E 55 -4.98 -38.08 -10.64
N GLU E 56 -4.48 -39.05 -9.87
CA GLU E 56 -3.47 -38.70 -8.87
C GLU E 56 -2.17 -38.24 -9.53
N GLU E 57 -1.89 -38.71 -10.74
CA GLU E 57 -0.70 -38.24 -11.45
C GLU E 57 -0.87 -36.83 -11.99
N ARG E 58 -2.05 -36.48 -12.50
CA ARG E 58 -2.29 -35.10 -12.90
C ARG E 58 -2.18 -34.16 -11.71
N ARG E 59 -2.65 -34.60 -10.53
CA ARG E 59 -2.49 -33.80 -9.32
C ARG E 59 -1.03 -33.65 -8.96
N LYS E 60 -0.28 -34.76 -8.99
CA LYS E 60 1.13 -34.70 -8.63
C LYS E 60 1.91 -33.86 -9.63
N TYR E 61 1.56 -33.97 -10.91
CA TYR E 61 2.21 -33.18 -11.94
C TYR E 61 1.99 -31.68 -11.70
N GLN E 62 0.74 -31.29 -11.48
CA GLN E 62 0.44 -29.86 -11.31
C GLN E 62 1.12 -29.32 -10.06
N GLU E 63 1.18 -30.11 -8.99
CA GLU E 63 1.90 -29.69 -7.81
C GLU E 63 3.40 -29.57 -8.08
N ALA E 64 3.94 -30.37 -9.01
CA ALA E 64 5.35 -30.27 -9.34
C ALA E 64 5.65 -29.01 -10.15
N GLU E 65 4.71 -28.55 -10.97
CA GLU E 65 4.85 -27.26 -11.63
C GLU E 65 4.79 -26.12 -10.61
N LEU E 66 3.94 -26.23 -9.59
CA LEU E 66 3.89 -25.20 -8.57
C LEU E 66 5.23 -25.08 -7.86
N LEU E 67 5.79 -26.21 -7.39
CA LEU E 67 6.98 -26.14 -6.58
C LEU E 67 8.19 -25.72 -7.40
N LYS E 68 8.21 -26.10 -8.69
CA LYS E 68 9.30 -25.77 -9.58
C LYS E 68 9.28 -24.28 -9.95
N HIS E 69 8.08 -23.74 -10.15
CA HIS E 69 7.91 -22.31 -10.34
C HIS E 69 8.27 -21.54 -9.06
N LEU E 70 7.88 -22.06 -7.90
CA LEU E 70 8.29 -21.44 -6.65
C LEU E 70 9.79 -21.58 -6.43
N ALA E 71 10.40 -22.61 -7.02
CA ALA E 71 11.85 -22.73 -6.98
C ALA E 71 12.53 -21.68 -7.84
N GLU E 72 11.89 -21.28 -8.94
CA GLU E 72 12.39 -20.14 -9.71
C GLU E 72 12.31 -18.86 -8.89
N LYS E 73 11.23 -18.67 -8.15
CA LYS E 73 11.13 -17.45 -7.35
C LYS E 73 12.23 -17.43 -6.28
N ARG E 74 12.52 -18.57 -5.63
CA ARG E 74 13.62 -18.62 -4.67
C ARG E 74 14.94 -18.23 -5.32
N GLU E 75 15.18 -18.75 -6.53
CA GLU E 75 16.39 -18.39 -7.27
C GLU E 75 16.45 -16.88 -7.50
N HIS E 76 15.33 -16.27 -7.85
CA HIS E 76 15.31 -14.83 -8.07
C HIS E 76 15.53 -14.04 -6.79
N GLU E 77 15.02 -14.54 -5.65
CA GLU E 77 15.22 -13.86 -4.38
C GLU E 77 16.68 -13.82 -3.99
N ARG E 78 17.41 -14.92 -4.19
CA ARG E 78 18.79 -14.78 -3.77
C ARG E 78 19.65 -14.07 -4.81
N GLU E 79 19.18 -13.91 -6.06
CA GLU E 79 19.92 -13.03 -6.99
C GLU E 79 19.69 -11.56 -6.67
N VAL E 80 18.52 -11.20 -6.15
CA VAL E 80 18.31 -9.82 -5.78
C VAL E 80 19.25 -9.43 -4.66
N ILE E 81 19.30 -10.24 -3.61
CA ILE E 81 20.13 -9.89 -2.46
C ILE E 81 21.62 -9.96 -2.81
N GLN E 82 22.02 -10.88 -3.70
CA GLN E 82 23.41 -10.88 -4.18
C GLN E 82 23.73 -9.61 -4.96
N LYS E 83 22.78 -9.13 -5.77
CA LYS E 83 23.01 -7.90 -6.52
C LYS E 83 23.18 -6.73 -5.57
N ALA E 84 22.35 -6.65 -4.52
CA ALA E 84 22.50 -5.57 -3.55
C ALA E 84 23.89 -5.61 -2.90
N ILE E 85 24.35 -6.80 -2.51
CA ILE E 85 25.66 -6.92 -1.91
C ILE E 85 26.73 -6.48 -2.89
N GLU E 86 26.56 -6.83 -4.17
CA GLU E 86 27.56 -6.55 -5.19
C GLU E 86 27.63 -5.07 -5.53
N GLU E 87 26.49 -4.38 -5.60
CA GLU E 87 26.51 -2.93 -5.77
C GLU E 87 27.15 -2.24 -4.56
N ASN E 88 26.74 -2.63 -3.35
CA ASN E 88 27.24 -1.94 -2.17
C ASN E 88 28.76 -2.12 -2.07
N ASN E 89 29.24 -3.33 -2.33
CA ASN E 89 30.68 -3.58 -2.33
C ASN E 89 31.39 -2.79 -3.40
N ASN E 90 30.84 -2.76 -4.61
CA ASN E 90 31.48 -2.01 -5.68
C ASN E 90 31.51 -0.52 -5.37
N PHE E 91 30.45 0.02 -4.77
CA PHE E 91 30.49 1.41 -4.34
C PHE E 91 31.59 1.64 -3.31
N ILE E 92 31.77 0.72 -2.36
CA ILE E 92 32.83 0.90 -1.38
C ILE E 92 34.21 0.81 -2.04
N LYS E 93 34.39 -0.14 -2.96
CA LYS E 93 35.66 -0.30 -3.67
C LYS E 93 36.02 0.97 -4.45
N MET E 94 35.07 1.48 -5.25
CA MET E 94 35.34 2.63 -6.08
C MET E 94 35.72 3.84 -5.23
N ALA E 95 34.97 4.09 -4.15
CA ALA E 95 35.31 5.19 -3.28
C ALA E 95 36.72 5.03 -2.72
N LYS E 96 37.05 3.83 -2.23
CA LYS E 96 38.37 3.59 -1.65
C LYS E 96 39.48 3.78 -2.69
N GLU E 97 39.26 3.30 -3.91
CA GLU E 97 40.26 3.50 -4.97
C GLU E 97 40.29 4.95 -5.41
N LYS E 98 39.13 5.59 -5.51
CA LYS E 98 39.10 6.98 -5.94
C LYS E 98 39.96 7.85 -5.04
N LEU E 99 39.73 7.79 -3.73
CA LEU E 99 40.51 8.74 -2.95
C LEU E 99 41.95 8.28 -2.78
N ALA E 100 42.28 7.03 -3.07
CA ALA E 100 43.66 6.60 -3.04
C ALA E 100 44.44 7.19 -4.21
N GLN E 101 43.82 7.17 -5.39
CA GLN E 101 44.42 7.87 -6.53
C GLN E 101 44.43 9.38 -6.33
N LYS E 102 43.38 9.95 -5.71
CA LYS E 102 43.37 11.39 -5.48
C LYS E 102 44.49 11.83 -4.52
N MET E 103 44.69 11.10 -3.43
CA MET E 103 45.72 11.50 -2.48
C MET E 103 47.11 11.29 -3.06
N GLU E 104 47.33 10.18 -3.78
CA GLU E 104 48.61 9.94 -4.40
C GLU E 104 48.92 10.99 -5.46
N SER E 105 47.92 11.33 -6.27
CA SER E 105 48.10 12.41 -7.25
C SER E 105 48.34 13.76 -6.57
N ASN E 106 47.76 13.98 -5.39
CA ASN E 106 47.94 15.26 -4.72
C ASN E 106 49.32 15.38 -4.10
N LYS E 107 49.90 14.28 -3.63
CA LYS E 107 51.23 14.32 -3.06
C LYS E 107 52.27 14.56 -4.15
N GLU E 108 52.14 13.86 -5.28
CA GLU E 108 53.07 14.11 -6.39
C GLU E 108 53.03 15.57 -6.82
N ASN E 109 51.83 16.13 -6.98
CA ASN E 109 51.75 17.51 -7.47
C ASN E 109 52.36 18.50 -6.50
N ARG E 110 52.04 18.37 -5.22
CA ARG E 110 52.58 19.31 -4.25
C ARG E 110 54.10 19.19 -4.15
N GLU E 111 54.61 17.96 -4.22
CA GLU E 111 56.05 17.76 -4.16
C GLU E 111 56.73 18.32 -5.40
N ALA E 112 56.08 18.20 -6.56
CA ALA E 112 56.65 18.78 -7.77
C ALA E 112 56.74 20.29 -7.65
N HIS E 113 55.76 20.92 -7.00
CA HIS E 113 55.78 22.37 -6.84
C HIS E 113 56.80 22.81 -5.81
N LEU E 114 56.93 22.08 -4.69
CA LEU E 114 57.98 22.44 -3.75
C LEU E 114 59.36 22.15 -4.32
N ALA E 115 59.52 21.05 -5.08
CA ALA E 115 60.82 20.75 -5.67
C ALA E 115 61.22 21.83 -6.68
N ALA E 116 60.25 22.34 -7.44
CA ALA E 116 60.53 23.39 -8.41
C ALA E 116 60.91 24.69 -7.71
N MET E 117 60.27 25.00 -6.58
CA MET E 117 60.66 26.18 -5.81
C MET E 117 62.09 26.07 -5.33
N LEU E 118 62.48 24.90 -4.83
CA LEU E 118 63.86 24.72 -4.38
C LEU E 118 64.83 24.76 -5.56
N GLU E 119 64.50 24.11 -6.67
CA GLU E 119 65.41 24.13 -7.82
C GLU E 119 65.73 25.56 -8.26
N ARG E 120 64.73 26.46 -8.21
CA ARG E 120 64.99 27.85 -8.58
C ARG E 120 65.75 28.60 -7.48
N LEU E 121 65.43 28.33 -6.21
CA LEU E 121 66.21 28.91 -5.12
C LEU E 121 67.65 28.42 -5.17
N GLN E 122 67.84 27.11 -5.36
CA GLN E 122 69.21 26.58 -5.41
C GLN E 122 69.97 27.14 -6.61
N GLU E 123 69.27 27.57 -7.65
CA GLU E 123 69.92 28.28 -8.74
C GLU E 123 70.42 29.65 -8.30
N LYS E 124 69.68 30.32 -7.39
CA LYS E 124 70.15 31.61 -6.90
C LYS E 124 71.41 31.47 -6.06
N ASP E 125 71.64 30.29 -5.46
CA ASP E 125 72.92 30.05 -4.80
C ASP E 125 74.05 29.90 -5.82
N LYS E 126 73.78 29.20 -6.93
CA LYS E 126 74.78 29.08 -7.99
C LYS E 126 75.13 30.46 -8.56
N HIS E 127 74.12 31.28 -8.83
CA HIS E 127 74.36 32.60 -9.40
C HIS E 127 75.14 33.49 -8.44
N ALA E 128 75.00 33.28 -7.14
CA ALA E 128 75.76 34.09 -6.18
C ALA E 128 77.20 33.60 -6.04
N GLU E 129 77.46 32.30 -6.25
CA GLU E 129 78.85 31.85 -6.36
C GLU E 129 79.53 32.49 -7.56
N GLU E 130 78.86 32.48 -8.72
CA GLU E 130 79.44 33.08 -9.92
C GLU E 130 79.70 34.56 -9.71
N VAL E 131 78.76 35.27 -9.10
CA VAL E 131 78.93 36.72 -8.94
C VAL E 131 80.15 37.01 -8.09
N ARG E 132 80.37 36.24 -7.02
CA ARG E 132 81.59 36.40 -6.24
C ARG E 132 82.83 36.02 -7.05
N LYS E 133 82.72 35.01 -7.93
CA LYS E 133 83.86 34.65 -8.76
C LYS E 133 84.20 35.76 -9.73
N ASN E 134 83.20 36.36 -10.39
CA ASN E 134 83.50 37.45 -11.33
C ASN E 134 84.21 38.61 -10.63
N LYS E 135 84.08 38.73 -9.31
CA LYS E 135 84.81 39.74 -8.56
C LYS E 135 86.31 39.46 -8.52
N GLU E 136 86.71 38.20 -8.55
CA GLU E 136 88.13 37.87 -8.62
C GLU E 136 88.66 37.93 -10.05
N MET F 1 -41.96 -3.46 -7.26
CA MET F 1 -42.02 -3.55 -8.71
C MET F 1 -41.94 -5.00 -9.19
N TYR F 2 -42.92 -5.38 -10.01
CA TYR F 2 -42.94 -6.67 -10.67
C TYR F 2 -42.02 -6.66 -11.88
N THR F 3 -41.60 -7.86 -12.28
CA THR F 3 -40.60 -8.06 -13.32
C THR F 3 -41.10 -9.08 -14.32
N PHE F 4 -40.79 -8.86 -15.60
CA PHE F 4 -41.24 -9.78 -16.63
C PHE F 4 -40.17 -9.89 -17.71
N VAL F 5 -40.23 -10.99 -18.46
CA VAL F 5 -39.31 -11.25 -19.56
C VAL F 5 -40.13 -11.59 -20.79
N VAL F 6 -39.59 -11.27 -21.96
CA VAL F 6 -40.30 -11.40 -23.22
C VAL F 6 -39.51 -12.36 -24.08
N ARG F 7 -40.15 -13.44 -24.50
CA ARG F 7 -39.46 -14.51 -25.22
C ARG F 7 -40.09 -14.84 -26.57
N ASP F 8 -41.10 -14.10 -26.99
CA ASP F 8 -41.65 -14.19 -28.35
C ASP F 8 -41.81 -12.77 -28.86
N GLU F 9 -40.83 -12.32 -29.64
CA GLU F 9 -40.79 -10.93 -30.11
C GLU F 9 -41.69 -10.69 -31.32
N ASN F 10 -42.37 -11.73 -31.81
CA ASN F 10 -43.26 -11.63 -32.96
C ASN F 10 -44.74 -11.59 -32.55
N SER F 11 -45.04 -11.49 -31.27
CA SER F 11 -46.42 -11.38 -30.83
C SER F 11 -46.78 -9.90 -30.85
N SER F 12 -47.60 -9.49 -31.84
CA SER F 12 -48.21 -8.17 -31.78
C SER F 12 -48.94 -7.98 -30.45
N VAL F 13 -49.71 -9.00 -30.02
CA VAL F 13 -50.55 -8.89 -28.83
C VAL F 13 -49.71 -8.59 -27.59
N TYR F 14 -48.63 -9.36 -27.38
CA TYR F 14 -47.86 -9.17 -26.16
C TYR F 14 -46.75 -8.13 -26.32
N ALA F 15 -46.40 -7.77 -27.55
CA ALA F 15 -45.64 -6.53 -27.74
C ALA F 15 -46.41 -5.34 -27.16
N GLU F 16 -47.69 -5.23 -27.52
CA GLU F 16 -48.52 -4.18 -26.93
C GLU F 16 -48.70 -4.38 -25.43
N VAL F 17 -48.70 -5.63 -24.97
CA VAL F 17 -48.83 -5.90 -23.55
C VAL F 17 -47.56 -5.49 -22.80
N SER F 18 -46.38 -5.73 -23.39
CA SER F 18 -45.14 -5.23 -22.78
C SER F 18 -45.17 -3.71 -22.70
N ARG F 19 -45.52 -3.06 -23.81
CA ARG F 19 -45.65 -1.60 -23.83
C ARG F 19 -46.54 -1.13 -22.69
N LEU F 20 -47.70 -1.76 -22.50
CA LEU F 20 -48.60 -1.33 -21.44
C LEU F 20 -47.98 -1.58 -20.06
N LEU F 21 -47.28 -2.70 -19.88
CA LEU F 21 -46.76 -3.06 -18.55
C LEU F 21 -45.73 -2.03 -18.07
N LEU F 22 -44.81 -1.66 -18.95
CA LEU F 22 -43.77 -0.70 -18.60
C LEU F 22 -44.37 0.64 -18.19
N ALA F 23 -45.34 1.13 -18.97
CA ALA F 23 -45.95 2.44 -18.77
C ALA F 23 -46.74 2.57 -17.48
N THR F 24 -46.88 1.50 -16.70
CA THR F 24 -47.46 1.65 -15.37
C THR F 24 -46.39 2.00 -14.34
N GLY F 25 -45.12 2.00 -14.75
CA GLY F 25 -44.00 2.27 -13.87
C GLY F 25 -43.83 1.22 -12.79
N GLN F 26 -44.69 0.20 -12.80
CA GLN F 26 -44.66 -0.87 -11.80
C GLN F 26 -44.16 -2.20 -12.36
N TRP F 27 -43.75 -2.24 -13.63
CA TRP F 27 -43.20 -3.45 -14.23
C TRP F 27 -41.89 -3.10 -14.90
N LYS F 28 -40.84 -3.90 -14.65
CA LYS F 28 -39.59 -3.75 -15.37
C LYS F 28 -39.31 -5.03 -16.15
N ARG F 29 -38.96 -4.86 -17.43
CA ARG F 29 -38.58 -5.98 -18.29
C ARG F 29 -37.16 -6.43 -17.99
N LEU F 30 -36.99 -7.71 -17.66
CA LEU F 30 -35.67 -8.34 -17.52
C LEU F 30 -35.23 -8.88 -18.88
N ARG F 31 -34.08 -9.54 -18.90
CA ARG F 31 -33.58 -10.15 -20.11
C ARG F 31 -34.20 -11.53 -20.30
N LYS F 32 -34.34 -11.94 -21.57
CA LYS F 32 -34.96 -13.22 -21.91
C LYS F 32 -34.60 -14.34 -20.94
N ASP F 33 -33.30 -14.51 -20.69
CA ASP F 33 -32.77 -15.64 -19.96
C ASP F 33 -32.66 -15.41 -18.46
N ASN F 34 -32.91 -14.21 -17.97
CA ASN F 34 -32.92 -14.02 -16.53
C ASN F 34 -34.09 -14.82 -15.95
N PRO F 35 -33.86 -15.67 -14.94
CA PRO F 35 -34.94 -16.48 -14.38
C PRO F 35 -35.71 -15.81 -13.26
N ARG F 36 -35.30 -14.64 -12.80
CA ARG F 36 -35.95 -14.02 -11.64
C ARG F 36 -37.10 -13.10 -12.05
N PHE F 37 -38.00 -13.67 -12.86
CA PHE F 37 -39.15 -12.96 -13.39
C PHE F 37 -40.41 -13.36 -12.63
N ASN F 38 -41.36 -12.41 -12.55
CA ASN F 38 -42.71 -12.73 -12.13
C ASN F 38 -43.55 -13.26 -13.28
N LEU F 39 -43.30 -12.77 -14.49
CA LEU F 39 -44.16 -13.00 -15.63
C LEU F 39 -43.31 -13.41 -16.82
N MET F 40 -43.75 -14.45 -17.52
CA MET F 40 -43.12 -14.87 -18.78
C MET F 40 -44.15 -14.79 -19.89
N LEU F 41 -43.94 -13.87 -20.84
CA LEU F 41 -44.61 -13.94 -22.12
C LEU F 41 -43.72 -14.84 -22.97
N GLY F 42 -44.09 -16.10 -23.08
CA GLY F 42 -43.17 -17.10 -23.55
C GLY F 42 -43.17 -17.30 -25.05
N GLU F 43 -42.22 -18.09 -25.50
CA GLU F 43 -42.09 -18.46 -26.90
C GLU F 43 -43.23 -19.39 -27.32
N ARG F 44 -43.47 -19.45 -28.62
CA ARG F 44 -44.60 -20.20 -29.15
C ARG F 44 -44.35 -21.71 -29.23
N ASN F 45 -43.10 -22.16 -29.20
CA ASN F 45 -42.85 -23.59 -29.30
C ASN F 45 -41.73 -23.99 -28.35
N ARG F 46 -41.84 -25.21 -27.83
CA ARG F 46 -40.91 -25.73 -26.83
C ARG F 46 -40.82 -24.80 -25.61
N LEU F 47 -41.91 -24.14 -25.27
CA LEU F 47 -41.91 -23.29 -24.08
C LEU F 47 -41.52 -24.16 -22.89
N PRO F 48 -40.58 -23.71 -22.04
CA PRO F 48 -40.03 -24.58 -20.97
C PRO F 48 -40.85 -24.57 -19.67
N PHE F 49 -42.03 -25.20 -19.71
CA PHE F 49 -42.90 -25.21 -18.53
C PHE F 49 -42.22 -25.87 -17.32
N GLY F 50 -41.38 -26.87 -17.57
CA GLY F 50 -40.69 -27.58 -16.49
C GLY F 50 -39.74 -26.73 -15.68
N ARG F 51 -39.42 -25.52 -16.12
CA ARG F 51 -38.53 -24.65 -15.38
C ARG F 51 -39.25 -23.50 -14.70
N LEU F 52 -40.58 -23.52 -14.67
CA LEU F 52 -41.37 -22.48 -14.01
C LEU F 52 -41.73 -22.89 -12.59
N GLY F 53 -41.90 -21.89 -11.72
CA GLY F 53 -42.36 -22.10 -10.37
C GLY F 53 -41.38 -22.76 -9.42
N HIS F 54 -40.10 -22.79 -9.75
CA HIS F 54 -39.03 -23.20 -8.83
C HIS F 54 -38.12 -22.02 -8.47
N GLU F 55 -38.69 -20.82 -8.32
CA GLU F 55 -37.92 -19.64 -7.95
C GLU F 55 -38.41 -19.15 -6.61
N PRO F 56 -37.77 -19.53 -5.51
CA PRO F 56 -38.26 -19.11 -4.19
C PRO F 56 -38.30 -17.60 -4.11
N GLY F 57 -39.33 -17.09 -3.44
CA GLY F 57 -39.56 -15.66 -3.38
C GLY F 57 -40.23 -15.05 -4.59
N LEU F 58 -40.53 -15.83 -5.64
CA LEU F 58 -41.21 -15.33 -6.84
C LEU F 58 -42.48 -16.13 -7.07
N VAL F 59 -43.60 -15.42 -7.20
CA VAL F 59 -44.83 -15.95 -7.79
C VAL F 59 -44.68 -15.81 -9.30
N GLN F 60 -44.76 -16.94 -10.02
CA GLN F 60 -44.52 -16.96 -11.46
C GLN F 60 -45.81 -17.24 -12.24
N LEU F 61 -45.94 -16.56 -13.39
CA LEU F 61 -47.11 -16.63 -14.24
C LEU F 61 -46.64 -16.63 -15.68
N VAL F 62 -47.38 -17.33 -16.54
CA VAL F 62 -46.99 -17.45 -17.95
C VAL F 62 -48.23 -17.36 -18.82
N ASN F 63 -48.05 -16.82 -20.03
CA ASN F 63 -49.18 -16.53 -20.93
C ASN F 63 -49.55 -17.71 -21.82
N TYR F 64 -49.25 -18.94 -21.40
CA TYR F 64 -49.68 -20.13 -22.14
C TYR F 64 -50.05 -21.24 -21.17
N TYR F 65 -51.05 -22.03 -21.57
CA TYR F 65 -51.46 -23.23 -20.85
C TYR F 65 -50.75 -24.43 -21.48
N ARG F 66 -49.82 -25.02 -20.74
CA ARG F 66 -49.26 -26.30 -21.13
C ARG F 66 -50.38 -27.29 -21.39
N GLY F 67 -50.37 -27.89 -22.57
CA GLY F 67 -51.37 -28.86 -22.96
C GLY F 67 -52.48 -28.32 -23.85
N ALA F 68 -52.61 -27.00 -23.96
CA ALA F 68 -53.67 -26.45 -24.79
C ALA F 68 -53.43 -26.66 -26.26
N ASP F 69 -52.26 -27.17 -26.65
CA ASP F 69 -52.04 -27.46 -28.06
C ASP F 69 -53.03 -28.50 -28.57
N LYS F 70 -53.55 -29.37 -27.69
CA LYS F 70 -54.47 -30.40 -28.15
C LYS F 70 -55.69 -29.77 -28.81
N LEU F 71 -56.19 -28.69 -28.23
CA LEU F 71 -57.26 -27.91 -28.84
C LEU F 71 -56.82 -27.20 -30.12
N CYS F 72 -55.55 -26.75 -30.18
CA CYS F 72 -55.12 -25.71 -31.10
C CYS F 72 -54.31 -26.21 -32.31
N ARG F 73 -54.32 -27.50 -32.60
CA ARG F 73 -53.67 -28.03 -33.79
C ARG F 73 -54.69 -28.85 -34.56
N LYS F 74 -54.72 -28.68 -35.89
CA LYS F 74 -55.80 -29.22 -36.70
C LYS F 74 -56.15 -30.65 -36.31
N ALA F 75 -55.16 -31.55 -36.34
CA ALA F 75 -55.46 -32.97 -36.11
C ALA F 75 -55.70 -33.32 -34.64
N SER F 76 -55.12 -32.57 -33.69
CA SER F 76 -55.41 -32.82 -32.27
C SER F 76 -56.86 -32.50 -31.96
N LEU F 77 -57.38 -31.39 -32.49
CA LEU F 77 -58.75 -30.98 -32.17
C LEU F 77 -59.74 -32.06 -32.56
N VAL F 78 -59.61 -32.60 -33.79
CA VAL F 78 -60.56 -33.63 -34.21
C VAL F 78 -60.40 -34.86 -33.32
N LYS F 79 -59.17 -35.23 -32.98
CA LYS F 79 -58.95 -36.32 -32.04
C LYS F 79 -59.66 -36.05 -30.71
N LEU F 80 -59.51 -34.83 -30.19
CA LEU F 80 -60.11 -34.49 -28.91
C LEU F 80 -61.63 -34.54 -28.97
N ILE F 81 -62.22 -34.03 -30.05
CA ILE F 81 -63.67 -34.00 -30.15
C ILE F 81 -64.23 -35.42 -30.26
N LYS F 82 -63.66 -36.22 -31.16
CA LYS F 82 -64.20 -37.56 -31.35
C LYS F 82 -64.06 -38.43 -30.10
N THR F 83 -62.94 -38.30 -29.38
CA THR F 83 -62.69 -39.22 -28.27
C THR F 83 -63.26 -38.77 -26.93
N SER F 84 -63.32 -37.47 -26.65
CA SER F 84 -63.75 -37.03 -25.33
C SER F 84 -65.26 -37.14 -25.19
N PRO F 85 -65.77 -37.90 -24.21
CA PRO F 85 -67.23 -38.04 -24.09
C PRO F 85 -67.96 -36.72 -23.90
N GLU F 86 -67.30 -35.71 -23.33
CA GLU F 86 -67.94 -34.40 -23.13
C GLU F 86 -68.31 -33.76 -24.46
N LEU F 87 -67.59 -34.10 -25.52
CA LEU F 87 -67.85 -33.66 -26.87
C LEU F 87 -68.14 -34.94 -27.64
N SER F 88 -69.41 -35.28 -27.81
CA SER F 88 -69.71 -36.58 -28.38
C SER F 88 -69.16 -36.66 -29.81
N GLU F 89 -69.28 -37.84 -30.39
CA GLU F 89 -68.90 -38.06 -31.78
C GLU F 89 -70.00 -37.56 -32.73
N CYS F 91 -71.89 -34.74 -31.60
CA CYS F 91 -71.50 -33.35 -31.39
C CYS F 91 -71.94 -32.47 -32.56
N THR F 92 -72.89 -31.58 -32.30
CA THR F 92 -73.68 -30.94 -33.35
C THR F 92 -73.00 -29.73 -34.00
N TRP F 93 -71.84 -29.29 -33.53
CA TRP F 93 -71.31 -28.02 -33.99
C TRP F 93 -69.89 -28.07 -34.59
N PHE F 94 -69.30 -29.25 -34.72
CA PHE F 94 -68.03 -29.43 -35.39
C PHE F 94 -68.27 -30.12 -36.72
N PRO F 95 -67.76 -29.58 -37.84
CA PRO F 95 -67.92 -30.30 -39.11
C PRO F 95 -67.24 -31.64 -39.01
N GLU F 96 -67.88 -32.66 -39.62
CA GLU F 96 -67.29 -34.00 -39.69
C GLU F 96 -65.85 -33.92 -40.17
N SER F 97 -64.95 -34.64 -39.48
CA SER F 97 -63.52 -34.53 -39.75
C SER F 97 -62.87 -35.91 -39.67
N TYR F 98 -61.62 -35.98 -40.17
CA TYR F 98 -60.85 -37.23 -40.20
C TYR F 98 -59.33 -37.01 -40.11
N TYR F 185 -66.48 -29.30 -46.41
CA TYR F 185 -66.80 -27.90 -46.68
C TYR F 185 -68.25 -27.61 -46.29
N LEU F 186 -68.49 -26.38 -45.85
CA LEU F 186 -69.84 -25.91 -45.54
C LEU F 186 -70.43 -25.33 -46.83
N GLU F 187 -71.32 -26.11 -47.45
CA GLU F 187 -71.73 -25.86 -48.82
C GLU F 187 -72.78 -24.76 -48.97
N LYS F 188 -73.48 -24.40 -47.88
CA LYS F 188 -74.41 -23.28 -47.90
C LYS F 188 -74.08 -22.37 -46.72
N PRO F 189 -73.06 -21.53 -46.85
CA PRO F 189 -72.77 -20.56 -45.80
C PRO F 189 -73.80 -19.44 -45.79
N LEU F 190 -73.77 -18.67 -44.71
CA LEU F 190 -74.49 -17.41 -44.68
C LEU F 190 -73.71 -16.40 -45.51
N LEU F 191 -74.43 -15.58 -46.28
CA LEU F 191 -73.80 -14.68 -47.24
C LEU F 191 -74.29 -13.27 -47.02
N LEU F 192 -73.37 -12.36 -46.71
CA LEU F 192 -73.73 -10.96 -46.51
C LEU F 192 -74.21 -10.34 -47.81
N GLU F 193 -75.25 -9.51 -47.71
CA GLU F 193 -75.73 -8.71 -48.83
C GLU F 193 -75.66 -7.23 -48.47
N PRO F 194 -75.13 -6.37 -49.35
CA PRO F 194 -74.73 -6.62 -50.75
C PRO F 194 -73.41 -7.40 -50.87
N GLY F 195 -73.26 -8.16 -51.96
CA GLY F 195 -72.01 -8.83 -52.30
C GLY F 195 -72.13 -10.34 -52.44
N HIS F 196 -73.17 -10.95 -51.89
CA HIS F 196 -73.28 -12.41 -51.86
C HIS F 196 -72.06 -13.08 -51.24
N ARG F 197 -71.43 -12.39 -50.28
CA ARG F 197 -70.09 -12.75 -49.81
C ARG F 197 -70.13 -13.85 -48.73
N LYS F 198 -68.94 -14.39 -48.43
CA LYS F 198 -68.73 -15.45 -47.47
C LYS F 198 -67.80 -14.95 -46.37
N PHE F 199 -67.93 -15.53 -45.17
CA PHE F 199 -67.20 -14.98 -44.03
C PHE F 199 -67.00 -16.04 -42.96
N ASP F 200 -66.09 -15.72 -42.02
CA ASP F 200 -65.93 -16.45 -40.79
C ASP F 200 -65.80 -15.45 -39.65
N ILE F 201 -66.16 -15.89 -38.45
CA ILE F 201 -66.14 -15.05 -37.25
C ILE F 201 -64.98 -15.50 -36.38
N ARG F 202 -64.08 -14.59 -36.05
CA ARG F 202 -63.07 -14.85 -35.03
C ARG F 202 -63.53 -14.28 -33.70
N SER F 203 -63.46 -15.10 -32.66
CA SER F 203 -63.69 -14.65 -31.29
C SER F 203 -62.41 -14.81 -30.48
N TRP F 204 -62.03 -13.76 -29.78
CA TRP F 204 -60.90 -13.83 -28.85
C TRP F 204 -61.40 -14.18 -27.46
N VAL F 205 -60.82 -15.23 -26.87
CA VAL F 205 -61.20 -15.74 -25.55
C VAL F 205 -59.95 -15.77 -24.68
N LEU F 206 -60.07 -15.24 -23.46
CA LEU F 206 -58.95 -15.18 -22.53
C LEU F 206 -59.29 -16.04 -21.31
N VAL F 207 -58.44 -17.01 -21.02
CA VAL F 207 -58.63 -17.92 -19.88
C VAL F 207 -57.61 -17.53 -18.84
N ASP F 208 -58.06 -17.15 -17.65
CA ASP F 208 -57.13 -16.68 -16.63
C ASP F 208 -56.66 -17.82 -15.73
N HIS F 209 -55.69 -17.51 -14.87
CA HIS F 209 -55.08 -18.51 -14.00
C HIS F 209 -56.11 -19.21 -13.12
N LEU F 210 -57.21 -18.54 -12.78
CA LEU F 210 -58.29 -19.19 -12.03
C LEU F 210 -59.23 -20.02 -12.91
N TYR F 211 -58.92 -20.12 -14.21
CA TYR F 211 -59.77 -20.80 -15.20
C TYR F 211 -61.15 -20.18 -15.34
N ASN F 212 -61.24 -18.87 -15.16
CA ASN F 212 -62.34 -18.10 -15.73
C ASN F 212 -62.20 -18.05 -17.25
N ILE F 213 -63.33 -18.17 -17.96
CA ILE F 213 -63.31 -18.03 -19.40
C ILE F 213 -63.96 -16.71 -19.77
N TYR F 214 -63.17 -15.84 -20.37
CA TYR F 214 -63.58 -14.48 -20.71
C TYR F 214 -63.67 -14.35 -22.22
N LEU F 215 -64.88 -14.14 -22.73
CA LEU F 215 -65.07 -13.86 -24.15
C LEU F 215 -65.05 -12.34 -24.34
N TYR F 216 -64.06 -11.84 -25.07
CA TYR F 216 -64.00 -10.45 -25.45
C TYR F 216 -65.25 -10.08 -26.24
N ARG F 217 -65.90 -8.98 -25.88
CA ARG F 217 -67.16 -8.61 -26.51
C ARG F 217 -66.97 -8.21 -27.97
N GLU F 218 -65.86 -7.58 -28.31
CA GLU F 218 -65.61 -7.25 -29.72
C GLU F 218 -65.21 -8.52 -30.47
N GLY F 219 -66.05 -8.95 -31.41
CA GLY F 219 -65.67 -9.93 -32.39
C GLY F 219 -65.24 -9.25 -33.69
N VAL F 220 -64.96 -10.07 -34.70
CA VAL F 220 -64.76 -9.56 -36.06
C VAL F 220 -65.15 -10.63 -37.07
N LEU F 221 -65.90 -10.21 -38.08
CA LEU F 221 -66.11 -10.99 -39.29
C LEU F 221 -65.03 -10.66 -40.32
N ARG F 222 -64.54 -11.70 -40.98
CA ARG F 222 -63.58 -11.57 -42.07
C ARG F 222 -64.34 -11.76 -43.38
N THR F 223 -64.48 -10.69 -44.15
CA THR F 223 -65.28 -10.78 -45.37
C THR F 223 -64.46 -11.32 -46.52
N SER F 224 -65.13 -11.53 -47.65
CA SER F 224 -64.49 -12.01 -48.88
C SER F 224 -65.00 -11.14 -50.03
N SER F 225 -64.19 -10.18 -50.46
CA SER F 225 -64.52 -9.34 -51.61
C SER F 225 -64.74 -10.18 -52.88
N PRO F 227 -67.46 -12.81 -54.00
CA PRO F 227 -68.79 -13.39 -54.25
C PRO F 227 -68.78 -14.91 -54.34
N TYR F 228 -69.44 -15.58 -53.39
CA TYR F 228 -69.34 -17.02 -53.28
C TYR F 228 -69.98 -17.74 -54.47
N ASN F 229 -69.30 -18.77 -54.95
CA ASN F 229 -69.72 -19.50 -56.15
C ASN F 229 -69.37 -20.97 -56.03
N SER F 230 -70.39 -21.83 -56.00
CA SER F 230 -70.17 -23.26 -56.17
C SER F 230 -69.57 -23.56 -57.53
N ALA F 231 -68.86 -24.69 -57.63
CA ALA F 231 -68.24 -25.10 -58.91
C ALA F 231 -67.35 -24.00 -59.49
N CYS F 238 -62.18 -16.12 -52.82
CA CYS F 238 -63.52 -15.77 -52.33
C CYS F 238 -64.21 -16.93 -51.64
N HIS F 239 -63.54 -18.08 -51.60
CA HIS F 239 -63.98 -19.23 -50.81
C HIS F 239 -63.28 -19.33 -49.47
N LEU F 240 -61.97 -19.05 -49.44
CA LEU F 240 -61.19 -19.00 -48.21
C LEU F 240 -61.15 -17.56 -47.74
N THR F 241 -61.82 -17.27 -46.62
CA THR F 241 -62.03 -15.92 -46.15
C THR F 241 -60.81 -15.33 -45.43
N ASN F 242 -59.64 -16.00 -45.53
CA ASN F 242 -58.44 -15.52 -44.86
C ASN F 242 -58.10 -14.11 -45.29
N HIS F 243 -57.69 -13.29 -44.33
CA HIS F 243 -57.42 -11.88 -44.61
C HIS F 243 -56.37 -11.73 -45.71
N CYS F 244 -55.21 -12.38 -45.56
CA CYS F 244 -54.16 -12.26 -46.55
C CYS F 244 -54.62 -12.79 -47.90
N ILE F 245 -55.26 -13.96 -47.90
CA ILE F 245 -55.68 -14.59 -49.16
C ILE F 245 -56.66 -13.69 -49.92
N GLN F 246 -57.63 -13.10 -49.21
CA GLN F 246 -58.53 -12.15 -49.86
C GLN F 246 -57.79 -10.88 -50.27
N LYS F 247 -56.75 -10.49 -49.54
CA LYS F 247 -55.96 -9.29 -49.83
C LYS F 247 -56.86 -8.09 -50.15
N GLY F 254 -63.07 -4.06 -50.62
CA GLY F 254 -62.23 -3.35 -49.66
C GLY F 254 -62.76 -1.97 -49.31
N TYR F 256 -66.48 -2.17 -49.66
CA TYR F 256 -67.46 -2.46 -48.60
C TYR F 256 -67.03 -1.91 -47.23
N GLU F 257 -66.20 -2.68 -46.53
CA GLU F 257 -65.77 -2.37 -45.18
C GLU F 257 -64.24 -2.36 -45.13
N GLU F 258 -63.69 -1.39 -44.40
CA GLU F 258 -62.25 -1.17 -44.42
C GLU F 258 -61.52 -2.44 -44.05
N GLY F 259 -60.52 -2.80 -44.85
CA GLY F 259 -59.69 -3.98 -44.61
C GLY F 259 -60.41 -5.32 -44.64
N ASN F 260 -61.64 -5.37 -45.16
CA ASN F 260 -62.39 -6.62 -45.22
C ASN F 260 -62.77 -7.14 -43.82
N GLU F 261 -63.11 -6.22 -42.91
CA GLU F 261 -63.50 -6.58 -41.56
C GLU F 261 -64.81 -5.87 -41.20
N MET F 262 -65.81 -6.65 -40.78
CA MET F 262 -67.08 -6.15 -40.27
C MET F 262 -67.11 -6.41 -38.78
N PHE F 263 -67.15 -5.36 -37.97
CA PHE F 263 -67.23 -5.56 -36.52
C PHE F 263 -68.68 -5.79 -36.12
N PHE F 264 -68.89 -6.07 -34.83
CA PHE F 264 -70.15 -6.68 -34.40
C PHE F 264 -71.34 -5.73 -34.51
N GLU F 265 -71.12 -4.41 -34.42
CA GLU F 265 -72.25 -3.49 -34.48
C GLU F 265 -72.89 -3.46 -35.85
N GLU F 266 -72.07 -3.36 -36.89
CA GLU F 266 -72.59 -3.42 -38.26
C GLU F 266 -73.19 -4.80 -38.57
N PHE F 267 -72.51 -5.86 -38.15
CA PHE F 267 -73.04 -7.19 -38.45
C PHE F 267 -74.38 -7.39 -37.75
N ASN F 268 -74.50 -6.90 -36.51
CA ASN F 268 -75.77 -7.01 -35.81
C ASN F 268 -76.84 -6.16 -36.48
N GLN F 269 -76.50 -4.94 -36.91
CA GLN F 269 -77.45 -4.13 -37.66
C GLN F 269 -77.92 -4.89 -38.90
N TYR F 270 -77.01 -5.61 -39.56
CA TYR F 270 -77.36 -6.37 -40.74
C TYR F 270 -78.37 -7.48 -40.43
N LEU F 271 -78.16 -8.20 -39.32
CA LEU F 271 -79.04 -9.32 -39.00
C LEU F 271 -80.45 -8.84 -38.68
N MET F 272 -80.57 -7.65 -38.09
CA MET F 272 -81.88 -7.10 -37.83
C MET F 272 -82.59 -6.69 -39.12
N ASP F 273 -81.89 -5.96 -40.00
CA ASP F 273 -82.51 -5.50 -41.24
C ASP F 273 -82.88 -6.68 -42.14
N ALA F 274 -81.92 -7.56 -42.41
CA ALA F 274 -82.10 -8.63 -43.39
C ALA F 274 -82.92 -9.79 -42.82
N LEU F 275 -82.53 -10.30 -41.65
CA LEU F 275 -83.03 -11.56 -41.14
C LEU F 275 -83.99 -11.41 -39.97
N ASN F 276 -84.17 -10.21 -39.44
CA ASN F 276 -85.11 -9.98 -38.34
C ASN F 276 -84.69 -10.74 -37.07
N THR F 277 -83.47 -10.48 -36.63
CA THR F 277 -82.94 -11.19 -35.47
C THR F 277 -81.70 -10.43 -35.01
N THR F 278 -81.01 -10.97 -34.01
CA THR F 278 -79.84 -10.28 -33.47
C THR F 278 -78.62 -11.17 -33.54
N LEU F 279 -77.45 -10.54 -33.42
CA LEU F 279 -76.22 -11.30 -33.31
C LEU F 279 -76.22 -12.15 -32.04
N GLU F 280 -76.82 -11.63 -30.96
CA GLU F 280 -76.86 -12.35 -29.69
C GLU F 280 -77.65 -13.64 -29.81
N ASN F 281 -78.88 -13.55 -30.32
CA ASN F 281 -79.77 -14.71 -30.28
C ASN F 281 -79.41 -15.75 -31.33
N SER F 282 -79.01 -15.32 -32.52
CA SER F 282 -78.91 -16.23 -33.66
C SER F 282 -77.55 -16.93 -33.74
N ILE F 283 -76.49 -16.31 -33.23
CA ILE F 283 -75.15 -16.86 -33.35
C ILE F 283 -74.40 -16.98 -32.01
N LEU F 284 -74.43 -15.90 -31.21
CA LEU F 284 -73.55 -15.81 -30.06
C LEU F 284 -73.90 -16.84 -28.96
N LEU F 285 -75.18 -17.13 -28.74
CA LEU F 285 -75.49 -18.22 -27.83
C LEU F 285 -74.70 -19.47 -28.22
N GLN F 286 -74.74 -19.81 -29.52
CA GLN F 286 -74.02 -20.98 -30.02
C GLN F 286 -72.50 -20.82 -29.81
N ILE F 287 -71.96 -19.64 -30.07
CA ILE F 287 -70.53 -19.46 -29.91
C ILE F 287 -70.12 -19.58 -28.45
N LYS F 288 -70.88 -18.98 -27.54
CA LYS F 288 -70.53 -19.06 -26.14
C LYS F 288 -70.64 -20.50 -25.67
N HIS F 289 -71.63 -21.23 -26.17
CA HIS F 289 -71.73 -22.65 -25.89
C HIS F 289 -70.51 -23.42 -26.39
N ILE F 290 -70.09 -23.15 -27.62
CA ILE F 290 -68.96 -23.91 -28.17
C ILE F 290 -67.69 -23.63 -27.39
N ILE F 291 -67.39 -22.34 -27.16
CA ILE F 291 -66.22 -21.98 -26.37
C ILE F 291 -66.26 -22.66 -25.00
N ARG F 292 -67.41 -22.61 -24.33
CA ARG F 292 -67.52 -23.15 -22.99
C ARG F 292 -67.25 -24.66 -22.99
N SER F 293 -67.79 -25.37 -23.99
CA SER F 293 -67.61 -26.82 -24.06
C SER F 293 -66.16 -27.19 -24.32
N CYS F 294 -65.51 -26.50 -25.26
CA CYS F 294 -64.12 -26.83 -25.55
C CYS F 294 -63.23 -26.64 -24.33
N LEU F 295 -63.38 -25.51 -23.64
CA LEU F 295 -62.47 -25.23 -22.53
C LEU F 295 -62.84 -26.00 -21.27
N MET F 296 -64.12 -26.31 -21.05
CA MET F 296 -64.45 -27.18 -19.93
C MET F 296 -63.95 -28.60 -20.17
N CYS F 297 -63.87 -29.02 -21.44
CA CYS F 297 -63.42 -30.38 -21.71
C CYS F 297 -61.98 -30.60 -21.25
N ILE F 298 -61.06 -29.71 -21.66
CA ILE F 298 -59.66 -29.94 -21.34
C ILE F 298 -59.25 -29.35 -20.01
N GLU F 299 -60.17 -28.75 -19.26
CA GLU F 299 -59.77 -28.10 -18.01
C GLU F 299 -58.99 -29.03 -17.07
N PRO F 300 -59.37 -30.29 -16.87
CA PRO F 300 -58.58 -31.13 -15.96
C PRO F 300 -57.18 -31.41 -16.48
N ALA F 301 -56.98 -31.39 -17.80
CA ALA F 301 -55.66 -31.69 -18.33
C ALA F 301 -54.69 -30.52 -18.18
N ILE F 302 -55.17 -29.28 -18.19
CA ILE F 302 -54.28 -28.13 -18.35
C ILE F 302 -54.37 -27.13 -17.21
N SER F 303 -55.39 -27.20 -16.36
CA SER F 303 -55.55 -26.27 -15.26
C SER F 303 -54.27 -26.18 -14.43
N THR F 304 -54.00 -24.97 -13.90
CA THR F 304 -52.84 -24.71 -13.03
C THR F 304 -53.28 -24.27 -11.62
N LYS F 305 -54.39 -24.83 -11.13
CA LYS F 305 -54.98 -24.38 -9.88
C LYS F 305 -54.17 -24.82 -8.66
N HIS F 306 -53.60 -26.03 -8.70
CA HIS F 306 -52.81 -26.50 -7.57
C HIS F 306 -51.34 -26.65 -7.94
N LEU F 307 -50.93 -25.98 -9.00
CA LEU F 307 -49.59 -26.09 -9.55
C LEU F 307 -48.68 -25.03 -8.94
N HIS F 308 -47.37 -25.27 -9.05
CA HIS F 308 -46.37 -24.36 -8.50
C HIS F 308 -46.16 -23.12 -9.36
N TYR F 309 -46.57 -23.15 -10.62
CA TYR F 309 -46.66 -21.97 -11.47
C TYR F 309 -48.10 -21.85 -11.99
N GLN F 310 -48.44 -20.68 -12.50
CA GLN F 310 -49.79 -20.45 -12.97
C GLN F 310 -49.78 -19.99 -14.42
N SER F 311 -50.87 -20.28 -15.13
CA SER F 311 -51.00 -19.96 -16.55
C SER F 311 -52.28 -19.19 -16.82
N PHE F 312 -52.22 -18.32 -17.81
CA PHE F 312 -53.37 -17.80 -18.52
C PHE F 312 -53.08 -17.96 -20.01
N GLN F 313 -54.10 -17.77 -20.86
CA GLN F 313 -53.79 -17.83 -22.29
C GLN F 313 -54.93 -17.27 -23.13
N LEU F 314 -54.54 -16.63 -24.24
CA LEU F 314 -55.44 -16.02 -25.21
C LEU F 314 -55.66 -16.98 -26.39
N PHE F 315 -56.92 -17.23 -26.73
CA PHE F 315 -57.26 -18.14 -27.80
C PHE F 315 -58.00 -17.38 -28.89
N GLY F 316 -57.88 -17.87 -30.12
CA GLY F 316 -58.68 -17.37 -31.20
C GLY F 316 -59.58 -18.46 -31.73
N PHE F 317 -60.89 -18.33 -31.52
CA PHE F 317 -61.84 -19.30 -32.03
C PHE F 317 -62.36 -18.81 -33.37
N ASP F 318 -62.32 -19.67 -34.39
CA ASP F 318 -62.77 -19.34 -35.74
C ASP F 318 -64.07 -20.09 -36.01
N PHE F 319 -65.15 -19.34 -36.27
CA PHE F 319 -66.48 -19.91 -36.48
C PHE F 319 -67.01 -19.58 -37.87
N MET F 320 -67.93 -20.44 -38.31
CA MET F 320 -68.52 -20.39 -39.64
C MET F 320 -70.03 -20.52 -39.48
N VAL F 321 -70.76 -19.50 -39.87
CA VAL F 321 -72.22 -19.48 -39.76
C VAL F 321 -72.82 -20.01 -41.05
N ASP F 322 -73.81 -20.88 -40.95
CA ASP F 322 -74.43 -21.41 -42.16
C ASP F 322 -75.76 -20.71 -42.43
N GLU F 323 -76.45 -21.17 -43.46
CA GLU F 323 -77.65 -20.47 -43.95
C GLU F 323 -78.83 -20.59 -43.00
N GLU F 324 -78.80 -21.53 -42.07
CA GLU F 324 -79.81 -21.65 -41.03
C GLU F 324 -79.47 -20.85 -39.77
N LEU F 325 -78.49 -19.96 -39.84
CA LEU F 325 -78.02 -19.25 -38.65
C LEU F 325 -77.60 -20.27 -37.59
N LYS F 326 -76.68 -21.14 -38.00
CA LYS F 326 -76.25 -22.27 -37.20
C LYS F 326 -74.73 -22.30 -37.26
N VAL F 327 -74.08 -22.38 -36.08
CA VAL F 327 -72.66 -22.06 -35.96
C VAL F 327 -71.84 -23.35 -35.96
N TRP F 328 -70.65 -23.28 -36.55
CA TRP F 328 -69.73 -24.40 -36.59
C TRP F 328 -68.35 -23.92 -36.16
N LEU F 329 -67.62 -24.81 -35.49
CA LEU F 329 -66.25 -24.53 -35.10
C LEU F 329 -65.33 -24.98 -36.22
N ILE F 330 -64.47 -24.08 -36.68
CA ILE F 330 -63.51 -24.43 -37.73
C ILE F 330 -62.18 -24.79 -37.09
N GLU F 331 -61.56 -23.83 -36.40
CA GLU F 331 -60.21 -23.95 -35.88
C GLU F 331 -60.15 -23.23 -34.53
N VAL F 332 -59.24 -23.66 -33.68
CA VAL F 332 -58.88 -22.90 -32.48
C VAL F 332 -57.42 -22.55 -32.60
N ASN F 333 -57.10 -21.25 -32.47
CA ASN F 333 -55.76 -20.72 -32.64
C ASN F 333 -55.22 -20.30 -31.29
N GLY F 334 -54.07 -20.87 -30.91
CA GLY F 334 -53.45 -20.67 -29.61
C GLY F 334 -52.48 -19.51 -29.50
N ALA F 335 -52.09 -18.92 -30.63
CA ALA F 335 -51.23 -17.73 -30.66
C ALA F 335 -51.84 -16.76 -31.65
N PRO F 336 -52.99 -16.20 -31.33
CA PRO F 336 -53.72 -15.35 -32.28
C PRO F 336 -53.21 -13.92 -32.25
N ALA F 337 -53.57 -13.19 -33.30
CA ALA F 337 -53.38 -11.75 -33.37
C ALA F 337 -54.74 -11.07 -33.39
N CYS F 338 -54.76 -9.80 -33.01
CA CYS F 338 -55.97 -9.01 -32.95
C CYS F 338 -56.09 -8.13 -34.20
N ALA F 339 -57.24 -7.46 -34.33
CA ALA F 339 -57.43 -6.44 -35.34
C ALA F 339 -57.02 -5.08 -34.79
N GLN F 340 -56.44 -4.24 -35.67
CA GLN F 340 -55.79 -3.01 -35.21
C GLN F 340 -56.73 -2.14 -34.37
N LYS F 341 -58.02 -2.10 -34.74
CA LYS F 341 -58.99 -1.30 -34.01
C LYS F 341 -59.12 -1.76 -32.57
N LEU F 342 -58.94 -3.04 -32.31
CA LEU F 342 -59.23 -3.63 -31.01
C LEU F 342 -57.99 -3.96 -30.19
N TYR F 343 -56.80 -3.91 -30.79
CA TYR F 343 -55.57 -4.15 -30.06
C TYR F 343 -55.54 -3.44 -28.71
N ALA F 344 -55.73 -2.12 -28.73
CA ALA F 344 -55.60 -1.33 -27.50
C ALA F 344 -56.50 -1.88 -26.40
N GLU F 345 -57.78 -2.07 -26.70
CA GLU F 345 -58.71 -2.53 -25.67
C GLU F 345 -58.39 -3.94 -25.21
N LEU F 346 -58.24 -4.88 -26.15
CA LEU F 346 -58.00 -6.27 -25.75
C LEU F 346 -56.72 -6.39 -24.94
N CYS F 347 -55.62 -5.81 -25.43
CA CYS F 347 -54.38 -5.90 -24.68
C CYS F 347 -54.52 -5.26 -23.30
N GLN F 348 -55.18 -4.10 -23.22
CA GLN F 348 -55.47 -3.54 -21.90
C GLN F 348 -56.29 -4.51 -21.05
N GLY F 349 -57.24 -5.22 -21.69
CA GLY F 349 -58.00 -6.22 -20.97
C GLY F 349 -57.15 -7.39 -20.48
N ILE F 350 -56.19 -7.83 -21.31
CA ILE F 350 -55.32 -8.93 -20.90
C ILE F 350 -54.55 -8.56 -19.65
N VAL F 351 -54.20 -7.28 -19.50
CA VAL F 351 -53.48 -6.83 -18.31
C VAL F 351 -54.41 -6.79 -17.09
N ASP F 352 -55.61 -6.27 -17.25
CA ASP F 352 -56.50 -6.13 -16.09
C ASP F 352 -56.94 -7.49 -15.57
N VAL F 353 -57.31 -8.40 -16.48
CA VAL F 353 -57.94 -9.64 -16.08
C VAL F 353 -56.91 -10.74 -15.75
N ALA F 354 -55.82 -10.82 -16.51
CA ALA F 354 -54.89 -11.95 -16.42
C ALA F 354 -53.61 -11.65 -15.64
N ILE F 355 -53.16 -10.40 -15.60
CA ILE F 355 -51.85 -10.04 -15.06
C ILE F 355 -51.98 -9.24 -13.75
N SER F 356 -52.72 -8.12 -13.78
CA SER F 356 -52.95 -7.37 -12.55
C SER F 356 -53.69 -8.20 -11.50
N SER F 357 -54.51 -9.16 -11.95
CA SER F 357 -55.24 -10.00 -11.02
C SER F 357 -54.30 -10.82 -10.14
N VAL F 358 -53.10 -11.15 -10.66
CA VAL F 358 -52.14 -11.95 -9.91
C VAL F 358 -51.17 -11.01 -9.22
N PHE F 359 -50.87 -9.88 -9.87
CA PHE F 359 -49.95 -8.87 -9.36
C PHE F 359 -50.65 -7.52 -9.40
N PRO F 360 -51.38 -7.16 -8.34
CA PRO F 360 -52.20 -5.93 -8.35
C PRO F 360 -51.35 -4.67 -8.37
N THR F 372 -68.84 -2.00 -17.39
CA THR F 372 -67.49 -1.62 -16.98
C THR F 372 -66.40 -2.48 -17.65
N SER F 373 -66.67 -3.78 -17.81
CA SER F 373 -65.69 -4.76 -18.28
C SER F 373 -65.96 -5.16 -19.73
N ILE F 374 -64.87 -5.28 -20.50
CA ILE F 374 -64.94 -5.58 -21.94
C ILE F 374 -65.05 -7.08 -22.22
N PHE F 375 -65.10 -7.92 -21.19
CA PHE F 375 -65.21 -9.35 -21.39
C PHE F 375 -66.55 -9.84 -20.88
N ILE F 376 -67.03 -10.92 -21.51
CA ILE F 376 -68.20 -11.63 -21.05
C ILE F 376 -67.68 -12.91 -20.39
N LYS F 377 -67.96 -13.06 -19.10
CA LYS F 377 -67.54 -14.23 -18.36
C LYS F 377 -68.49 -15.39 -18.67
N LEU F 378 -67.95 -16.48 -19.21
CA LEU F 378 -68.75 -17.65 -19.56
C LEU F 378 -68.76 -18.58 -18.36
N HIS F 379 -69.86 -18.58 -17.60
CA HIS F 379 -69.92 -19.29 -16.33
C HIS F 379 -70.11 -20.79 -16.53
N HIS F 380 -69.40 -21.59 -15.72
CA HIS F 380 -69.38 -23.04 -15.90
C HIS F 380 -69.62 -23.79 -14.60
PG GTP G . -19.31 -33.09 1.79
O1G GTP G . -19.20 -32.08 0.68
O2G GTP G . -19.77 -32.42 3.06
O3G GTP G . -17.97 -33.75 2.03
O3B GTP G . -20.39 -34.21 1.36
PB GTP G . -21.76 -34.40 2.18
O1B GTP G . -22.47 -35.63 1.66
O2B GTP G . -21.50 -34.50 3.67
O3A GTP G . -22.62 -33.09 1.82
PA GTP G . -24.23 -33.11 1.90
O1A GTP G . -24.73 -34.53 2.07
O2A GTP G . -24.73 -32.24 3.03
O5' GTP G . -24.70 -32.54 0.48
C5' GTP G . -25.20 -31.22 0.36
C4' GTP G . -26.71 -31.27 0.14
O4' GTP G . -27.27 -32.29 0.95
C3' GTP G . -27.39 -29.98 0.55
O3' GTP G . -27.81 -29.28 -0.61
C2' GTP G . -28.58 -30.39 1.38
O2' GTP G . -29.78 -29.96 0.76
C1' GTP G . -28.55 -31.91 1.42
N9 GTP G . -28.71 -32.37 2.82
C8 GTP G . -27.75 -32.36 3.80
N7 GTP G . -28.29 -32.87 4.93
C5 GTP G . -29.57 -33.21 4.68
C6 GTP G . -30.57 -33.77 5.48
O6 GTP G . -30.33 -34.04 6.66
N1 GTP G . -31.82 -34.01 4.95
C2 GTP G . -32.07 -33.69 3.63
N2 GTP G . -33.28 -33.91 3.11
N3 GTP G . -31.09 -33.14 2.84
C4 GTP G . -29.85 -32.90 3.37
CA CA H . -36.07 -64.32 14.93
MG MG I . -20.29 -33.58 5.58
PB GDP J . 5.01 -2.02 8.50
O1B GDP J . 5.36 -1.77 9.95
O2B GDP J . 4.07 -3.18 8.38
O3B GDP J . 6.27 -2.31 7.74
O3A GDP J . 4.34 -0.69 7.88
PA GDP J . 2.79 -0.35 8.16
O1A GDP J . 2.65 0.65 9.27
O2A GDP J . 2.00 -1.60 8.47
O5' GDP J . 2.28 0.29 6.77
C5' GDP J . 1.70 1.59 6.76
C4' GDP J . 0.35 1.58 6.07
O4' GDP J . -0.54 0.76 6.83
C3' GDP J . -0.25 2.98 6.02
O3' GDP J . -0.57 3.34 4.67
C2' GDP J . -1.51 2.93 6.86
O2' GDP J . -2.62 3.44 6.11
C1' GDP J . -1.72 1.46 7.20
N9 GDP J . -1.95 1.30 8.65
C8 GDP J . -0.99 1.32 9.60
N7 GDP J . -1.53 1.14 10.83
C5 GDP J . -2.86 0.99 10.69
C6 GDP J . -4.01 0.77 11.59
O6 GDP J . -3.86 0.67 12.82
N1 GDP J . -5.22 0.67 11.04
C2 GDP J . -5.42 0.78 9.71
N2 GDP J . -6.69 0.67 9.22
N3 GDP J . -4.41 0.99 8.82
C4 GDP J . -3.13 1.10 9.24
O1 MES K . -2.07 -20.49 -2.77
C2 MES K . -2.42 -20.75 -1.44
C3 MES K . -2.69 -22.21 -1.20
N4 MES K . -3.81 -22.68 -2.09
C5 MES K . -3.43 -22.37 -3.51
C6 MES K . -3.10 -20.89 -3.65
C7 MES K . -4.13 -24.13 -1.86
C8 MES K . -5.61 -24.42 -1.93
S MES K . -5.96 -26.20 -1.84
O1S MES K . -6.20 -26.53 -0.40
O2S MES K . -4.78 -26.83 -2.42
O3S MES K . -7.18 -26.36 -2.66
O1 MES L . -28.48 -4.74 -5.38
C2 MES L . -28.61 -4.60 -3.99
C3 MES L . -28.53 -3.15 -3.55
N4 MES L . -27.24 -2.56 -4.01
C5 MES L . -27.12 -2.73 -5.48
C6 MES L . -27.26 -4.20 -5.83
C7 MES L . -27.05 -1.15 -3.55
C8 MES L . -25.60 -0.71 -3.70
S MES L . -25.30 0.93 -2.99
O1S MES L . -24.77 1.73 -4.11
O2S MES L . -24.29 0.72 -1.92
O3S MES L . -26.61 1.38 -2.48
MG MG M . 3.71 2.90 9.83
C10 A1D68 N . -21.49 -21.04 0.52
C13 A1D68 N . -21.11 -18.57 -0.70
C20 A1D68 N . -22.04 -18.43 3.22
C01 A1D68 N . -20.80 -18.63 3.84
C02 A1D68 N . -20.52 -17.83 4.92
C04 A1D68 N . -18.49 -18.86 5.18
C06 A1D68 N . -19.82 -19.57 3.45
C08 A1D68 N . -19.16 -21.65 2.36
C09 A1D68 N . -20.65 -20.11 1.10
C11 A1D68 N . -22.13 -20.75 -0.67
C12 A1D68 N . -21.94 -19.52 -1.29
C14 A1D68 N . -20.46 -18.87 0.50
C16 A1D68 N . -22.02 -18.37 -3.37
C19 A1D68 N . -22.82 -17.44 3.80
N03 A1D68 N . -19.38 -17.96 5.58
N05 A1D68 N . -18.72 -19.67 4.15
N07 A1D68 N . -20.01 -20.47 2.35
O15 A1D68 N . -22.63 -19.26 -2.48
S18 A1D68 N . -21.89 -16.82 5.13
CL17 A1D68 N . -16.96 -18.97 6.09
H101 A1D68 N . -21.65 -21.99 1.00
H131 A1D68 N . -20.96 -17.62 -1.17
H201 A1D68 N . -22.38 -19.00 2.36
H081 A1D68 N . -19.19 -22.11 3.34
H083 A1D68 N . -18.14 -21.37 2.12
H082 A1D68 N . -19.53 -22.36 1.62
H111 A1D68 N . -22.79 -21.48 -1.12
H141 A1D68 N . -19.80 -18.14 0.96
H161 A1D68 N . -22.60 -18.33 -4.28
H162 A1D68 N . -21.01 -18.72 -3.59
H163 A1D68 N . -21.98 -17.38 -2.92
H191 A1D68 N . -23.80 -17.11 3.49
PG GTP O . 39.20 26.94 8.25
O1G GTP O . 39.10 27.88 7.08
O2G GTP O . 40.38 26.01 8.07
O3G GTP O . 39.37 27.72 9.53
O3B GTP O . 37.84 26.07 8.33
PB GTP O . 36.65 26.50 9.31
O1B GTP O . 35.61 25.41 9.32
O2B GTP O . 37.16 26.76 10.71
O3A GTP O . 36.04 27.85 8.67
PA GTP O . 34.51 28.26 8.94
O1A GTP O . 33.76 27.13 9.59
O2A GTP O . 34.43 29.50 9.79
O5' GTP O . 33.89 28.54 7.48
C5' GTP O . 33.66 29.87 7.04
C4' GTP O . 32.16 30.14 7.04
O4' GTP O . 31.56 29.54 8.17
C3' GTP O . 31.84 31.63 7.12
O3' GTP O . 31.35 32.08 5.88
C2' GTP O . 30.76 31.75 8.18
O2' GTP O . 29.59 32.28 7.61
C1' GTP O . 30.51 30.34 8.67
N9 GTP O . 30.52 30.31 10.15
C8 GTP O . 31.63 30.32 10.96
N7 GTP O . 31.22 30.28 12.25
C5 GTP O . 29.87 30.24 12.28
C6 GTP O . 28.97 30.19 13.32
O6 GTP O . 29.36 30.18 14.49
N1 GTP O . 27.61 30.15 13.05
C2 GTP O . 27.18 30.17 11.73
N2 GTP O . 25.87 30.13 11.47
N3 GTP O . 28.09 30.22 10.70
C4 GTP O . 29.42 30.25 10.97
CA CA P . 18.14 5.68 30.22
MG MG Q . 39.34 27.74 11.52
PB GDP R . 71.27 50.81 5.11
O1B GDP R . 72.20 51.96 5.44
O2B GDP R . 70.66 50.25 6.38
O3B GDP R . 72.04 49.72 4.41
O3A GDP R . 70.09 51.34 4.15
PA GDP R . 69.53 52.84 4.30
O1A GDP R . 70.66 53.84 4.42
O2A GDP R . 68.62 52.91 5.51
O5' GDP R . 68.68 53.09 2.96
C5' GDP R . 68.68 54.37 2.33
C4' GDP R . 67.28 54.61 1.78
O4' GDP R . 66.35 54.22 2.80
C3' GDP R . 67.04 56.08 1.48
O3' GDP R . 66.54 56.20 0.15
C2' GDP R . 65.97 56.54 2.43
O2' GDP R . 64.93 57.21 1.70
C1' GDP R . 65.42 55.27 3.07
N9 GDP R . 65.27 55.42 4.54
C8 GDP R . 66.26 55.30 5.45
N7 GDP R . 65.77 55.50 6.71
C5 GDP R . 64.45 55.75 6.60
C6 GDP R . 63.33 56.03 7.54
O6 GDP R . 63.52 56.10 8.77
N1 GDP R . 62.11 56.23 7.02
C2 GDP R . 61.87 56.16 5.70
N2 GDP R . 60.62 56.38 5.19
N3 GDP R . 62.86 55.90 4.79
C4 GDP R . 64.13 55.69 5.18
C10 A1D68 S . 39.69 37.88 4.86
C13 A1D68 S . 40.51 39.91 3.17
C20 A1D68 S . 40.01 41.05 7.01
C01 A1D68 S . 41.33 40.74 7.42
C02 A1D68 S . 41.96 41.73 8.15
C04 A1D68 S . 43.82 40.42 8.32
C06 A1D68 S . 42.04 39.53 7.16
C08 A1D68 S . 42.06 37.07 6.62
C09 A1D68 S . 40.79 38.65 5.17
C11 A1D68 S . 38.98 38.13 3.69
C12 A1D68 S . 39.39 39.15 2.85
C14 A1D68 S . 41.19 39.67 4.33
C16 A1D68 S . 39.51 39.48 0.56
C19 A1D68 S . 39.55 42.30 7.41
N03 A1D68 S . 43.20 41.55 8.59
N05 A1D68 S . 43.27 39.43 7.62
N07 A1D68 S . 41.53 38.40 6.39
O15 A1D68 S . 38.68 39.39 1.68
S18 A1D68 S . 40.84 43.05 8.29
CL17 A1D68 S . 45.50 40.21 8.91
H101 A1D68 S . 39.37 37.10 5.52
H131 A1D68 S . 40.82 40.71 2.50
H201 A1D68 S . 39.39 40.37 6.44
H081 A1D68 S . 41.92 36.80 7.66
H083 A1D68 S . 43.12 37.05 6.38
H082 A1D68 S . 41.54 36.36 5.99
H111 A1D68 S . 38.13 37.52 3.43
H141 A1D68 S . 42.06 40.27 4.59
H161 A1D68 S . 38.90 39.54 -0.33
H162 A1D68 S . 40.14 38.59 0.50
H163 A1D68 S . 40.14 40.36 0.64
H191 A1D68 S . 38.57 42.72 7.20
PG ACP T . -55.25 -17.76 -39.01
O1G ACP T . -56.64 -17.47 -38.44
O2G ACP T . -54.49 -16.47 -39.41
O3G ACP T . -54.41 -18.71 -38.16
PB ACP T . -56.39 -20.25 -40.42
O1B ACP T . -57.67 -20.10 -39.65
O2B ACP T . -55.41 -21.34 -40.06
C3B ACP T . -55.54 -18.67 -40.63
PA ACP T . -57.62 -21.82 -42.55
O1A ACP T . -58.84 -22.08 -41.72
O2A ACP T . -56.68 -22.95 -42.85
O3A ACP T . -56.83 -20.51 -42.03
O5' ACP T . -58.06 -21.08 -43.97
C5' ACP T . -59.04 -21.64 -44.80
C4' ACP T . -60.24 -20.71 -44.82
O4' ACP T . -61.32 -21.28 -45.55
C3' ACP T . -60.80 -20.44 -43.43
O3' ACP T . -60.17 -19.32 -42.86
C2' ACP T . -62.29 -20.20 -43.71
O2' ACP T . -62.51 -18.90 -44.17
C1' ACP T . -62.52 -21.16 -44.86
N9 ACP T . -62.95 -22.49 -44.39
C8 ACP T . -62.23 -23.37 -43.63
N7 ACP T . -62.89 -24.48 -43.38
C5 ACP T . -64.10 -24.30 -43.99
C6 ACP T . -65.25 -25.11 -44.09
N6 ACP T . -65.33 -26.31 -43.54
N1 ACP T . -66.29 -24.64 -44.78
C2 ACP T . -66.21 -23.43 -45.35
N3 ACP T . -65.19 -22.58 -45.32
C4 ACP T . -64.16 -23.07 -44.63
H3B1 ACP T . -56.07 -18.12 -41.23
H3B2 ACP T . -54.70 -18.83 -41.08
H5'1 ACP T . -59.32 -22.51 -44.48
H5'2 ACP T . -58.72 -21.75 -45.71
H4' ACP T . -59.97 -19.88 -45.25
H3' ACP T . -60.70 -21.23 -42.88
HO3' ACP T . -60.56 -19.14 -42.12
H2' ACP T . -62.86 -20.41 -42.94
HO2' ACP T . -63.27 -18.65 -43.87
H1' ACP T . -63.22 -20.83 -45.46
H8 ACP T . -61.36 -23.20 -43.35
HN61 ACP T . -64.62 -26.73 -43.28
HN62 ACP T . -66.09 -26.70 -43.41
H2 ACP T . -66.96 -23.15 -45.81
#